data_1QJ8
# 
_entry.id   1QJ8 
# 
_audit_conform.dict_name       mmcif_pdbx.dic 
_audit_conform.dict_version    5.391 
_audit_conform.dict_location   http://mmcif.pdb.org/dictionaries/ascii/mmcif_pdbx.dic 
# 
loop_
_database_2.database_id 
_database_2.database_code 
_database_2.pdbx_database_accession 
_database_2.pdbx_DOI 
PDB   1QJ8         pdb_00001qj8 10.2210/pdb1qj8/pdb 
PDBE  EBI-2726     ?            ?                   
WWPDB D_1290002726 ?            ?                   
# 
loop_
_pdbx_audit_revision_history.ordinal 
_pdbx_audit_revision_history.data_content_type 
_pdbx_audit_revision_history.major_revision 
_pdbx_audit_revision_history.minor_revision 
_pdbx_audit_revision_history.revision_date 
1 'Structure model' 1 0 1999-10-10 
2 'Structure model' 1 1 2011-05-08 
3 'Structure model' 1 2 2011-07-13 
4 'Structure model' 1 3 2019-07-24 
5 'Structure model' 1 4 2024-05-08 
# 
_pdbx_audit_revision_details.ordinal             1 
_pdbx_audit_revision_details.revision_ordinal    1 
_pdbx_audit_revision_details.data_content_type   'Structure model' 
_pdbx_audit_revision_details.provider            repository 
_pdbx_audit_revision_details.type                'Initial release' 
_pdbx_audit_revision_details.description         ? 
_pdbx_audit_revision_details.details             ? 
# 
loop_
_pdbx_audit_revision_group.ordinal 
_pdbx_audit_revision_group.revision_ordinal 
_pdbx_audit_revision_group.data_content_type 
_pdbx_audit_revision_group.group 
1 2 'Structure model' 'Version format compliance' 
2 3 'Structure model' 'Version format compliance' 
3 4 'Structure model' 'Data collection'           
4 5 'Structure model' 'Data collection'           
5 5 'Structure model' 'Database references'       
6 5 'Structure model' 'Derived calculations'      
7 5 'Structure model' Other                       
# 
loop_
_pdbx_audit_revision_category.ordinal 
_pdbx_audit_revision_category.revision_ordinal 
_pdbx_audit_revision_category.data_content_type 
_pdbx_audit_revision_category.category 
1 4 'Structure model' diffrn_source          
2 5 'Structure model' chem_comp_atom         
3 5 'Structure model' chem_comp_bond         
4 5 'Structure model' database_2             
5 5 'Structure model' pdbx_database_status   
6 5 'Structure model' pdbx_struct_conn_angle 
7 5 'Structure model' struct_conn            
8 5 'Structure model' struct_site            
# 
loop_
_pdbx_audit_revision_item.ordinal 
_pdbx_audit_revision_item.revision_ordinal 
_pdbx_audit_revision_item.data_content_type 
_pdbx_audit_revision_item.item 
1  4 'Structure model' '_diffrn_source.pdbx_synchrotron_site'       
2  5 'Structure model' '_database_2.pdbx_DOI'                       
3  5 'Structure model' '_database_2.pdbx_database_accession'        
4  5 'Structure model' '_pdbx_database_status.status_code_sf'       
5  5 'Structure model' '_pdbx_struct_conn_angle.ptnr1_auth_seq_id'  
6  5 'Structure model' '_pdbx_struct_conn_angle.ptnr1_label_seq_id' 
7  5 'Structure model' '_pdbx_struct_conn_angle.ptnr3_auth_seq_id'  
8  5 'Structure model' '_pdbx_struct_conn_angle.ptnr3_label_seq_id' 
9  5 'Structure model' '_pdbx_struct_conn_angle.value'              
10 5 'Structure model' '_struct_conn.pdbx_dist_value'               
11 5 'Structure model' '_struct_conn.ptnr1_auth_comp_id'            
12 5 'Structure model' '_struct_conn.ptnr1_auth_seq_id'             
13 5 'Structure model' '_struct_conn.ptnr1_label_asym_id'           
14 5 'Structure model' '_struct_conn.ptnr1_label_atom_id'           
15 5 'Structure model' '_struct_conn.ptnr1_label_comp_id'           
16 5 'Structure model' '_struct_conn.ptnr1_label_seq_id'            
17 5 'Structure model' '_struct_conn.ptnr2_auth_comp_id'            
18 5 'Structure model' '_struct_conn.ptnr2_auth_seq_id'             
19 5 'Structure model' '_struct_conn.ptnr2_label_asym_id'           
20 5 'Structure model' '_struct_conn.ptnr2_label_atom_id'           
21 5 'Structure model' '_struct_conn.ptnr2_label_comp_id'           
22 5 'Structure model' '_struct_conn.ptnr2_label_seq_id'            
23 5 'Structure model' '_struct_site.pdbx_auth_asym_id'             
24 5 'Structure model' '_struct_site.pdbx_auth_comp_id'             
25 5 'Structure model' '_struct_site.pdbx_auth_seq_id'              
# 
_pdbx_database_status.status_code                     REL 
_pdbx_database_status.entry_id                        1QJ8 
_pdbx_database_status.deposit_site                    PDBE 
_pdbx_database_status.process_site                    PDBE 
_pdbx_database_status.SG_entry                        . 
_pdbx_database_status.recvd_initial_deposition_date   1999-06-23 
_pdbx_database_status.pdb_format_compatible           Y 
_pdbx_database_status.status_code_sf                  REL 
_pdbx_database_status.status_code_mr                  ? 
_pdbx_database_status.status_code_cs                  ? 
_pdbx_database_status.methods_development_category    ? 
_pdbx_database_status.status_code_nmr_data            ? 
# 
_pdbx_database_related.db_name        PDB 
_pdbx_database_related.db_id          1QJ9 
_pdbx_database_related.content_type   unspecified 
_pdbx_database_related.details        . 
# 
loop_
_audit_author.name 
_audit_author.pdbx_ordinal 
'Vogt, J.'     1 
'Schulz, G.E.' 2 
# 
loop_
_citation.id 
_citation.title 
_citation.journal_abbrev 
_citation.journal_volume 
_citation.page_first 
_citation.page_last 
_citation.year 
_citation.journal_id_ASTM 
_citation.country 
_citation.journal_id_ISSN 
_citation.journal_id_CSD 
_citation.book_publisher 
_citation.pdbx_database_id_PubMed 
_citation.pdbx_database_id_DOI 
primary 'The Structure of the Outer Membrane Protein Ompx from Escherichia Coli Reveals Mechanisms of Virulence' Structure 7  1301 
? 1999 STRUE6 UK 0969-2126 2005 ? 10545325 '10.1016/S0969-2126(00)80063-5'                                   
1       'Strategy for Membrane Protein Crystallization Exemplified with Ompa and Ompx'                           Proteins  34 167  
? 1999 PSFGEY US 0887-3585 0867 ? 10022352 '10.1002/(SICI)1097-0134(19990201)34:2<167::AID-PROT2>3.3.CO;2-8' 
# 
loop_
_citation_author.citation_id 
_citation_author.name 
_citation_author.ordinal 
_citation_author.identifier_ORCID 
primary 'Vogt, J.'     1 ? 
primary 'Schulz, G.E.' 2 ? 
1       'Pautsch, A.'  3 ? 
1       'Vogt, J.'     4 ? 
1       'Model, K.'    5 ? 
1       'Siebold, C.'  6 ? 
1       'Schulz, G.E.' 7 ? 
# 
loop_
_entity.id 
_entity.type 
_entity.src_method 
_entity.pdbx_description 
_entity.formula_weight 
_entity.pdbx_number_of_molecules 
_entity.pdbx_ec 
_entity.pdbx_mutation 
_entity.pdbx_fragment 
_entity.details 
1 polymer     man 'OUTER MEMBRANE PROTEIN X'             16371.768 1  ? YES ? ? 
2 non-polymer syn '(HYDROXYETHYLOXY)TRI(ETHYLOXY)OCTANE' 306.438   1  ? ?   ? ? 
3 non-polymer syn 'PLATINUM(II) DI-CHLORIDE'             265.984   2  ? ?   ? ? 
4 water       nat water                                  18.015    72 ? ?   ? ? 
# 
_entity_poly.entity_id                      1 
_entity_poly.type                           'polypeptide(L)' 
_entity_poly.nstd_linkage                   no 
_entity_poly.nstd_monomer                   no 
_entity_poly.pdbx_seq_one_letter_code       
;ATSTVTGGYAQSDAQGQMNKMGGFNLKYRYEEDNSPLGVIGSFTYTEKSRTASSGDYNKNQYYGITAGPAYRINDWASIY
GVVGVGYGKFQTTEYPTYKNDTSDYGFSYGAGLQFNPMENVALDFSYEQSRIRSVDVGTWIAGVGYRF
;
_entity_poly.pdbx_seq_one_letter_code_can   
;ATSTVTGGYAQSDAQGQMNKMGGFNLKYRYEEDNSPLGVIGSFTYTEKSRTASSGDYNKNQYYGITAGPAYRINDWASIY
GVVGVGYGKFQTTEYPTYKNDTSDYGFSYGAGLQFNPMENVALDFSYEQSRIRSVDVGTWIAGVGYRF
;
_entity_poly.pdbx_strand_id                 A 
_entity_poly.pdbx_target_identifier         ? 
# 
loop_
_pdbx_entity_nonpoly.entity_id 
_pdbx_entity_nonpoly.name 
_pdbx_entity_nonpoly.comp_id 
2 '(HYDROXYETHYLOXY)TRI(ETHYLOXY)OCTANE' C8E 
3 'PLATINUM(II) DI-CHLORIDE'             PCL 
4 water                                  HOH 
# 
loop_
_entity_poly_seq.entity_id 
_entity_poly_seq.num 
_entity_poly_seq.mon_id 
_entity_poly_seq.hetero 
1 1   ALA n 
1 2   THR n 
1 3   SER n 
1 4   THR n 
1 5   VAL n 
1 6   THR n 
1 7   GLY n 
1 8   GLY n 
1 9   TYR n 
1 10  ALA n 
1 11  GLN n 
1 12  SER n 
1 13  ASP n 
1 14  ALA n 
1 15  GLN n 
1 16  GLY n 
1 17  GLN n 
1 18  MET n 
1 19  ASN n 
1 20  LYS n 
1 21  MET n 
1 22  GLY n 
1 23  GLY n 
1 24  PHE n 
1 25  ASN n 
1 26  LEU n 
1 27  LYS n 
1 28  TYR n 
1 29  ARG n 
1 30  TYR n 
1 31  GLU n 
1 32  GLU n 
1 33  ASP n 
1 34  ASN n 
1 35  SER n 
1 36  PRO n 
1 37  LEU n 
1 38  GLY n 
1 39  VAL n 
1 40  ILE n 
1 41  GLY n 
1 42  SER n 
1 43  PHE n 
1 44  THR n 
1 45  TYR n 
1 46  THR n 
1 47  GLU n 
1 48  LYS n 
1 49  SER n 
1 50  ARG n 
1 51  THR n 
1 52  ALA n 
1 53  SER n 
1 54  SER n 
1 55  GLY n 
1 56  ASP n 
1 57  TYR n 
1 58  ASN n 
1 59  LYS n 
1 60  ASN n 
1 61  GLN n 
1 62  TYR n 
1 63  TYR n 
1 64  GLY n 
1 65  ILE n 
1 66  THR n 
1 67  ALA n 
1 68  GLY n 
1 69  PRO n 
1 70  ALA n 
1 71  TYR n 
1 72  ARG n 
1 73  ILE n 
1 74  ASN n 
1 75  ASP n 
1 76  TRP n 
1 77  ALA n 
1 78  SER n 
1 79  ILE n 
1 80  TYR n 
1 81  GLY n 
1 82  VAL n 
1 83  VAL n 
1 84  GLY n 
1 85  VAL n 
1 86  GLY n 
1 87  TYR n 
1 88  GLY n 
1 89  LYS n 
1 90  PHE n 
1 91  GLN n 
1 92  THR n 
1 93  THR n 
1 94  GLU n 
1 95  TYR n 
1 96  PRO n 
1 97  THR n 
1 98  TYR n 
1 99  LYS n 
1 100 ASN n 
1 101 ASP n 
1 102 THR n 
1 103 SER n 
1 104 ASP n 
1 105 TYR n 
1 106 GLY n 
1 107 PHE n 
1 108 SER n 
1 109 TYR n 
1 110 GLY n 
1 111 ALA n 
1 112 GLY n 
1 113 LEU n 
1 114 GLN n 
1 115 PHE n 
1 116 ASN n 
1 117 PRO n 
1 118 MET n 
1 119 GLU n 
1 120 ASN n 
1 121 VAL n 
1 122 ALA n 
1 123 LEU n 
1 124 ASP n 
1 125 PHE n 
1 126 SER n 
1 127 TYR n 
1 128 GLU n 
1 129 GLN n 
1 130 SER n 
1 131 ARG n 
1 132 ILE n 
1 133 ARG n 
1 134 SER n 
1 135 VAL n 
1 136 ASP n 
1 137 VAL n 
1 138 GLY n 
1 139 THR n 
1 140 TRP n 
1 141 ILE n 
1 142 ALA n 
1 143 GLY n 
1 144 VAL n 
1 145 GLY n 
1 146 TYR n 
1 147 ARG n 
1 148 PHE n 
# 
_entity_src_gen.entity_id                          1 
_entity_src_gen.pdbx_src_id                        1 
_entity_src_gen.pdbx_alt_source_flag               sample 
_entity_src_gen.pdbx_seq_type                      ? 
_entity_src_gen.pdbx_beg_seq_num                   ? 
_entity_src_gen.pdbx_end_seq_num                   ? 
_entity_src_gen.gene_src_common_name               ? 
_entity_src_gen.gene_src_genus                     ? 
_entity_src_gen.pdbx_gene_src_gene                 OMPX 
_entity_src_gen.gene_src_species                   ? 
_entity_src_gen.gene_src_strain                    ? 
_entity_src_gen.gene_src_tissue                    ? 
_entity_src_gen.gene_src_tissue_fraction           ? 
_entity_src_gen.gene_src_details                   ? 
_entity_src_gen.pdbx_gene_src_fragment             ? 
_entity_src_gen.pdbx_gene_src_scientific_name      'ESCHERICHIA COLI' 
_entity_src_gen.pdbx_gene_src_ncbi_taxonomy_id     562 
_entity_src_gen.pdbx_gene_src_variant              ? 
_entity_src_gen.pdbx_gene_src_cell_line            ? 
_entity_src_gen.pdbx_gene_src_atcc                 ? 
_entity_src_gen.pdbx_gene_src_organ                ? 
_entity_src_gen.pdbx_gene_src_organelle            ? 
_entity_src_gen.pdbx_gene_src_cell                 ? 
_entity_src_gen.pdbx_gene_src_cellular_location    MEMBRANE 
_entity_src_gen.host_org_common_name               ? 
_entity_src_gen.pdbx_host_org_scientific_name      'ESCHERICHIA COLI' 
_entity_src_gen.pdbx_host_org_ncbi_taxonomy_id     469008 
_entity_src_gen.host_org_genus                     ? 
_entity_src_gen.pdbx_host_org_gene                 ? 
_entity_src_gen.pdbx_host_org_organ                ? 
_entity_src_gen.host_org_species                   ? 
_entity_src_gen.pdbx_host_org_tissue               ? 
_entity_src_gen.pdbx_host_org_tissue_fraction      ? 
_entity_src_gen.pdbx_host_org_strain               'BL21(DE3)' 
_entity_src_gen.pdbx_host_org_variant              ? 
_entity_src_gen.pdbx_host_org_cell_line            ? 
_entity_src_gen.pdbx_host_org_atcc                 ? 
_entity_src_gen.pdbx_host_org_culture_collection   ? 
_entity_src_gen.pdbx_host_org_cell                 ? 
_entity_src_gen.pdbx_host_org_organelle            ? 
_entity_src_gen.pdbx_host_org_cellular_location    CYTOPLASM 
_entity_src_gen.pdbx_host_org_vector_type          ? 
_entity_src_gen.pdbx_host_org_vector               ? 
_entity_src_gen.host_org_details                   ? 
_entity_src_gen.expression_system_id               ? 
_entity_src_gen.plasmid_name                       PET3B 
_entity_src_gen.plasmid_details                    ? 
_entity_src_gen.pdbx_description                   ? 
# 
loop_
_chem_comp.id 
_chem_comp.type 
_chem_comp.mon_nstd_flag 
_chem_comp.name 
_chem_comp.pdbx_synonyms 
_chem_comp.formula 
_chem_comp.formula_weight 
ALA 'L-peptide linking' y ALANINE                                ? 'C3 H7 N O2'     89.093  
ARG 'L-peptide linking' y ARGININE                               ? 'C6 H15 N4 O2 1' 175.209 
ASN 'L-peptide linking' y ASPARAGINE                             ? 'C4 H8 N2 O3'    132.118 
ASP 'L-peptide linking' y 'ASPARTIC ACID'                        ? 'C4 H7 N O4'     133.103 
C8E non-polymer         . '(HYDROXYETHYLOXY)TRI(ETHYLOXY)OCTANE' ? 'C16 H34 O5'     306.438 
GLN 'L-peptide linking' y GLUTAMINE                              ? 'C5 H10 N2 O3'   146.144 
GLU 'L-peptide linking' y 'GLUTAMIC ACID'                        ? 'C5 H9 N O4'     147.129 
GLY 'peptide linking'   y GLYCINE                                ? 'C2 H5 N O2'     75.067  
HIS 'L-peptide linking' y HISTIDINE                              ? 'C6 H10 N3 O2 1' 156.162 
HOH non-polymer         . WATER                                  ? 'H2 O'           18.015  
ILE 'L-peptide linking' y ISOLEUCINE                             ? 'C6 H13 N O2'    131.173 
LEU 'L-peptide linking' y LEUCINE                                ? 'C6 H13 N O2'    131.173 
LYS 'L-peptide linking' y LYSINE                                 ? 'C6 H15 N2 O2 1' 147.195 
MET 'L-peptide linking' y METHIONINE                             ? 'C5 H11 N O2 S'  149.211 
PCL non-polymer         . 'PLATINUM(II) DI-CHLORIDE'             ? 'Cl2 Pt'         265.984 
PHE 'L-peptide linking' y PHENYLALANINE                          ? 'C9 H11 N O2'    165.189 
PRO 'L-peptide linking' y PROLINE                                ? 'C5 H9 N O2'     115.130 
SER 'L-peptide linking' y SERINE                                 ? 'C3 H7 N O3'     105.093 
THR 'L-peptide linking' y THREONINE                              ? 'C4 H9 N O3'     119.119 
TRP 'L-peptide linking' y TRYPTOPHAN                             ? 'C11 H12 N2 O2'  204.225 
TYR 'L-peptide linking' y TYROSINE                               ? 'C9 H11 N O3'    181.189 
VAL 'L-peptide linking' y VALINE                                 ? 'C5 H11 N O2'    117.146 
# 
loop_
_pdbx_poly_seq_scheme.asym_id 
_pdbx_poly_seq_scheme.entity_id 
_pdbx_poly_seq_scheme.seq_id 
_pdbx_poly_seq_scheme.mon_id 
_pdbx_poly_seq_scheme.ndb_seq_num 
_pdbx_poly_seq_scheme.pdb_seq_num 
_pdbx_poly_seq_scheme.auth_seq_num 
_pdbx_poly_seq_scheme.pdb_mon_id 
_pdbx_poly_seq_scheme.auth_mon_id 
_pdbx_poly_seq_scheme.pdb_strand_id 
_pdbx_poly_seq_scheme.pdb_ins_code 
_pdbx_poly_seq_scheme.hetero 
A 1 1   ALA 1   1   1   ALA ALA A . n 
A 1 2   THR 2   2   2   THR THR A . n 
A 1 3   SER 3   3   3   SER SER A . n 
A 1 4   THR 4   4   4   THR THR A . n 
A 1 5   VAL 5   5   5   VAL VAL A . n 
A 1 6   THR 6   6   6   THR THR A . n 
A 1 7   GLY 7   7   7   GLY GLY A . n 
A 1 8   GLY 8   8   8   GLY GLY A . n 
A 1 9   TYR 9   9   9   TYR TYR A . n 
A 1 10  ALA 10  10  10  ALA ALA A . n 
A 1 11  GLN 11  11  11  GLN GLN A . n 
A 1 12  SER 12  12  12  SER SER A . n 
A 1 13  ASP 13  13  13  ASP ASP A . n 
A 1 14  ALA 14  14  14  ALA ALA A . n 
A 1 15  GLN 15  15  15  GLN GLN A . n 
A 1 16  GLY 16  16  16  GLY GLY A . n 
A 1 17  GLN 17  17  17  GLN GLN A . n 
A 1 18  MET 18  18  18  MET MET A . n 
A 1 19  ASN 19  19  19  ASN ASN A . n 
A 1 20  LYS 20  20  20  LYS LYS A . n 
A 1 21  MET 21  21  21  MET MET A . n 
A 1 22  GLY 22  22  22  GLY GLY A . n 
A 1 23  GLY 23  23  23  GLY GLY A . n 
A 1 24  PHE 24  24  24  PHE PHE A . n 
A 1 25  ASN 25  25  25  ASN ASN A . n 
A 1 26  LEU 26  26  26  LEU LEU A . n 
A 1 27  LYS 27  27  27  LYS LYS A . n 
A 1 28  TYR 28  28  28  TYR TYR A . n 
A 1 29  ARG 29  29  29  ARG ARG A . n 
A 1 30  TYR 30  30  30  TYR TYR A . n 
A 1 31  GLU 31  31  31  GLU GLU A . n 
A 1 32  GLU 32  32  32  GLU GLU A . n 
A 1 33  ASP 33  33  33  ASP ASP A . n 
A 1 34  ASN 34  34  34  ASN ASN A . n 
A 1 35  SER 35  35  35  SER SER A . n 
A 1 36  PRO 36  36  36  PRO PRO A . n 
A 1 37  LEU 37  37  37  LEU LEU A . n 
A 1 38  GLY 38  38  38  GLY GLY A . n 
A 1 39  VAL 39  39  39  VAL VAL A . n 
A 1 40  ILE 40  40  40  ILE ILE A . n 
A 1 41  GLY 41  41  41  GLY GLY A . n 
A 1 42  SER 42  42  42  SER SER A . n 
A 1 43  PHE 43  43  43  PHE PHE A . n 
A 1 44  THR 44  44  44  THR THR A . n 
A 1 45  TYR 45  45  45  TYR TYR A . n 
A 1 46  THR 46  46  46  THR THR A . n 
A 1 47  GLU 47  47  47  GLU GLU A . n 
A 1 48  LYS 48  48  48  LYS LYS A . n 
A 1 49  SER 49  49  49  SER SER A . n 
A 1 50  ARG 50  50  50  ARG ARG A . n 
A 1 51  THR 51  51  51  THR THR A . n 
A 1 52  ALA 52  52  52  ALA ALA A . n 
A 1 53  SER 53  53  53  SER SER A . n 
A 1 54  SER 54  54  54  SER SER A . n 
A 1 55  GLY 55  55  55  GLY GLY A . n 
A 1 56  ASP 56  56  56  ASP ASP A . n 
A 1 57  TYR 57  57  57  TYR TYR A . n 
A 1 58  ASN 58  58  58  ASN ASN A . n 
A 1 59  LYS 59  59  59  LYS LYS A . n 
A 1 60  ASN 60  60  60  ASN ASN A . n 
A 1 61  GLN 61  61  61  GLN GLN A . n 
A 1 62  TYR 62  62  62  TYR TYR A . n 
A 1 63  TYR 63  63  63  TYR TYR A . n 
A 1 64  GLY 64  64  64  GLY GLY A . n 
A 1 65  ILE 65  65  65  ILE ILE A . n 
A 1 66  THR 66  66  66  THR THR A . n 
A 1 67  ALA 67  67  67  ALA ALA A . n 
A 1 68  GLY 68  68  68  GLY GLY A . n 
A 1 69  PRO 69  69  69  PRO PRO A . n 
A 1 70  ALA 70  70  70  ALA ALA A . n 
A 1 71  TYR 71  71  71  TYR TYR A . n 
A 1 72  ARG 72  72  72  ARG ARG A . n 
A 1 73  ILE 73  73  73  ILE ILE A . n 
A 1 74  ASN 74  74  74  ASN ASN A . n 
A 1 75  ASP 75  75  75  ASP ASP A . n 
A 1 76  TRP 76  76  76  TRP TRP A . n 
A 1 77  ALA 77  77  77  ALA ALA A . n 
A 1 78  SER 78  78  78  SER SER A . n 
A 1 79  ILE 79  79  79  ILE ILE A . n 
A 1 80  TYR 80  80  80  TYR TYR A . n 
A 1 81  GLY 81  81  81  GLY GLY A . n 
A 1 82  VAL 82  82  82  VAL VAL A . n 
A 1 83  VAL 83  83  83  VAL VAL A . n 
A 1 84  GLY 84  84  84  GLY GLY A . n 
A 1 85  VAL 85  85  85  VAL VAL A . n 
A 1 86  GLY 86  86  86  GLY GLY A . n 
A 1 87  TYR 87  87  87  TYR TYR A . n 
A 1 88  GLY 88  88  88  GLY GLY A . n 
A 1 89  LYS 89  89  89  LYS LYS A . n 
A 1 90  PHE 90  90  90  PHE PHE A . n 
A 1 91  GLN 91  91  91  GLN GLN A . n 
A 1 92  THR 92  92  92  THR THR A . n 
A 1 93  THR 93  93  93  THR THR A . n 
A 1 94  GLU 94  94  94  GLU GLU A . n 
A 1 95  TYR 95  95  95  TYR TYR A . n 
A 1 96  PRO 96  96  96  PRO PRO A . n 
A 1 97  THR 97  97  97  THR THR A . n 
A 1 98  TYR 98  98  98  TYR TYR A . n 
A 1 99  LYS 99  99  99  LYS LYS A . n 
A 1 100 ASN 100 100 100 ASN ASN A . n 
A 1 101 ASP 101 101 101 ASP ASP A . n 
A 1 102 THR 102 102 102 THR THR A . n 
A 1 103 SER 103 103 103 SER SER A . n 
A 1 104 ASP 104 104 104 ASP ASP A . n 
A 1 105 TYR 105 105 105 TYR TYR A . n 
A 1 106 GLY 106 106 106 GLY GLY A . n 
A 1 107 PHE 107 107 107 PHE PHE A . n 
A 1 108 SER 108 108 108 SER SER A . n 
A 1 109 TYR 109 109 109 TYR TYR A . n 
A 1 110 GLY 110 110 110 GLY GLY A . n 
A 1 111 ALA 111 111 111 ALA ALA A . n 
A 1 112 GLY 112 112 112 GLY GLY A . n 
A 1 113 LEU 113 113 113 LEU LEU A . n 
A 1 114 GLN 114 114 114 GLN GLN A . n 
A 1 115 PHE 115 115 115 PHE PHE A . n 
A 1 116 ASN 116 116 116 ASN ASN A . n 
A 1 117 PRO 117 117 117 PRO PRO A . n 
A 1 118 MET 118 118 118 MET MET A . n 
A 1 119 GLU 119 119 119 GLU GLU A . n 
A 1 120 ASN 120 120 120 ASN ASN A . n 
A 1 121 VAL 121 121 121 VAL VAL A . n 
A 1 122 ALA 122 122 122 ALA ALA A . n 
A 1 123 LEU 123 123 123 LEU LEU A . n 
A 1 124 ASP 124 124 124 ASP ASP A . n 
A 1 125 PHE 125 125 125 PHE PHE A . n 
A 1 126 SER 126 126 126 SER SER A . n 
A 1 127 TYR 127 127 127 TYR TYR A . n 
A 1 128 GLU 128 128 128 GLU GLU A . n 
A 1 129 GLN 129 129 129 GLN GLN A . n 
A 1 130 SER 130 130 130 SER SER A . n 
A 1 131 ARG 131 131 131 ARG ARG A . n 
A 1 132 ILE 132 132 132 ILE ILE A . n 
A 1 133 ARG 133 133 133 ARG ARG A . n 
A 1 134 SER 134 134 134 SER SER A . n 
A 1 135 VAL 135 135 135 VAL VAL A . n 
A 1 136 ASP 136 136 136 ASP ASP A . n 
A 1 137 VAL 137 137 137 VAL VAL A . n 
A 1 138 GLY 138 138 138 GLY GLY A . n 
A 1 139 THR 139 139 139 THR THR A . n 
A 1 140 TRP 140 140 140 TRP TRP A . n 
A 1 141 ILE 141 141 141 ILE ILE A . n 
A 1 142 ALA 142 142 142 ALA ALA A . n 
A 1 143 GLY 143 143 143 GLY GLY A . n 
A 1 144 VAL 144 144 144 VAL VAL A . n 
A 1 145 GLY 145 145 145 GLY GLY A . n 
A 1 146 TYR 146 146 146 TYR TYR A . n 
A 1 147 ARG 147 147 147 ARG ARG A . n 
A 1 148 PHE 148 148 148 PHE PHE A . n 
# 
loop_
_pdbx_nonpoly_scheme.asym_id 
_pdbx_nonpoly_scheme.entity_id 
_pdbx_nonpoly_scheme.mon_id 
_pdbx_nonpoly_scheme.ndb_seq_num 
_pdbx_nonpoly_scheme.pdb_seq_num 
_pdbx_nonpoly_scheme.auth_seq_num 
_pdbx_nonpoly_scheme.pdb_mon_id 
_pdbx_nonpoly_scheme.auth_mon_id 
_pdbx_nonpoly_scheme.pdb_strand_id 
_pdbx_nonpoly_scheme.pdb_ins_code 
B 2 C8E 1  153  153  C8E C8E A . 
C 3 PCL 1  154  154  PCL PCL A . 
D 3 PCL 1  155  155  PCL PCL A . 
E 4 HOH 1  2001 2001 HOH HOH A . 
E 4 HOH 2  2002 2002 HOH HOH A . 
E 4 HOH 3  2003 2003 HOH HOH A . 
E 4 HOH 4  2004 2004 HOH HOH A . 
E 4 HOH 5  2005 2005 HOH HOH A . 
E 4 HOH 6  2006 2006 HOH HOH A . 
E 4 HOH 7  2007 2007 HOH HOH A . 
E 4 HOH 8  2008 2008 HOH HOH A . 
E 4 HOH 9  2009 2009 HOH HOH A . 
E 4 HOH 10 2010 2010 HOH HOH A . 
E 4 HOH 11 2011 2011 HOH HOH A . 
E 4 HOH 12 2012 2012 HOH HOH A . 
E 4 HOH 13 2013 2013 HOH HOH A . 
E 4 HOH 14 2014 2014 HOH HOH A . 
E 4 HOH 15 2015 2015 HOH HOH A . 
E 4 HOH 16 2016 2016 HOH HOH A . 
E 4 HOH 17 2017 2017 HOH HOH A . 
E 4 HOH 18 2018 2018 HOH HOH A . 
E 4 HOH 19 2019 2019 HOH HOH A . 
E 4 HOH 20 2020 2020 HOH HOH A . 
E 4 HOH 21 2021 2021 HOH HOH A . 
E 4 HOH 22 2022 2022 HOH HOH A . 
E 4 HOH 23 2023 2023 HOH HOH A . 
E 4 HOH 24 2024 2024 HOH HOH A . 
E 4 HOH 25 2025 2025 HOH HOH A . 
E 4 HOH 26 2026 2026 HOH HOH A . 
E 4 HOH 27 2027 2027 HOH HOH A . 
E 4 HOH 28 2028 2028 HOH HOH A . 
E 4 HOH 29 2029 2029 HOH HOH A . 
E 4 HOH 30 2030 2030 HOH HOH A . 
E 4 HOH 31 2031 2031 HOH HOH A . 
E 4 HOH 32 2032 2032 HOH HOH A . 
E 4 HOH 33 2033 2033 HOH HOH A . 
E 4 HOH 34 2034 2034 HOH HOH A . 
E 4 HOH 35 2035 2035 HOH HOH A . 
E 4 HOH 36 2036 2036 HOH HOH A . 
E 4 HOH 37 2037 2037 HOH HOH A . 
E 4 HOH 38 2038 2038 HOH HOH A . 
E 4 HOH 39 2039 2039 HOH HOH A . 
E 4 HOH 40 2040 2040 HOH HOH A . 
E 4 HOH 41 2041 2041 HOH HOH A . 
E 4 HOH 42 2042 2042 HOH HOH A . 
E 4 HOH 43 2043 2043 HOH HOH A . 
E 4 HOH 44 2044 2044 HOH HOH A . 
E 4 HOH 45 2045 2045 HOH HOH A . 
E 4 HOH 46 2046 2046 HOH HOH A . 
E 4 HOH 47 2047 2047 HOH HOH A . 
E 4 HOH 48 2048 2048 HOH HOH A . 
E 4 HOH 49 2049 2049 HOH HOH A . 
E 4 HOH 50 2050 2050 HOH HOH A . 
E 4 HOH 51 2051 2051 HOH HOH A . 
E 4 HOH 52 2052 2052 HOH HOH A . 
E 4 HOH 53 2053 2053 HOH HOH A . 
E 4 HOH 54 2054 2054 HOH HOH A . 
E 4 HOH 55 2055 2055 HOH HOH A . 
E 4 HOH 56 2056 2056 HOH HOH A . 
E 4 HOH 57 2057 2057 HOH HOH A . 
E 4 HOH 58 2058 2058 HOH HOH A . 
E 4 HOH 59 2059 2059 HOH HOH A . 
E 4 HOH 60 2060 2060 HOH HOH A . 
E 4 HOH 61 2061 2061 HOH HOH A . 
E 4 HOH 62 2062 2062 HOH HOH A . 
E 4 HOH 63 2063 2063 HOH HOH A . 
E 4 HOH 64 2064 2064 HOH HOH A . 
E 4 HOH 65 2065 2065 HOH HOH A . 
E 4 HOH 66 2066 2066 HOH HOH A . 
E 4 HOH 67 2067 2067 HOH HOH A . 
E 4 HOH 68 2068 2068 HOH HOH A . 
E 4 HOH 69 2069 2069 HOH HOH A . 
E 4 HOH 70 2070 2070 HOH HOH A . 
E 4 HOH 71 2071 2071 HOH HOH A . 
E 4 HOH 72 3001 3001 HOH HOH A . 
# 
_pdbx_unobs_or_zero_occ_atoms.id               1 
_pdbx_unobs_or_zero_occ_atoms.PDB_model_num    1 
_pdbx_unobs_or_zero_occ_atoms.polymer_flag     N 
_pdbx_unobs_or_zero_occ_atoms.occupancy_flag   1 
_pdbx_unobs_or_zero_occ_atoms.auth_asym_id     A 
_pdbx_unobs_or_zero_occ_atoms.auth_comp_id     PCL 
_pdbx_unobs_or_zero_occ_atoms.auth_seq_id      155 
_pdbx_unobs_or_zero_occ_atoms.PDB_ins_code     ? 
_pdbx_unobs_or_zero_occ_atoms.auth_atom_id     CL2 
_pdbx_unobs_or_zero_occ_atoms.label_alt_id     ? 
_pdbx_unobs_or_zero_occ_atoms.label_asym_id    D 
_pdbx_unobs_or_zero_occ_atoms.label_comp_id    PCL 
_pdbx_unobs_or_zero_occ_atoms.label_seq_id     1 
_pdbx_unobs_or_zero_occ_atoms.label_atom_id    CL2 
# 
loop_
_software.name 
_software.classification 
_software.version 
_software.citation_id 
_software.pdbx_ordinal 
REFMAC  refinement       . ? 1 
MOSFLM  'data reduction' . ? 2 
SCALA   'data scaling'   . ? 3 
MLPHARE phasing          . ? 4 
# 
_cell.entry_id           1QJ8 
_cell.length_a           82.400 
_cell.length_b           82.400 
_cell.length_c           206.300 
_cell.angle_alpha        90.00 
_cell.angle_beta         90.00 
_cell.angle_gamma        120.00 
_cell.Z_PDB              18 
_cell.pdbx_unique_axis   ? 
# 
_symmetry.entry_id                         1QJ8 
_symmetry.space_group_name_H-M             'H 3 2' 
_symmetry.pdbx_full_space_group_name_H-M   ? 
_symmetry.cell_setting                     ? 
_symmetry.Int_Tables_number                155 
# 
_exptl.entry_id          1QJ8 
_exptl.method            'X-RAY DIFFRACTION' 
_exptl.crystals_number   1 
# 
_exptl_crystal.id                    1 
_exptl_crystal.density_meas          ? 
_exptl_crystal.density_Matthews      4.1 
_exptl_crystal.density_percent_sol   70 
_exptl_crystal.description           ? 
# 
_exptl_crystal_grow.crystal_id      1 
_exptl_crystal_grow.method          ? 
_exptl_crystal_grow.temp            ? 
_exptl_crystal_grow.temp_details    ? 
_exptl_crystal_grow.pH              4.60 
_exptl_crystal_grow.pdbx_pH_range   ? 
_exptl_crystal_grow.pdbx_details    '30 % (V/V) 2-PROPANOL, 20 % (V/V) GLYCEROL, 0.2 M CACL2, 0.1 M NA-ACETATE PH 4.6' 
# 
_diffrn.id                     1 
_diffrn.ambient_temp           100.0 
_diffrn.ambient_temp_details   ? 
_diffrn.crystal_id             1 
# 
_diffrn_detector.diffrn_id              1 
_diffrn_detector.detector               'IMAGE PLATE' 
_diffrn_detector.type                   MARRESEARCH 
_diffrn_detector.pdbx_collection_date   1998-04-15 
_diffrn_detector.details                ? 
# 
_diffrn_radiation.diffrn_id                        1 
_diffrn_radiation.wavelength_id                    1 
_diffrn_radiation.pdbx_monochromatic_or_laue_m_l   M 
_diffrn_radiation.monochromator                    ? 
_diffrn_radiation.pdbx_diffrn_protocol             'SINGLE WAVELENGTH' 
_diffrn_radiation.pdbx_scattering_type             x-ray 
# 
_diffrn_radiation_wavelength.id           1 
_diffrn_radiation_wavelength.wavelength   0.9057 
_diffrn_radiation_wavelength.wt           1.0 
# 
_diffrn_source.diffrn_id                   1 
_diffrn_source.source                      SYNCHROTRON 
_diffrn_source.type                        'EMBL/DESY, HAMBURG BEAMLINE X11' 
_diffrn_source.pdbx_synchrotron_site       'EMBL/DESY, HAMBURG' 
_diffrn_source.pdbx_synchrotron_beamline   X11 
_diffrn_source.pdbx_wavelength             0.9057 
_diffrn_source.pdbx_wavelength_list        ? 
# 
_reflns.pdbx_diffrn_id               1 
_reflns.pdbx_ordinal                 1 
_reflns.entry_id                     1QJ8 
_reflns.observed_criterion_sigma_I   0.000 
_reflns.observed_criterion_sigma_F   ? 
_reflns.d_resolution_low             34.000 
_reflns.d_resolution_high            1.900 
_reflns.number_obs                   20466 
_reflns.number_all                   ? 
_reflns.percent_possible_obs         95.0 
_reflns.pdbx_Rmerge_I_obs            ? 
_reflns.pdbx_Rsym_value              0.06100 
_reflns.pdbx_netI_over_sigmaI        14.6000 
_reflns.B_iso_Wilson_estimate        27 
_reflns.pdbx_redundancy              3.700 
# 
_reflns_shell.pdbx_diffrn_id         1 
_reflns_shell.pdbx_ordinal           1 
_reflns_shell.d_res_high             1.90 
_reflns_shell.d_res_low              2.00 
_reflns_shell.percent_possible_all   92.0 
_reflns_shell.Rmerge_I_obs           ? 
_reflns_shell.pdbx_Rsym_value        0.27400 
_reflns_shell.meanI_over_sigI_obs    2.900 
_reflns_shell.pdbx_redundancy        3.00 
# 
_refine.pdbx_refine_id                           'X-RAY DIFFRACTION' 
_refine.entry_id                                 1QJ8 
_refine.pdbx_diffrn_id                           1 
_refine.pdbx_TLS_residual_ADP_flag               ? 
_refine.ls_number_reflns_obs                     20466 
_refine.ls_number_reflns_all                     ? 
_refine.pdbx_ls_sigma_I                          ? 
_refine.pdbx_ls_sigma_F                          0 
_refine.pdbx_data_cutoff_high_absF               ? 
_refine.pdbx_data_cutoff_low_absF                ? 
_refine.pdbx_data_cutoff_high_rms_absF           ? 
_refine.ls_d_res_low                             34 
_refine.ls_d_res_high                            1.90 
_refine.ls_percent_reflns_obs                    95 
_refine.ls_R_factor_obs                          ? 
_refine.ls_R_factor_all                          ? 
_refine.ls_R_factor_R_work                       0.204 
_refine.ls_R_factor_R_free                       0.246 
_refine.ls_R_factor_R_free_error                 ? 
_refine.ls_R_factor_R_free_error_details         ? 
_refine.ls_percent_reflns_R_free                 5.0 
_refine.ls_number_reflns_R_free                  1037 
_refine.ls_number_parameters                     ? 
_refine.ls_number_restraints                     ? 
_refine.occupancy_min                            ? 
_refine.occupancy_max                            ? 
_refine.correlation_coeff_Fo_to_Fc               ? 
_refine.correlation_coeff_Fo_to_Fc_free          ? 
_refine.B_iso_mean                               44 
_refine.aniso_B[1][1]                            ? 
_refine.aniso_B[2][2]                            ? 
_refine.aniso_B[3][3]                            ? 
_refine.aniso_B[1][2]                            ? 
_refine.aniso_B[1][3]                            ? 
_refine.aniso_B[2][3]                            ? 
_refine.solvent_model_details                    ? 
_refine.solvent_model_param_ksol                 ? 
_refine.solvent_model_param_bsol                 ? 
_refine.pdbx_solvent_vdw_probe_radii             ? 
_refine.pdbx_solvent_ion_probe_radii             ? 
_refine.pdbx_solvent_shrinkage_radii             ? 
_refine.pdbx_ls_cross_valid_method               THROUGHOUT 
_refine.details                                  ? 
_refine.pdbx_starting_model                      ? 
_refine.pdbx_method_to_determine_struct          MIR 
_refine.pdbx_isotropic_thermal_model             ? 
_refine.pdbx_stereochemistry_target_values       ? 
_refine.pdbx_stereochem_target_val_spec_case     ? 
_refine.pdbx_R_Free_selection_details            RANDOM 
_refine.pdbx_overall_ESU_R                       0.125 
_refine.pdbx_overall_ESU_R_Free                  0.128 
_refine.overall_SU_ML                            0.046 
_refine.pdbx_overall_phase_error                 ? 
_refine.overall_SU_B                             1.539 
_refine.overall_SU_R_Cruickshank_DPI             ? 
_refine.pdbx_overall_SU_R_free_Cruickshank_DPI   ? 
_refine.pdbx_overall_SU_R_Blow_DPI               ? 
_refine.pdbx_overall_SU_R_free_Blow_DPI          ? 
# 
_refine_hist.pdbx_refine_id                   'X-RAY DIFFRACTION' 
_refine_hist.cycle_id                         LAST 
_refine_hist.pdbx_number_atoms_protein        1158 
_refine_hist.pdbx_number_atoms_nucleic_acid   0 
_refine_hist.pdbx_number_atoms_ligand         25 
_refine_hist.number_atoms_solvent             72 
_refine_hist.number_atoms_total               1255 
_refine_hist.d_res_high                       1.90 
_refine_hist.d_res_low                        34 
# 
loop_
_refine_ls_restr.type 
_refine_ls_restr.dev_ideal 
_refine_ls_restr.dev_ideal_target 
_refine_ls_restr.weight 
_refine_ls_restr.number 
_refine_ls_restr.pdbx_refine_id 
_refine_ls_restr.pdbx_restraint_function 
p_bond_d            0.020 ? ? ? 'X-RAY DIFFRACTION' ? 
p_angle_d           0.034 ? ? ? 'X-RAY DIFFRACTION' ? 
p_angle_deg         ?     ? ? ? 'X-RAY DIFFRACTION' ? 
p_planar_d          ?     ? ? ? 'X-RAY DIFFRACTION' ? 
p_hb_or_metal_coord ?     ? ? ? 'X-RAY DIFFRACTION' ? 
p_mcbond_it         ?     ? ? ? 'X-RAY DIFFRACTION' ? 
p_mcangle_it        ?     ? ? ? 'X-RAY DIFFRACTION' ? 
p_scbond_it         ?     ? ? ? 'X-RAY DIFFRACTION' ? 
p_scangle_it        ?     ? ? ? 'X-RAY DIFFRACTION' ? 
p_plane_restr       ?     ? ? ? 'X-RAY DIFFRACTION' ? 
p_chiral_restr      ?     ? ? ? 'X-RAY DIFFRACTION' ? 
p_singtor_nbd       ?     ? ? ? 'X-RAY DIFFRACTION' ? 
p_multtor_nbd       ?     ? ? ? 'X-RAY DIFFRACTION' ? 
p_xhyhbond_nbd      ?     ? ? ? 'X-RAY DIFFRACTION' ? 
p_xyhbond_nbd       ?     ? ? ? 'X-RAY DIFFRACTION' ? 
p_planar_tor        ?     ? ? ? 'X-RAY DIFFRACTION' ? 
p_staggered_tor     ?     ? ? ? 'X-RAY DIFFRACTION' ? 
p_orthonormal_tor   ?     ? ? ? 'X-RAY DIFFRACTION' ? 
p_transverse_tor    ?     ? ? ? 'X-RAY DIFFRACTION' ? 
p_special_tor       ?     ? ? ? 'X-RAY DIFFRACTION' ? 
# 
_struct.entry_id                  1QJ8 
_struct.title                     'CRYSTAL STRUCTURE OF THE OUTER MEMBRANE PROTEIN OMPX FROM ESCHERICHIA COLI' 
_struct.pdbx_model_details        ? 
_struct.pdbx_CASP_flag            ? 
_struct.pdbx_model_type_details   ? 
# 
_struct_keywords.entry_id        1QJ8 
_struct_keywords.pdbx_keywords   'MEMBRANE PROTEIN' 
_struct_keywords.text            'MEMBRANE PROTEIN, BETA-BARREL, BACTERIAL DEFENSE SYSTEM, PLATINUM COMPLEX STRUCTURE' 
# 
loop_
_struct_asym.id 
_struct_asym.pdbx_blank_PDB_chainid_flag 
_struct_asym.pdbx_modified 
_struct_asym.entity_id 
_struct_asym.details 
A N N 1 ? 
B N N 2 ? 
C N N 3 ? 
D N N 3 ? 
E N N 4 ? 
# 
_struct_ref.id                         1 
_struct_ref.db_name                    UNP 
_struct_ref.db_code                    OMPX_ECOLI 
_struct_ref.entity_id                  1 
_struct_ref.pdbx_seq_one_letter_code   ? 
_struct_ref.pdbx_align_begin           ? 
_struct_ref.pdbx_db_accession          P36546 
_struct_ref.pdbx_db_isoform            ? 
# 
_struct_ref_seq.align_id                      1 
_struct_ref_seq.ref_id                        1 
_struct_ref_seq.pdbx_PDB_id_code              1QJ8 
_struct_ref_seq.pdbx_strand_id                A 
_struct_ref_seq.seq_align_beg                 1 
_struct_ref_seq.pdbx_seq_align_beg_ins_code   ? 
_struct_ref_seq.seq_align_end                 148 
_struct_ref_seq.pdbx_seq_align_end_ins_code   ? 
_struct_ref_seq.pdbx_db_accession             P36546 
_struct_ref_seq.db_align_beg                  24 
_struct_ref_seq.pdbx_db_align_beg_ins_code    ? 
_struct_ref_seq.db_align_end                  171 
_struct_ref_seq.pdbx_db_align_end_ins_code    ? 
_struct_ref_seq.pdbx_auth_seq_align_beg       1 
_struct_ref_seq.pdbx_auth_seq_align_end       148 
# 
_struct_ref_seq_dif.align_id                     1 
_struct_ref_seq_dif.pdbx_pdb_id_code             1QJ8 
_struct_ref_seq_dif.mon_id                       ASN 
_struct_ref_seq_dif.pdbx_pdb_strand_id           A 
_struct_ref_seq_dif.seq_num                      100 
_struct_ref_seq_dif.pdbx_pdb_ins_code            ? 
_struct_ref_seq_dif.pdbx_seq_db_name             UNP 
_struct_ref_seq_dif.pdbx_seq_db_accession_code   P36546 
_struct_ref_seq_dif.db_mon_id                    HIS 
_struct_ref_seq_dif.pdbx_seq_db_seq_num          123 
_struct_ref_seq_dif.details                      'engineered mutation' 
_struct_ref_seq_dif.pdbx_auth_seq_num            100 
_struct_ref_seq_dif.pdbx_ordinal                 1 
# 
_pdbx_struct_assembly.id                   1 
_pdbx_struct_assembly.details              software_defined_assembly 
_pdbx_struct_assembly.method_details       PISA 
_pdbx_struct_assembly.oligomeric_details   monomeric 
_pdbx_struct_assembly.oligomeric_count     1 
# 
_pdbx_struct_assembly_gen.assembly_id       1 
_pdbx_struct_assembly_gen.oper_expression   1 
_pdbx_struct_assembly_gen.asym_id_list      A,B,C,D,E 
# 
_pdbx_struct_oper_list.id                   1 
_pdbx_struct_oper_list.type                 'identity operation' 
_pdbx_struct_oper_list.name                 1_555 
_pdbx_struct_oper_list.symmetry_operation   x,y,z 
_pdbx_struct_oper_list.matrix[1][1]         1.0000000000 
_pdbx_struct_oper_list.matrix[1][2]         0.0000000000 
_pdbx_struct_oper_list.matrix[1][3]         0.0000000000 
_pdbx_struct_oper_list.vector[1]            0.0000000000 
_pdbx_struct_oper_list.matrix[2][1]         0.0000000000 
_pdbx_struct_oper_list.matrix[2][2]         1.0000000000 
_pdbx_struct_oper_list.matrix[2][3]         0.0000000000 
_pdbx_struct_oper_list.vector[2]            0.0000000000 
_pdbx_struct_oper_list.matrix[3][1]         0.0000000000 
_pdbx_struct_oper_list.matrix[3][2]         0.0000000000 
_pdbx_struct_oper_list.matrix[3][3]         1.0000000000 
_pdbx_struct_oper_list.vector[3]            0.0000000000 
# 
_struct_biol.id   1 
# 
loop_
_struct_conn.id 
_struct_conn.conn_type_id 
_struct_conn.pdbx_leaving_atom_flag 
_struct_conn.pdbx_PDB_id 
_struct_conn.ptnr1_label_asym_id 
_struct_conn.ptnr1_label_comp_id 
_struct_conn.ptnr1_label_seq_id 
_struct_conn.ptnr1_label_atom_id 
_struct_conn.pdbx_ptnr1_label_alt_id 
_struct_conn.pdbx_ptnr1_PDB_ins_code 
_struct_conn.pdbx_ptnr1_standard_comp_id 
_struct_conn.ptnr1_symmetry 
_struct_conn.ptnr2_label_asym_id 
_struct_conn.ptnr2_label_comp_id 
_struct_conn.ptnr2_label_seq_id 
_struct_conn.ptnr2_label_atom_id 
_struct_conn.pdbx_ptnr2_label_alt_id 
_struct_conn.pdbx_ptnr2_PDB_ins_code 
_struct_conn.ptnr1_auth_asym_id 
_struct_conn.ptnr1_auth_comp_id 
_struct_conn.ptnr1_auth_seq_id 
_struct_conn.ptnr2_auth_asym_id 
_struct_conn.ptnr2_auth_comp_id 
_struct_conn.ptnr2_auth_seq_id 
_struct_conn.ptnr2_symmetry 
_struct_conn.pdbx_ptnr3_label_atom_id 
_struct_conn.pdbx_ptnr3_label_seq_id 
_struct_conn.pdbx_ptnr3_label_comp_id 
_struct_conn.pdbx_ptnr3_label_asym_id 
_struct_conn.pdbx_ptnr3_label_alt_id 
_struct_conn.pdbx_ptnr3_PDB_ins_code 
_struct_conn.details 
_struct_conn.pdbx_dist_value 
_struct_conn.pdbx_value_order 
_struct_conn.pdbx_role 
metalc1 metalc ? ? A MET 18 SD ? ? ? 1_555 C PCL . PT ? ? A MET 18 A PCL 154 1_555 ? ? ? ? ? ? ? 2.588 ? ? 
metalc2 metalc ? ? A MET 21 SD ? ? ? 1_555 C PCL . PT ? ? A MET 21 A PCL 154 1_555 ? ? ? ? ? ? ? 2.399 ? ? 
# 
_struct_conn_type.id          metalc 
_struct_conn_type.criteria    ? 
_struct_conn_type.reference   ? 
# 
loop_
_pdbx_struct_conn_angle.id 
_pdbx_struct_conn_angle.ptnr1_label_atom_id 
_pdbx_struct_conn_angle.ptnr1_label_alt_id 
_pdbx_struct_conn_angle.ptnr1_label_asym_id 
_pdbx_struct_conn_angle.ptnr1_label_comp_id 
_pdbx_struct_conn_angle.ptnr1_label_seq_id 
_pdbx_struct_conn_angle.ptnr1_auth_atom_id 
_pdbx_struct_conn_angle.ptnr1_auth_asym_id 
_pdbx_struct_conn_angle.ptnr1_auth_comp_id 
_pdbx_struct_conn_angle.ptnr1_auth_seq_id 
_pdbx_struct_conn_angle.ptnr1_PDB_ins_code 
_pdbx_struct_conn_angle.ptnr1_symmetry 
_pdbx_struct_conn_angle.ptnr2_label_atom_id 
_pdbx_struct_conn_angle.ptnr2_label_alt_id 
_pdbx_struct_conn_angle.ptnr2_label_asym_id 
_pdbx_struct_conn_angle.ptnr2_label_comp_id 
_pdbx_struct_conn_angle.ptnr2_label_seq_id 
_pdbx_struct_conn_angle.ptnr2_auth_atom_id 
_pdbx_struct_conn_angle.ptnr2_auth_asym_id 
_pdbx_struct_conn_angle.ptnr2_auth_comp_id 
_pdbx_struct_conn_angle.ptnr2_auth_seq_id 
_pdbx_struct_conn_angle.ptnr2_PDB_ins_code 
_pdbx_struct_conn_angle.ptnr2_symmetry 
_pdbx_struct_conn_angle.ptnr3_label_atom_id 
_pdbx_struct_conn_angle.ptnr3_label_alt_id 
_pdbx_struct_conn_angle.ptnr3_label_asym_id 
_pdbx_struct_conn_angle.ptnr3_label_comp_id 
_pdbx_struct_conn_angle.ptnr3_label_seq_id 
_pdbx_struct_conn_angle.ptnr3_auth_atom_id 
_pdbx_struct_conn_angle.ptnr3_auth_asym_id 
_pdbx_struct_conn_angle.ptnr3_auth_comp_id 
_pdbx_struct_conn_angle.ptnr3_auth_seq_id 
_pdbx_struct_conn_angle.ptnr3_PDB_ins_code 
_pdbx_struct_conn_angle.ptnr3_symmetry 
_pdbx_struct_conn_angle.value 
_pdbx_struct_conn_angle.value_esd 
1 SD  ? A MET 18 ? A MET 18  ? 1_555 PT ? C PCL . ? A PCL 154 ? 1_555 CL1 ? C PCL .  ? A PCL 154 ? 1_555 82.1  ? 
2 SD  ? A MET 18 ? A MET 18  ? 1_555 PT ? C PCL . ? A PCL 154 ? 1_555 SD  ? A MET 21 ? A MET 21  ? 1_555 175.7 ? 
3 CL1 ? C PCL .  ? A PCL 154 ? 1_555 PT ? C PCL . ? A PCL 154 ? 1_555 SD  ? A MET 21 ? A MET 21  ? 1_555 93.7  ? 
# 
_struct_mon_prot_cis.pdbx_id                1 
_struct_mon_prot_cis.label_comp_id          TYR 
_struct_mon_prot_cis.label_seq_id           95 
_struct_mon_prot_cis.label_asym_id          A 
_struct_mon_prot_cis.label_alt_id           . 
_struct_mon_prot_cis.pdbx_PDB_ins_code      ? 
_struct_mon_prot_cis.auth_comp_id           TYR 
_struct_mon_prot_cis.auth_seq_id            95 
_struct_mon_prot_cis.auth_asym_id           A 
_struct_mon_prot_cis.pdbx_label_comp_id_2   PRO 
_struct_mon_prot_cis.pdbx_label_seq_id_2    96 
_struct_mon_prot_cis.pdbx_label_asym_id_2   A 
_struct_mon_prot_cis.pdbx_PDB_ins_code_2    ? 
_struct_mon_prot_cis.pdbx_auth_comp_id_2    PRO 
_struct_mon_prot_cis.pdbx_auth_seq_id_2     96 
_struct_mon_prot_cis.pdbx_auth_asym_id_2    A 
_struct_mon_prot_cis.pdbx_PDB_model_num     1 
_struct_mon_prot_cis.pdbx_omega_angle       1.78 
# 
_struct_sheet.id               A 
_struct_sheet.type             ? 
_struct_sheet.number_strands   9 
_struct_sheet.details          ? 
# 
loop_
_struct_sheet_order.sheet_id 
_struct_sheet_order.range_id_1 
_struct_sheet_order.range_id_2 
_struct_sheet_order.offset 
_struct_sheet_order.sense 
A 1 2 ? anti-parallel 
A 2 3 ? anti-parallel 
A 3 4 ? anti-parallel 
A 4 5 ? anti-parallel 
A 5 6 ? anti-parallel 
A 6 7 ? anti-parallel 
A 7 8 ? anti-parallel 
A 8 9 ? anti-parallel 
# 
loop_
_struct_sheet_range.sheet_id 
_struct_sheet_range.id 
_struct_sheet_range.beg_label_comp_id 
_struct_sheet_range.beg_label_asym_id 
_struct_sheet_range.beg_label_seq_id 
_struct_sheet_range.pdbx_beg_PDB_ins_code 
_struct_sheet_range.end_label_comp_id 
_struct_sheet_range.end_label_asym_id 
_struct_sheet_range.end_label_seq_id 
_struct_sheet_range.pdbx_end_PDB_ins_code 
_struct_sheet_range.beg_auth_comp_id 
_struct_sheet_range.beg_auth_asym_id 
_struct_sheet_range.beg_auth_seq_id 
_struct_sheet_range.end_auth_comp_id 
_struct_sheet_range.end_auth_asym_id 
_struct_sheet_range.end_auth_seq_id 
A 1 MET A 21  ? GLU A 31  ? MET A 21  GLU A 31  
A 2 THR A 2   ? ALA A 14  ? THR A 2   ALA A 14  
A 3 VAL A 135 ? ARG A 147 ? VAL A 135 ARG A 147 
A 4 VAL A 121 ? ILE A 132 ? VAL A 121 ILE A 132 
A 5 TYR A 98  ? PHE A 115 ? TYR A 98  PHE A 115 
A 6 ALA A 77  ? GLU A 94  ? ALA A 77  GLU A 94  
A 7 TYR A 57  ? TYR A 71  ? TYR A 57  TYR A 71  
A 8 LEU A 37  ? THR A 51  ? LEU A 37  THR A 51  
A 9 GLY A 22  ? TYR A 30  ? GLY A 22  TYR A 30  
# 
loop_
_pdbx_struct_sheet_hbond.sheet_id 
_pdbx_struct_sheet_hbond.range_id_1 
_pdbx_struct_sheet_hbond.range_id_2 
_pdbx_struct_sheet_hbond.range_1_label_atom_id 
_pdbx_struct_sheet_hbond.range_1_label_comp_id 
_pdbx_struct_sheet_hbond.range_1_label_asym_id 
_pdbx_struct_sheet_hbond.range_1_label_seq_id 
_pdbx_struct_sheet_hbond.range_1_PDB_ins_code 
_pdbx_struct_sheet_hbond.range_1_auth_atom_id 
_pdbx_struct_sheet_hbond.range_1_auth_comp_id 
_pdbx_struct_sheet_hbond.range_1_auth_asym_id 
_pdbx_struct_sheet_hbond.range_1_auth_seq_id 
_pdbx_struct_sheet_hbond.range_2_label_atom_id 
_pdbx_struct_sheet_hbond.range_2_label_comp_id 
_pdbx_struct_sheet_hbond.range_2_label_asym_id 
_pdbx_struct_sheet_hbond.range_2_label_seq_id 
_pdbx_struct_sheet_hbond.range_2_PDB_ins_code 
_pdbx_struct_sheet_hbond.range_2_auth_atom_id 
_pdbx_struct_sheet_hbond.range_2_auth_comp_id 
_pdbx_struct_sheet_hbond.range_2_auth_asym_id 
_pdbx_struct_sheet_hbond.range_2_auth_seq_id 
A 1 2 O MET A 21  ? O MET A 21  N SER A 12  ? N SER A 12  
A 2 3 O VAL A 5   ? O VAL A 5   N TYR A 146 ? N TYR A 146 
A 3 4 O VAL A 135 ? O VAL A 135 N ILE A 132 ? N ILE A 132 
A 4 5 O LEU A 123 ? O LEU A 123 N PHE A 115 ? N PHE A 115 
A 5 6 O TYR A 98  ? O TYR A 98  N GLU A 94  ? N GLU A 94  
A 6 7 O VAL A 83  ? O VAL A 83  N ALA A 67  ? N ALA A 67  
A 7 8 O ASN A 58  ? O ASN A 58  N ARG A 50  ? N ARG A 50  
A 8 9 O VAL A 39  ? O VAL A 39  N TYR A 30  ? N TYR A 30  
# 
loop_
_struct_site.id 
_struct_site.pdbx_evidence_code 
_struct_site.pdbx_auth_asym_id 
_struct_site.pdbx_auth_comp_id 
_struct_site.pdbx_auth_seq_id 
_struct_site.pdbx_auth_ins_code 
_struct_site.pdbx_num_residues 
_struct_site.details 
AC1 Software A C8E 153 ? 6 'BINDING SITE FOR RESIDUE C8E A 153' 
AC2 Software A PCL 154 ? 4 'BINDING SITE FOR RESIDUE PCL A 154' 
AC3 Software A PCL 155 ? 1 'BINDING SITE FOR RESIDUE PCL A 155' 
# 
loop_
_struct_site_gen.id 
_struct_site_gen.site_id 
_struct_site_gen.pdbx_num_res 
_struct_site_gen.label_comp_id 
_struct_site_gen.label_asym_id 
_struct_site_gen.label_seq_id 
_struct_site_gen.pdbx_auth_ins_code 
_struct_site_gen.auth_comp_id 
_struct_site_gen.auth_asym_id 
_struct_site_gen.auth_seq_id 
_struct_site_gen.label_atom_id 
_struct_site_gen.label_alt_id 
_struct_site_gen.symmetry 
_struct_site_gen.details 
1  AC1 6 PRO A 36  ? PRO A 36  . ? 1_555 ? 
2  AC1 6 LEU A 37  ? LEU A 37  . ? 1_555 ? 
3  AC1 6 TYR A 71  ? TYR A 71  . ? 1_555 ? 
4  AC1 6 ILE A 79  ? ILE A 79  . ? 1_555 ? 
5  AC1 6 TYR A 80  ? TYR A 80  . ? 1_555 ? 
6  AC1 6 GLY A 81  ? GLY A 81  . ? 1_555 ? 
7  AC2 4 MET A 18  ? MET A 18  . ? 1_555 ? 
8  AC2 4 MET A 21  ? MET A 21  . ? 1_555 ? 
9  AC2 4 LYS A 48  ? LYS A 48  . ? 1_555 ? 
10 AC2 4 ASN A 60  ? ASN A 60  . ? 1_555 ? 
11 AC3 1 MET A 118 ? MET A 118 . ? 1_555 ? 
# 
loop_
_pdbx_validate_rmsd_angle.id 
_pdbx_validate_rmsd_angle.PDB_model_num 
_pdbx_validate_rmsd_angle.auth_atom_id_1 
_pdbx_validate_rmsd_angle.auth_asym_id_1 
_pdbx_validate_rmsd_angle.auth_comp_id_1 
_pdbx_validate_rmsd_angle.auth_seq_id_1 
_pdbx_validate_rmsd_angle.PDB_ins_code_1 
_pdbx_validate_rmsd_angle.label_alt_id_1 
_pdbx_validate_rmsd_angle.auth_atom_id_2 
_pdbx_validate_rmsd_angle.auth_asym_id_2 
_pdbx_validate_rmsd_angle.auth_comp_id_2 
_pdbx_validate_rmsd_angle.auth_seq_id_2 
_pdbx_validate_rmsd_angle.PDB_ins_code_2 
_pdbx_validate_rmsd_angle.label_alt_id_2 
_pdbx_validate_rmsd_angle.auth_atom_id_3 
_pdbx_validate_rmsd_angle.auth_asym_id_3 
_pdbx_validate_rmsd_angle.auth_comp_id_3 
_pdbx_validate_rmsd_angle.auth_seq_id_3 
_pdbx_validate_rmsd_angle.PDB_ins_code_3 
_pdbx_validate_rmsd_angle.label_alt_id_3 
_pdbx_validate_rmsd_angle.angle_value 
_pdbx_validate_rmsd_angle.angle_target_value 
_pdbx_validate_rmsd_angle.angle_deviation 
_pdbx_validate_rmsd_angle.angle_standard_deviation 
_pdbx_validate_rmsd_angle.linker_flag 
1  1 N   A MET 21  ? ? CA A MET 21  ? ? CB  A MET 21  ? ? 98.99  110.60 -11.61 1.80 N 
2  1 NH1 A ARG 29  ? ? CZ A ARG 29  ? ? NH2 A ARG 29  ? ? 111.80 119.40 -7.60  1.10 N 
3  1 NE  A ARG 29  ? ? CZ A ARG 29  ? ? NH1 A ARG 29  ? ? 127.76 120.30 7.46   0.50 N 
4  1 CB  A TYR 30  ? ? CG A TYR 30  ? ? CD1 A TYR 30  ? ? 117.37 121.00 -3.63  0.60 N 
5  1 N   A GLU 32  ? ? CA A GLU 32  ? ? CB  A GLU 32  ? ? 121.99 110.60 11.39  1.80 N 
6  1 CB  A PHE 43  ? ? CG A PHE 43  ? ? CD1 A PHE 43  ? ? 116.41 120.80 -4.39  0.70 N 
7  1 CB  A TYR 45  ? ? CG A TYR 45  ? ? CD1 A TYR 45  ? ? 116.20 121.00 -4.80  0.60 N 
8  1 CB  A ASP 104 ? ? CG A ASP 104 ? ? OD1 A ASP 104 ? ? 126.27 118.30 7.97   0.90 N 
9  1 CG  A GLN 114 ? ? CD A GLN 114 ? ? OE1 A GLN 114 ? ? 108.12 121.60 -13.48 2.00 N 
10 1 CB  A PHE 115 ? ? CG A PHE 115 ? ? CD1 A PHE 115 ? ? 115.13 120.80 -5.67  0.70 N 
# 
loop_
_pdbx_validate_torsion.id 
_pdbx_validate_torsion.PDB_model_num 
_pdbx_validate_torsion.auth_comp_id 
_pdbx_validate_torsion.auth_asym_id 
_pdbx_validate_torsion.auth_seq_id 
_pdbx_validate_torsion.PDB_ins_code 
_pdbx_validate_torsion.label_alt_id 
_pdbx_validate_torsion.phi 
_pdbx_validate_torsion.psi 
1 1 GLN A 17  ? ? -60.55 85.65   
2 1 ASN A 19  ? ? -47.32 175.07  
3 1 ARG A 133 ? ? 61.18  -112.38 
# 
loop_
_pdbx_validate_main_chain_plane.id 
_pdbx_validate_main_chain_plane.PDB_model_num 
_pdbx_validate_main_chain_plane.auth_comp_id 
_pdbx_validate_main_chain_plane.auth_asym_id 
_pdbx_validate_main_chain_plane.auth_seq_id 
_pdbx_validate_main_chain_plane.PDB_ins_code 
_pdbx_validate_main_chain_plane.label_alt_id 
_pdbx_validate_main_chain_plane.improper_torsion_angle 
1 1 THR A 102 ? ? 10.94 
2 1 ASP A 104 ? ? 10.56 
# 
_pdbx_struct_special_symmetry.id              1 
_pdbx_struct_special_symmetry.PDB_model_num   1 
_pdbx_struct_special_symmetry.auth_asym_id    A 
_pdbx_struct_special_symmetry.auth_comp_id    HOH 
_pdbx_struct_special_symmetry.auth_seq_id     2023 
_pdbx_struct_special_symmetry.PDB_ins_code    ? 
_pdbx_struct_special_symmetry.label_asym_id   E 
_pdbx_struct_special_symmetry.label_comp_id   HOH 
_pdbx_struct_special_symmetry.label_seq_id    . 
# 
_pdbx_database_remark.id     700 
_pdbx_database_remark.text   
;
SHEET
DETERMINATION METHOD: DSSP
THE SHEET PRESENTED AS "A" ON SHEET RECORDS BELOW IS
ACTUALLY AN 8-STRANDED BETA-BARREL.  THIS IS
REPRESENTED BY A 9-STRANDED SHEET IN WHICH THE FIRST AND
LAST STRANDS ARE IDENTICAL.
;
# 
_pdbx_entry_details.entry_id                 1QJ8 
_pdbx_entry_details.compound_details         'ENGINEERED RESIDUE IN CHAIN A, HIS 123 TO ASN' 
_pdbx_entry_details.source_details           ? 
_pdbx_entry_details.nonpolymer_details       ? 
_pdbx_entry_details.sequence_details         ? 
_pdbx_entry_details.has_ligand_of_interest   ? 
# 
loop_
_chem_comp_atom.comp_id 
_chem_comp_atom.atom_id 
_chem_comp_atom.type_symbol 
_chem_comp_atom.pdbx_aromatic_flag 
_chem_comp_atom.pdbx_stereo_config 
_chem_comp_atom.pdbx_ordinal 
ALA N    N  N N 1   
ALA CA   C  N S 2   
ALA C    C  N N 3   
ALA O    O  N N 4   
ALA CB   C  N N 5   
ALA OXT  O  N N 6   
ALA H    H  N N 7   
ALA H2   H  N N 8   
ALA HA   H  N N 9   
ALA HB1  H  N N 10  
ALA HB2  H  N N 11  
ALA HB3  H  N N 12  
ALA HXT  H  N N 13  
ARG N    N  N N 14  
ARG CA   C  N S 15  
ARG C    C  N N 16  
ARG O    O  N N 17  
ARG CB   C  N N 18  
ARG CG   C  N N 19  
ARG CD   C  N N 20  
ARG NE   N  N N 21  
ARG CZ   C  N N 22  
ARG NH1  N  N N 23  
ARG NH2  N  N N 24  
ARG OXT  O  N N 25  
ARG H    H  N N 26  
ARG H2   H  N N 27  
ARG HA   H  N N 28  
ARG HB2  H  N N 29  
ARG HB3  H  N N 30  
ARG HG2  H  N N 31  
ARG HG3  H  N N 32  
ARG HD2  H  N N 33  
ARG HD3  H  N N 34  
ARG HE   H  N N 35  
ARG HH11 H  N N 36  
ARG HH12 H  N N 37  
ARG HH21 H  N N 38  
ARG HH22 H  N N 39  
ARG HXT  H  N N 40  
ASN N    N  N N 41  
ASN CA   C  N S 42  
ASN C    C  N N 43  
ASN O    O  N N 44  
ASN CB   C  N N 45  
ASN CG   C  N N 46  
ASN OD1  O  N N 47  
ASN ND2  N  N N 48  
ASN OXT  O  N N 49  
ASN H    H  N N 50  
ASN H2   H  N N 51  
ASN HA   H  N N 52  
ASN HB2  H  N N 53  
ASN HB3  H  N N 54  
ASN HD21 H  N N 55  
ASN HD22 H  N N 56  
ASN HXT  H  N N 57  
ASP N    N  N N 58  
ASP CA   C  N S 59  
ASP C    C  N N 60  
ASP O    O  N N 61  
ASP CB   C  N N 62  
ASP CG   C  N N 63  
ASP OD1  O  N N 64  
ASP OD2  O  N N 65  
ASP OXT  O  N N 66  
ASP H    H  N N 67  
ASP H2   H  N N 68  
ASP HA   H  N N 69  
ASP HB2  H  N N 70  
ASP HB3  H  N N 71  
ASP HD2  H  N N 72  
ASP HXT  H  N N 73  
C8E C1   C  N N 74  
C8E C2   C  N N 75  
C8E C3   C  N N 76  
C8E C4   C  N N 77  
C8E C5   C  N N 78  
C8E C6   C  N N 79  
C8E C7   C  N N 80  
C8E C8   C  N N 81  
C8E O9   O  N N 82  
C8E C10  C  N N 83  
C8E C11  C  N N 84  
C8E O12  O  N N 85  
C8E C13  C  N N 86  
C8E C14  C  N N 87  
C8E O15  O  N N 88  
C8E C16  C  N N 89  
C8E C17  C  N N 90  
C8E O18  O  N N 91  
C8E C19  C  N N 92  
C8E C20  C  N N 93  
C8E O21  O  N N 94  
C8E H11  H  N N 95  
C8E H12  H  N N 96  
C8E H13  H  N N 97  
C8E H21  H  N N 98  
C8E H22  H  N N 99  
C8E H31  H  N N 100 
C8E H32  H  N N 101 
C8E H41  H  N N 102 
C8E H42  H  N N 103 
C8E H51  H  N N 104 
C8E H52  H  N N 105 
C8E H61  H  N N 106 
C8E H62  H  N N 107 
C8E H71  H  N N 108 
C8E H72  H  N N 109 
C8E H81  H  N N 110 
C8E H82  H  N N 111 
C8E H101 H  N N 112 
C8E H102 H  N N 113 
C8E H111 H  N N 114 
C8E H112 H  N N 115 
C8E H131 H  N N 116 
C8E H132 H  N N 117 
C8E H141 H  N N 118 
C8E H142 H  N N 119 
C8E H161 H  N N 120 
C8E H162 H  N N 121 
C8E H171 H  N N 122 
C8E H172 H  N N 123 
C8E H191 H  N N 124 
C8E H192 H  N N 125 
C8E H201 H  N N 126 
C8E H202 H  N N 127 
C8E HO2  H  N N 128 
GLN N    N  N N 129 
GLN CA   C  N S 130 
GLN C    C  N N 131 
GLN O    O  N N 132 
GLN CB   C  N N 133 
GLN CG   C  N N 134 
GLN CD   C  N N 135 
GLN OE1  O  N N 136 
GLN NE2  N  N N 137 
GLN OXT  O  N N 138 
GLN H    H  N N 139 
GLN H2   H  N N 140 
GLN HA   H  N N 141 
GLN HB2  H  N N 142 
GLN HB3  H  N N 143 
GLN HG2  H  N N 144 
GLN HG3  H  N N 145 
GLN HE21 H  N N 146 
GLN HE22 H  N N 147 
GLN HXT  H  N N 148 
GLU N    N  N N 149 
GLU CA   C  N S 150 
GLU C    C  N N 151 
GLU O    O  N N 152 
GLU CB   C  N N 153 
GLU CG   C  N N 154 
GLU CD   C  N N 155 
GLU OE1  O  N N 156 
GLU OE2  O  N N 157 
GLU OXT  O  N N 158 
GLU H    H  N N 159 
GLU H2   H  N N 160 
GLU HA   H  N N 161 
GLU HB2  H  N N 162 
GLU HB3  H  N N 163 
GLU HG2  H  N N 164 
GLU HG3  H  N N 165 
GLU HE2  H  N N 166 
GLU HXT  H  N N 167 
GLY N    N  N N 168 
GLY CA   C  N N 169 
GLY C    C  N N 170 
GLY O    O  N N 171 
GLY OXT  O  N N 172 
GLY H    H  N N 173 
GLY H2   H  N N 174 
GLY HA2  H  N N 175 
GLY HA3  H  N N 176 
GLY HXT  H  N N 177 
HIS N    N  N N 178 
HIS CA   C  N S 179 
HIS C    C  N N 180 
HIS O    O  N N 181 
HIS CB   C  N N 182 
HIS CG   C  Y N 183 
HIS ND1  N  Y N 184 
HIS CD2  C  Y N 185 
HIS CE1  C  Y N 186 
HIS NE2  N  Y N 187 
HIS OXT  O  N N 188 
HIS H    H  N N 189 
HIS H2   H  N N 190 
HIS HA   H  N N 191 
HIS HB2  H  N N 192 
HIS HB3  H  N N 193 
HIS HD1  H  N N 194 
HIS HD2  H  N N 195 
HIS HE1  H  N N 196 
HIS HE2  H  N N 197 
HIS HXT  H  N N 198 
HOH O    O  N N 199 
HOH H1   H  N N 200 
HOH H2   H  N N 201 
ILE N    N  N N 202 
ILE CA   C  N S 203 
ILE C    C  N N 204 
ILE O    O  N N 205 
ILE CB   C  N S 206 
ILE CG1  C  N N 207 
ILE CG2  C  N N 208 
ILE CD1  C  N N 209 
ILE OXT  O  N N 210 
ILE H    H  N N 211 
ILE H2   H  N N 212 
ILE HA   H  N N 213 
ILE HB   H  N N 214 
ILE HG12 H  N N 215 
ILE HG13 H  N N 216 
ILE HG21 H  N N 217 
ILE HG22 H  N N 218 
ILE HG23 H  N N 219 
ILE HD11 H  N N 220 
ILE HD12 H  N N 221 
ILE HD13 H  N N 222 
ILE HXT  H  N N 223 
LEU N    N  N N 224 
LEU CA   C  N S 225 
LEU C    C  N N 226 
LEU O    O  N N 227 
LEU CB   C  N N 228 
LEU CG   C  N N 229 
LEU CD1  C  N N 230 
LEU CD2  C  N N 231 
LEU OXT  O  N N 232 
LEU H    H  N N 233 
LEU H2   H  N N 234 
LEU HA   H  N N 235 
LEU HB2  H  N N 236 
LEU HB3  H  N N 237 
LEU HG   H  N N 238 
LEU HD11 H  N N 239 
LEU HD12 H  N N 240 
LEU HD13 H  N N 241 
LEU HD21 H  N N 242 
LEU HD22 H  N N 243 
LEU HD23 H  N N 244 
LEU HXT  H  N N 245 
LYS N    N  N N 246 
LYS CA   C  N S 247 
LYS C    C  N N 248 
LYS O    O  N N 249 
LYS CB   C  N N 250 
LYS CG   C  N N 251 
LYS CD   C  N N 252 
LYS CE   C  N N 253 
LYS NZ   N  N N 254 
LYS OXT  O  N N 255 
LYS H    H  N N 256 
LYS H2   H  N N 257 
LYS HA   H  N N 258 
LYS HB2  H  N N 259 
LYS HB3  H  N N 260 
LYS HG2  H  N N 261 
LYS HG3  H  N N 262 
LYS HD2  H  N N 263 
LYS HD3  H  N N 264 
LYS HE2  H  N N 265 
LYS HE3  H  N N 266 
LYS HZ1  H  N N 267 
LYS HZ2  H  N N 268 
LYS HZ3  H  N N 269 
LYS HXT  H  N N 270 
MET N    N  N N 271 
MET CA   C  N S 272 
MET C    C  N N 273 
MET O    O  N N 274 
MET CB   C  N N 275 
MET CG   C  N N 276 
MET SD   S  N N 277 
MET CE   C  N N 278 
MET OXT  O  N N 279 
MET H    H  N N 280 
MET H2   H  N N 281 
MET HA   H  N N 282 
MET HB2  H  N N 283 
MET HB3  H  N N 284 
MET HG2  H  N N 285 
MET HG3  H  N N 286 
MET HE1  H  N N 287 
MET HE2  H  N N 288 
MET HE3  H  N N 289 
MET HXT  H  N N 290 
PCL PT   PT N N 291 
PCL CL1  CL N N 292 
PCL CL2  CL N N 293 
PHE N    N  N N 294 
PHE CA   C  N S 295 
PHE C    C  N N 296 
PHE O    O  N N 297 
PHE CB   C  N N 298 
PHE CG   C  Y N 299 
PHE CD1  C  Y N 300 
PHE CD2  C  Y N 301 
PHE CE1  C  Y N 302 
PHE CE2  C  Y N 303 
PHE CZ   C  Y N 304 
PHE OXT  O  N N 305 
PHE H    H  N N 306 
PHE H2   H  N N 307 
PHE HA   H  N N 308 
PHE HB2  H  N N 309 
PHE HB3  H  N N 310 
PHE HD1  H  N N 311 
PHE HD2  H  N N 312 
PHE HE1  H  N N 313 
PHE HE2  H  N N 314 
PHE HZ   H  N N 315 
PHE HXT  H  N N 316 
PRO N    N  N N 317 
PRO CA   C  N S 318 
PRO C    C  N N 319 
PRO O    O  N N 320 
PRO CB   C  N N 321 
PRO CG   C  N N 322 
PRO CD   C  N N 323 
PRO OXT  O  N N 324 
PRO H    H  N N 325 
PRO HA   H  N N 326 
PRO HB2  H  N N 327 
PRO HB3  H  N N 328 
PRO HG2  H  N N 329 
PRO HG3  H  N N 330 
PRO HD2  H  N N 331 
PRO HD3  H  N N 332 
PRO HXT  H  N N 333 
SER N    N  N N 334 
SER CA   C  N S 335 
SER C    C  N N 336 
SER O    O  N N 337 
SER CB   C  N N 338 
SER OG   O  N N 339 
SER OXT  O  N N 340 
SER H    H  N N 341 
SER H2   H  N N 342 
SER HA   H  N N 343 
SER HB2  H  N N 344 
SER HB3  H  N N 345 
SER HG   H  N N 346 
SER HXT  H  N N 347 
THR N    N  N N 348 
THR CA   C  N S 349 
THR C    C  N N 350 
THR O    O  N N 351 
THR CB   C  N R 352 
THR OG1  O  N N 353 
THR CG2  C  N N 354 
THR OXT  O  N N 355 
THR H    H  N N 356 
THR H2   H  N N 357 
THR HA   H  N N 358 
THR HB   H  N N 359 
THR HG1  H  N N 360 
THR HG21 H  N N 361 
THR HG22 H  N N 362 
THR HG23 H  N N 363 
THR HXT  H  N N 364 
TRP N    N  N N 365 
TRP CA   C  N S 366 
TRP C    C  N N 367 
TRP O    O  N N 368 
TRP CB   C  N N 369 
TRP CG   C  Y N 370 
TRP CD1  C  Y N 371 
TRP CD2  C  Y N 372 
TRP NE1  N  Y N 373 
TRP CE2  C  Y N 374 
TRP CE3  C  Y N 375 
TRP CZ2  C  Y N 376 
TRP CZ3  C  Y N 377 
TRP CH2  C  Y N 378 
TRP OXT  O  N N 379 
TRP H    H  N N 380 
TRP H2   H  N N 381 
TRP HA   H  N N 382 
TRP HB2  H  N N 383 
TRP HB3  H  N N 384 
TRP HD1  H  N N 385 
TRP HE1  H  N N 386 
TRP HE3  H  N N 387 
TRP HZ2  H  N N 388 
TRP HZ3  H  N N 389 
TRP HH2  H  N N 390 
TRP HXT  H  N N 391 
TYR N    N  N N 392 
TYR CA   C  N S 393 
TYR C    C  N N 394 
TYR O    O  N N 395 
TYR CB   C  N N 396 
TYR CG   C  Y N 397 
TYR CD1  C  Y N 398 
TYR CD2  C  Y N 399 
TYR CE1  C  Y N 400 
TYR CE2  C  Y N 401 
TYR CZ   C  Y N 402 
TYR OH   O  N N 403 
TYR OXT  O  N N 404 
TYR H    H  N N 405 
TYR H2   H  N N 406 
TYR HA   H  N N 407 
TYR HB2  H  N N 408 
TYR HB3  H  N N 409 
TYR HD1  H  N N 410 
TYR HD2  H  N N 411 
TYR HE1  H  N N 412 
TYR HE2  H  N N 413 
TYR HH   H  N N 414 
TYR HXT  H  N N 415 
VAL N    N  N N 416 
VAL CA   C  N S 417 
VAL C    C  N N 418 
VAL O    O  N N 419 
VAL CB   C  N N 420 
VAL CG1  C  N N 421 
VAL CG2  C  N N 422 
VAL OXT  O  N N 423 
VAL H    H  N N 424 
VAL H2   H  N N 425 
VAL HA   H  N N 426 
VAL HB   H  N N 427 
VAL HG11 H  N N 428 
VAL HG12 H  N N 429 
VAL HG13 H  N N 430 
VAL HG21 H  N N 431 
VAL HG22 H  N N 432 
VAL HG23 H  N N 433 
VAL HXT  H  N N 434 
# 
loop_
_chem_comp_bond.comp_id 
_chem_comp_bond.atom_id_1 
_chem_comp_bond.atom_id_2 
_chem_comp_bond.value_order 
_chem_comp_bond.pdbx_aromatic_flag 
_chem_comp_bond.pdbx_stereo_config 
_chem_comp_bond.pdbx_ordinal 
ALA N   CA   sing N N 1   
ALA N   H    sing N N 2   
ALA N   H2   sing N N 3   
ALA CA  C    sing N N 4   
ALA CA  CB   sing N N 5   
ALA CA  HA   sing N N 6   
ALA C   O    doub N N 7   
ALA C   OXT  sing N N 8   
ALA CB  HB1  sing N N 9   
ALA CB  HB2  sing N N 10  
ALA CB  HB3  sing N N 11  
ALA OXT HXT  sing N N 12  
ARG N   CA   sing N N 13  
ARG N   H    sing N N 14  
ARG N   H2   sing N N 15  
ARG CA  C    sing N N 16  
ARG CA  CB   sing N N 17  
ARG CA  HA   sing N N 18  
ARG C   O    doub N N 19  
ARG C   OXT  sing N N 20  
ARG CB  CG   sing N N 21  
ARG CB  HB2  sing N N 22  
ARG CB  HB3  sing N N 23  
ARG CG  CD   sing N N 24  
ARG CG  HG2  sing N N 25  
ARG CG  HG3  sing N N 26  
ARG CD  NE   sing N N 27  
ARG CD  HD2  sing N N 28  
ARG CD  HD3  sing N N 29  
ARG NE  CZ   sing N N 30  
ARG NE  HE   sing N N 31  
ARG CZ  NH1  sing N N 32  
ARG CZ  NH2  doub N N 33  
ARG NH1 HH11 sing N N 34  
ARG NH1 HH12 sing N N 35  
ARG NH2 HH21 sing N N 36  
ARG NH2 HH22 sing N N 37  
ARG OXT HXT  sing N N 38  
ASN N   CA   sing N N 39  
ASN N   H    sing N N 40  
ASN N   H2   sing N N 41  
ASN CA  C    sing N N 42  
ASN CA  CB   sing N N 43  
ASN CA  HA   sing N N 44  
ASN C   O    doub N N 45  
ASN C   OXT  sing N N 46  
ASN CB  CG   sing N N 47  
ASN CB  HB2  sing N N 48  
ASN CB  HB3  sing N N 49  
ASN CG  OD1  doub N N 50  
ASN CG  ND2  sing N N 51  
ASN ND2 HD21 sing N N 52  
ASN ND2 HD22 sing N N 53  
ASN OXT HXT  sing N N 54  
ASP N   CA   sing N N 55  
ASP N   H    sing N N 56  
ASP N   H2   sing N N 57  
ASP CA  C    sing N N 58  
ASP CA  CB   sing N N 59  
ASP CA  HA   sing N N 60  
ASP C   O    doub N N 61  
ASP C   OXT  sing N N 62  
ASP CB  CG   sing N N 63  
ASP CB  HB2  sing N N 64  
ASP CB  HB3  sing N N 65  
ASP CG  OD1  doub N N 66  
ASP CG  OD2  sing N N 67  
ASP OD2 HD2  sing N N 68  
ASP OXT HXT  sing N N 69  
C8E C1  C2   sing N N 70  
C8E C1  H11  sing N N 71  
C8E C1  H12  sing N N 72  
C8E C1  H13  sing N N 73  
C8E C2  C3   sing N N 74  
C8E C2  H21  sing N N 75  
C8E C2  H22  sing N N 76  
C8E C3  C4   sing N N 77  
C8E C3  H31  sing N N 78  
C8E C3  H32  sing N N 79  
C8E C4  C5   sing N N 80  
C8E C4  H41  sing N N 81  
C8E C4  H42  sing N N 82  
C8E C5  C6   sing N N 83  
C8E C5  H51  sing N N 84  
C8E C5  H52  sing N N 85  
C8E C6  C7   sing N N 86  
C8E C6  H61  sing N N 87  
C8E C6  H62  sing N N 88  
C8E C7  C8   sing N N 89  
C8E C7  H71  sing N N 90  
C8E C7  H72  sing N N 91  
C8E C8  O9   sing N N 92  
C8E C8  H81  sing N N 93  
C8E C8  H82  sing N N 94  
C8E O9  C10  sing N N 95  
C8E C10 C11  sing N N 96  
C8E C10 H101 sing N N 97  
C8E C10 H102 sing N N 98  
C8E C11 O12  sing N N 99  
C8E C11 H111 sing N N 100 
C8E C11 H112 sing N N 101 
C8E O12 C13  sing N N 102 
C8E C13 C14  sing N N 103 
C8E C13 H131 sing N N 104 
C8E C13 H132 sing N N 105 
C8E C14 O15  sing N N 106 
C8E C14 H141 sing N N 107 
C8E C14 H142 sing N N 108 
C8E O15 C16  sing N N 109 
C8E C16 C17  sing N N 110 
C8E C16 H161 sing N N 111 
C8E C16 H162 sing N N 112 
C8E C17 O18  sing N N 113 
C8E C17 H171 sing N N 114 
C8E C17 H172 sing N N 115 
C8E O18 C19  sing N N 116 
C8E C19 C20  sing N N 117 
C8E C19 H191 sing N N 118 
C8E C19 H192 sing N N 119 
C8E C20 O21  sing N N 120 
C8E C20 H201 sing N N 121 
C8E C20 H202 sing N N 122 
C8E O21 HO2  sing N N 123 
GLN N   CA   sing N N 124 
GLN N   H    sing N N 125 
GLN N   H2   sing N N 126 
GLN CA  C    sing N N 127 
GLN CA  CB   sing N N 128 
GLN CA  HA   sing N N 129 
GLN C   O    doub N N 130 
GLN C   OXT  sing N N 131 
GLN CB  CG   sing N N 132 
GLN CB  HB2  sing N N 133 
GLN CB  HB3  sing N N 134 
GLN CG  CD   sing N N 135 
GLN CG  HG2  sing N N 136 
GLN CG  HG3  sing N N 137 
GLN CD  OE1  doub N N 138 
GLN CD  NE2  sing N N 139 
GLN NE2 HE21 sing N N 140 
GLN NE2 HE22 sing N N 141 
GLN OXT HXT  sing N N 142 
GLU N   CA   sing N N 143 
GLU N   H    sing N N 144 
GLU N   H2   sing N N 145 
GLU CA  C    sing N N 146 
GLU CA  CB   sing N N 147 
GLU CA  HA   sing N N 148 
GLU C   O    doub N N 149 
GLU C   OXT  sing N N 150 
GLU CB  CG   sing N N 151 
GLU CB  HB2  sing N N 152 
GLU CB  HB3  sing N N 153 
GLU CG  CD   sing N N 154 
GLU CG  HG2  sing N N 155 
GLU CG  HG3  sing N N 156 
GLU CD  OE1  doub N N 157 
GLU CD  OE2  sing N N 158 
GLU OE2 HE2  sing N N 159 
GLU OXT HXT  sing N N 160 
GLY N   CA   sing N N 161 
GLY N   H    sing N N 162 
GLY N   H2   sing N N 163 
GLY CA  C    sing N N 164 
GLY CA  HA2  sing N N 165 
GLY CA  HA3  sing N N 166 
GLY C   O    doub N N 167 
GLY C   OXT  sing N N 168 
GLY OXT HXT  sing N N 169 
HIS N   CA   sing N N 170 
HIS N   H    sing N N 171 
HIS N   H2   sing N N 172 
HIS CA  C    sing N N 173 
HIS CA  CB   sing N N 174 
HIS CA  HA   sing N N 175 
HIS C   O    doub N N 176 
HIS C   OXT  sing N N 177 
HIS CB  CG   sing N N 178 
HIS CB  HB2  sing N N 179 
HIS CB  HB3  sing N N 180 
HIS CG  ND1  sing Y N 181 
HIS CG  CD2  doub Y N 182 
HIS ND1 CE1  doub Y N 183 
HIS ND1 HD1  sing N N 184 
HIS CD2 NE2  sing Y N 185 
HIS CD2 HD2  sing N N 186 
HIS CE1 NE2  sing Y N 187 
HIS CE1 HE1  sing N N 188 
HIS NE2 HE2  sing N N 189 
HIS OXT HXT  sing N N 190 
HOH O   H1   sing N N 191 
HOH O   H2   sing N N 192 
ILE N   CA   sing N N 193 
ILE N   H    sing N N 194 
ILE N   H2   sing N N 195 
ILE CA  C    sing N N 196 
ILE CA  CB   sing N N 197 
ILE CA  HA   sing N N 198 
ILE C   O    doub N N 199 
ILE C   OXT  sing N N 200 
ILE CB  CG1  sing N N 201 
ILE CB  CG2  sing N N 202 
ILE CB  HB   sing N N 203 
ILE CG1 CD1  sing N N 204 
ILE CG1 HG12 sing N N 205 
ILE CG1 HG13 sing N N 206 
ILE CG2 HG21 sing N N 207 
ILE CG2 HG22 sing N N 208 
ILE CG2 HG23 sing N N 209 
ILE CD1 HD11 sing N N 210 
ILE CD1 HD12 sing N N 211 
ILE CD1 HD13 sing N N 212 
ILE OXT HXT  sing N N 213 
LEU N   CA   sing N N 214 
LEU N   H    sing N N 215 
LEU N   H2   sing N N 216 
LEU CA  C    sing N N 217 
LEU CA  CB   sing N N 218 
LEU CA  HA   sing N N 219 
LEU C   O    doub N N 220 
LEU C   OXT  sing N N 221 
LEU CB  CG   sing N N 222 
LEU CB  HB2  sing N N 223 
LEU CB  HB3  sing N N 224 
LEU CG  CD1  sing N N 225 
LEU CG  CD2  sing N N 226 
LEU CG  HG   sing N N 227 
LEU CD1 HD11 sing N N 228 
LEU CD1 HD12 sing N N 229 
LEU CD1 HD13 sing N N 230 
LEU CD2 HD21 sing N N 231 
LEU CD2 HD22 sing N N 232 
LEU CD2 HD23 sing N N 233 
LEU OXT HXT  sing N N 234 
LYS N   CA   sing N N 235 
LYS N   H    sing N N 236 
LYS N   H2   sing N N 237 
LYS CA  C    sing N N 238 
LYS CA  CB   sing N N 239 
LYS CA  HA   sing N N 240 
LYS C   O    doub N N 241 
LYS C   OXT  sing N N 242 
LYS CB  CG   sing N N 243 
LYS CB  HB2  sing N N 244 
LYS CB  HB3  sing N N 245 
LYS CG  CD   sing N N 246 
LYS CG  HG2  sing N N 247 
LYS CG  HG3  sing N N 248 
LYS CD  CE   sing N N 249 
LYS CD  HD2  sing N N 250 
LYS CD  HD3  sing N N 251 
LYS CE  NZ   sing N N 252 
LYS CE  HE2  sing N N 253 
LYS CE  HE3  sing N N 254 
LYS NZ  HZ1  sing N N 255 
LYS NZ  HZ2  sing N N 256 
LYS NZ  HZ3  sing N N 257 
LYS OXT HXT  sing N N 258 
MET N   CA   sing N N 259 
MET N   H    sing N N 260 
MET N   H2   sing N N 261 
MET CA  C    sing N N 262 
MET CA  CB   sing N N 263 
MET CA  HA   sing N N 264 
MET C   O    doub N N 265 
MET C   OXT  sing N N 266 
MET CB  CG   sing N N 267 
MET CB  HB2  sing N N 268 
MET CB  HB3  sing N N 269 
MET CG  SD   sing N N 270 
MET CG  HG2  sing N N 271 
MET CG  HG3  sing N N 272 
MET SD  CE   sing N N 273 
MET CE  HE1  sing N N 274 
MET CE  HE2  sing N N 275 
MET CE  HE3  sing N N 276 
MET OXT HXT  sing N N 277 
PCL PT  CL1  sing N N 278 
PCL PT  CL2  sing N N 279 
PHE N   CA   sing N N 280 
PHE N   H    sing N N 281 
PHE N   H2   sing N N 282 
PHE CA  C    sing N N 283 
PHE CA  CB   sing N N 284 
PHE CA  HA   sing N N 285 
PHE C   O    doub N N 286 
PHE C   OXT  sing N N 287 
PHE CB  CG   sing N N 288 
PHE CB  HB2  sing N N 289 
PHE CB  HB3  sing N N 290 
PHE CG  CD1  doub Y N 291 
PHE CG  CD2  sing Y N 292 
PHE CD1 CE1  sing Y N 293 
PHE CD1 HD1  sing N N 294 
PHE CD2 CE2  doub Y N 295 
PHE CD2 HD2  sing N N 296 
PHE CE1 CZ   doub Y N 297 
PHE CE1 HE1  sing N N 298 
PHE CE2 CZ   sing Y N 299 
PHE CE2 HE2  sing N N 300 
PHE CZ  HZ   sing N N 301 
PHE OXT HXT  sing N N 302 
PRO N   CA   sing N N 303 
PRO N   CD   sing N N 304 
PRO N   H    sing N N 305 
PRO CA  C    sing N N 306 
PRO CA  CB   sing N N 307 
PRO CA  HA   sing N N 308 
PRO C   O    doub N N 309 
PRO C   OXT  sing N N 310 
PRO CB  CG   sing N N 311 
PRO CB  HB2  sing N N 312 
PRO CB  HB3  sing N N 313 
PRO CG  CD   sing N N 314 
PRO CG  HG2  sing N N 315 
PRO CG  HG3  sing N N 316 
PRO CD  HD2  sing N N 317 
PRO CD  HD3  sing N N 318 
PRO OXT HXT  sing N N 319 
SER N   CA   sing N N 320 
SER N   H    sing N N 321 
SER N   H2   sing N N 322 
SER CA  C    sing N N 323 
SER CA  CB   sing N N 324 
SER CA  HA   sing N N 325 
SER C   O    doub N N 326 
SER C   OXT  sing N N 327 
SER CB  OG   sing N N 328 
SER CB  HB2  sing N N 329 
SER CB  HB3  sing N N 330 
SER OG  HG   sing N N 331 
SER OXT HXT  sing N N 332 
THR N   CA   sing N N 333 
THR N   H    sing N N 334 
THR N   H2   sing N N 335 
THR CA  C    sing N N 336 
THR CA  CB   sing N N 337 
THR CA  HA   sing N N 338 
THR C   O    doub N N 339 
THR C   OXT  sing N N 340 
THR CB  OG1  sing N N 341 
THR CB  CG2  sing N N 342 
THR CB  HB   sing N N 343 
THR OG1 HG1  sing N N 344 
THR CG2 HG21 sing N N 345 
THR CG2 HG22 sing N N 346 
THR CG2 HG23 sing N N 347 
THR OXT HXT  sing N N 348 
TRP N   CA   sing N N 349 
TRP N   H    sing N N 350 
TRP N   H2   sing N N 351 
TRP CA  C    sing N N 352 
TRP CA  CB   sing N N 353 
TRP CA  HA   sing N N 354 
TRP C   O    doub N N 355 
TRP C   OXT  sing N N 356 
TRP CB  CG   sing N N 357 
TRP CB  HB2  sing N N 358 
TRP CB  HB3  sing N N 359 
TRP CG  CD1  doub Y N 360 
TRP CG  CD2  sing Y N 361 
TRP CD1 NE1  sing Y N 362 
TRP CD1 HD1  sing N N 363 
TRP CD2 CE2  doub Y N 364 
TRP CD2 CE3  sing Y N 365 
TRP NE1 CE2  sing Y N 366 
TRP NE1 HE1  sing N N 367 
TRP CE2 CZ2  sing Y N 368 
TRP CE3 CZ3  doub Y N 369 
TRP CE3 HE3  sing N N 370 
TRP CZ2 CH2  doub Y N 371 
TRP CZ2 HZ2  sing N N 372 
TRP CZ3 CH2  sing Y N 373 
TRP CZ3 HZ3  sing N N 374 
TRP CH2 HH2  sing N N 375 
TRP OXT HXT  sing N N 376 
TYR N   CA   sing N N 377 
TYR N   H    sing N N 378 
TYR N   H2   sing N N 379 
TYR CA  C    sing N N 380 
TYR CA  CB   sing N N 381 
TYR CA  HA   sing N N 382 
TYR C   O    doub N N 383 
TYR C   OXT  sing N N 384 
TYR CB  CG   sing N N 385 
TYR CB  HB2  sing N N 386 
TYR CB  HB3  sing N N 387 
TYR CG  CD1  doub Y N 388 
TYR CG  CD2  sing Y N 389 
TYR CD1 CE1  sing Y N 390 
TYR CD1 HD1  sing N N 391 
TYR CD2 CE2  doub Y N 392 
TYR CD2 HD2  sing N N 393 
TYR CE1 CZ   doub Y N 394 
TYR CE1 HE1  sing N N 395 
TYR CE2 CZ   sing Y N 396 
TYR CE2 HE2  sing N N 397 
TYR CZ  OH   sing N N 398 
TYR OH  HH   sing N N 399 
TYR OXT HXT  sing N N 400 
VAL N   CA   sing N N 401 
VAL N   H    sing N N 402 
VAL N   H2   sing N N 403 
VAL CA  C    sing N N 404 
VAL CA  CB   sing N N 405 
VAL CA  HA   sing N N 406 
VAL C   O    doub N N 407 
VAL C   OXT  sing N N 408 
VAL CB  CG1  sing N N 409 
VAL CB  CG2  sing N N 410 
VAL CB  HB   sing N N 411 
VAL CG1 HG11 sing N N 412 
VAL CG1 HG12 sing N N 413 
VAL CG1 HG13 sing N N 414 
VAL CG2 HG21 sing N N 415 
VAL CG2 HG22 sing N N 416 
VAL CG2 HG23 sing N N 417 
VAL OXT HXT  sing N N 418 
# 
_atom_sites.entry_id                    1QJ8 
_atom_sites.fract_transf_matrix[1][1]   0.01204019 
_atom_sites.fract_transf_matrix[1][2]   -0.00609064 
_atom_sites.fract_transf_matrix[1][3]   -0.00378398 
_atom_sites.fract_transf_matrix[2][1]   0.00357728 
_atom_sites.fract_transf_matrix[2][2]   -0.00064156 
_atom_sites.fract_transf_matrix[2][3]   -0.01353350 
_atom_sites.fract_transf_matrix[3][1]   0.00228011 
_atom_sites.fract_transf_matrix[3][2]   0.00425838 
_atom_sites.fract_transf_matrix[3][3]   0.00040082 
_atom_sites.fract_transf_vector[1]      0.770691 
_atom_sites.fract_transf_vector[2]      0.193528 
_atom_sites.fract_transf_vector[3]      0.229432 
# 
loop_
_atom_type.symbol 
C  
CL 
N  
O  
PT 
S  
# 
loop_
_atom_site.group_PDB 
_atom_site.id 
_atom_site.type_symbol 
_atom_site.label_atom_id 
_atom_site.label_alt_id 
_atom_site.label_comp_id 
_atom_site.label_asym_id 
_atom_site.label_entity_id 
_atom_site.label_seq_id 
_atom_site.pdbx_PDB_ins_code 
_atom_site.Cartn_x 
_atom_site.Cartn_y 
_atom_site.Cartn_z 
_atom_site.occupancy 
_atom_site.B_iso_or_equiv 
_atom_site.pdbx_formal_charge 
_atom_site.auth_seq_id 
_atom_site.auth_comp_id 
_atom_site.auth_asym_id 
_atom_site.auth_atom_id 
_atom_site.pdbx_PDB_model_num 
ATOM   1    N  N   . ALA A 1 1   ? -22.807 -9.420  -10.475 1.00 32.50  ? 1    ALA A N   1 
ATOM   2    C  CA  . ALA A 1 1   ? -21.483 -8.820  -10.212 1.00 31.12  ? 1    ALA A CA  1 
ATOM   3    C  C   . ALA A 1 1   ? -21.519 -7.828  -9.062  1.00 35.33  ? 1    ALA A C   1 
ATOM   4    O  O   . ALA A 1 1   ? -22.526 -7.136  -8.845  1.00 31.94  ? 1    ALA A O   1 
ATOM   5    C  CB  . ALA A 1 1   ? -20.845 -8.112  -11.439 1.00 33.74  ? 1    ALA A CB  1 
ATOM   6    N  N   . THR A 1 2   ? -20.414 -7.779  -8.276  1.00 26.22  ? 2    THR A N   1 
ATOM   7    C  CA  . THR A 1 2   ? -20.343 -6.878  -7.135  1.00 28.91  ? 2    THR A CA  1 
ATOM   8    C  C   . THR A 1 2   ? -18.961 -6.259  -7.124  1.00 33.25  ? 2    THR A C   1 
ATOM   9    O  O   . THR A 1 2   ? -17.992 -6.834  -7.664  1.00 31.04  ? 2    THR A O   1 
ATOM   10   C  CB  . THR A 1 2   ? -20.555 -7.594  -5.777  1.00 35.23  ? 2    THR A CB  1 
ATOM   11   O  OG1 . THR A 1 2   ? -19.620 -8.699  -5.610  1.00 30.83  ? 2    THR A OG1 1 
ATOM   12   C  CG2 . THR A 1 2   ? -21.988 -8.126  -5.613  1.00 33.51  ? 2    THR A CG2 1 
ATOM   13   N  N   . SER A 1 3   ? -18.845 -5.186  -6.380  1.00 25.65  ? 3    SER A N   1 
ATOM   14   C  CA  . SER A 1 3   ? -17.612 -4.517  -6.182  1.00 29.98  ? 3    SER A CA  1 
ATOM   15   C  C   . SER A 1 3   ? -17.399 -4.273  -4.661  1.00 28.22  ? 3    SER A C   1 
ATOM   16   O  O   . SER A 1 3   ? -18.354 -4.007  -3.925  1.00 30.82  ? 3    SER A O   1 
ATOM   17   C  CB  A SER A 1 3   ? -17.476 -3.165  -6.863  0.50 26.82  ? 3    SER A CB  1 
ATOM   18   C  CB  B SER A 1 3   ? -17.647 -3.169  -6.903  0.50 29.72  ? 3    SER A CB  1 
ATOM   19   O  OG  A SER A 1 3   ? -17.495 -3.203  -8.270  0.50 22.91  ? 3    SER A OG  1 
ATOM   20   O  OG  B SER A 1 3   ? -16.403 -2.544  -6.898  0.50 26.54  ? 3    SER A OG  1 
ATOM   21   N  N   . THR A 1 4   ? -16.130 -4.291  -4.327  1.00 26.94  ? 4    THR A N   1 
ATOM   22   C  CA  . THR A 1 4   ? -15.762 -4.002  -2.933  1.00 27.88  ? 4    THR A CA  1 
ATOM   23   C  C   . THR A 1 4   ? -14.715 -2.939  -2.938  1.00 25.86  ? 4    THR A C   1 
ATOM   24   O  O   . THR A 1 4   ? -13.625 -3.047  -3.519  1.00 27.43  ? 4    THR A O   1 
ATOM   25   C  CB  . THR A 1 4   ? -15.199 -5.243  -2.159  1.00 25.03  ? 4    THR A CB  1 
ATOM   26   O  OG1 . THR A 1 4   ? -16.232 -6.204  -2.154  1.00 27.05  ? 4    THR A OG1 1 
ATOM   27   C  CG2 . THR A 1 4   ? -14.848 -4.773  -0.695  1.00 24.94  ? 4    THR A CG2 1 
ATOM   28   N  N   . VAL A 1 5   ? -15.074 -1.857  -2.235  1.00 24.31  ? 5    VAL A N   1 
ATOM   29   C  CA  . VAL A 1 5   ? -14.211 -0.748  -2.096  1.00 26.00  ? 5    VAL A CA  1 
ATOM   30   C  C   . VAL A 1 5   ? -13.773 -0.584  -0.615  1.00 28.72  ? 5    VAL A C   1 
ATOM   31   O  O   . VAL A 1 5   ? -14.612 -0.444  0.267   1.00 30.06  ? 5    VAL A O   1 
ATOM   32   C  CB  . VAL A 1 5   ? -14.893 0.570   -2.594  1.00 32.86  ? 5    VAL A CB  1 
ATOM   33   C  CG1 . VAL A 1 5   ? -13.938 1.721   -2.405  1.00 39.70  ? 5    VAL A CG1 1 
ATOM   34   C  CG2 . VAL A 1 5   ? -15.285 0.419   -4.082  1.00 36.15  ? 5    VAL A CG2 1 
ATOM   35   N  N   . THR A 1 6   ? -12.455 -0.659  -0.380  1.00 26.73  ? 6    THR A N   1 
ATOM   36   C  CA  . THR A 1 6   ? -11.984 -0.567  1.028   1.00 27.74  ? 6    THR A CA  1 
ATOM   37   C  C   . THR A 1 6   ? -10.947 0.518   1.082   1.00 29.34  ? 6    THR A C   1 
ATOM   38   O  O   . THR A 1 6   ? -10.159 0.817   0.167   1.00 32.17  ? 6    THR A O   1 
ATOM   39   C  CB  . THR A 1 6   ? -11.387 -1.904  1.595   1.00 26.49  ? 6    THR A CB  1 
ATOM   40   O  OG1 . THR A 1 6   ? -10.283 -2.357  0.709   1.00 26.67  ? 6    THR A OG1 1 
ATOM   41   C  CG2 . THR A 1 6   ? -12.360 -3.041  1.622   1.00 26.41  ? 6    THR A CG2 1 
ATOM   42   N  N   . GLY A 1 7   ? -10.736 1.031   2.315   1.00 32.10  ? 7    GLY A N   1 
ATOM   43   C  CA  . GLY A 1 7   ? -9.722  1.996   2.578   1.00 30.19  ? 7    GLY A CA  1 
ATOM   44   C  C   . GLY A 1 7   ? -9.326  1.974   4.078   1.00 29.70  ? 7    GLY A C   1 
ATOM   45   O  O   . GLY A 1 7   ? -10.127 1.625   4.929   1.00 27.43  ? 7    GLY A O   1 
ATOM   46   N  N   . GLY A 1 8   ? -8.092  2.322   4.298   1.00 34.08  ? 8    GLY A N   1 
ATOM   47   C  CA  . GLY A 1 8   ? -7.595  2.346   5.697   1.00 36.23  ? 8    GLY A CA  1 
ATOM   48   C  C   . GLY A 1 8   ? -6.179  2.827   5.757   1.00 32.35  ? 8    GLY A C   1 
ATOM   49   O  O   . GLY A 1 8   ? -5.473  3.322   4.878   1.00 33.37  ? 8    GLY A O   1 
ATOM   50   N  N   . TYR A 1 9   ? -5.678  2.755   7.006   1.00 34.82  ? 9    TYR A N   1 
ATOM   51   C  CA  . TYR A 1 9   ? -4.325  3.141   7.366   1.00 34.60  ? 9    TYR A CA  1 
ATOM   52   C  C   . TYR A 1 9   ? -3.301  2.183   6.776   1.00 34.22  ? 9    TYR A C   1 
ATOM   53   O  O   . TYR A 1 9   ? -3.485  1.020   6.611   1.00 31.58  ? 9    TYR A O   1 
ATOM   54   C  CB  . TYR A 1 9   ? -4.304  3.174   8.939   1.00 36.55  ? 9    TYR A CB  1 
ATOM   55   C  CG  . TYR A 1 9   ? -2.935  3.595   9.432   1.00 42.80  ? 9    TYR A CG  1 
ATOM   56   C  CD1 . TYR A 1 9   ? -2.564  4.948   9.327   1.00 39.56  ? 9    TYR A CD1 1 
ATOM   57   C  CD2 . TYR A 1 9   ? -2.037  2.689   9.967   1.00 37.23  ? 9    TYR A CD2 1 
ATOM   58   C  CE1 . TYR A 1 9   ? -1.319  5.330   9.744   1.00 42.79  ? 9    TYR A CE1 1 
ATOM   59   C  CE2 . TYR A 1 9   ? -0.784  3.098   10.399  1.00 43.73  ? 9    TYR A CE2 1 
ATOM   60   C  CZ  . TYR A 1 9   ? -0.435  4.427   10.277  1.00 40.90  ? 9    TYR A CZ  1 
ATOM   61   O  OH  . TYR A 1 9   ? 0.806   4.838   10.696  1.00 39.84  ? 9    TYR A OH  1 
ATOM   62   N  N   . ALA A 1 10  ? -2.204  2.704   6.269   1.00 30.45  ? 10   ALA A N   1 
ATOM   63   C  CA  . ALA A 1 10  ? -1.058  1.984   5.789   1.00 30.72  ? 10   ALA A CA  1 
ATOM   64   C  C   . ALA A 1 10  ? 0.182   2.469   6.544   1.00 36.97  ? 10   ALA A C   1 
ATOM   65   O  O   . ALA A 1 10  ? 0.249   3.698   6.825   1.00 36.49  ? 10   ALA A O   1 
ATOM   66   C  CB  . ALA A 1 10  ? -0.766  2.146   4.300   1.00 30.03  ? 10   ALA A CB  1 
ATOM   67   N  N   . GLN A 1 11  ? 1.113   1.583   6.818   1.00 32.37  ? 11   GLN A N   1 
ATOM   68   C  CA  . GLN A 1 11  ? 2.348   1.993   7.505   1.00 31.31  ? 11   GLN A CA  1 
ATOM   69   C  C   . GLN A 1 11  ? 3.543   1.205   6.967   1.00 34.02  ? 11   GLN A C   1 
ATOM   70   O  O   . GLN A 1 11  ? 3.580   -0.045  6.864   1.00 32.52  ? 11   GLN A O   1 
ATOM   71   C  CB  . GLN A 1 11  ? 2.196   1.861   9.035   1.00 33.99  ? 11   GLN A CB  1 
ATOM   72   C  CG  . GLN A 1 11  ? 3.455   2.398   9.735   1.00 36.77  ? 11   GLN A CG  1 
ATOM   73   C  CD  . GLN A 1 11  ? 3.249   2.249   11.258  1.00 40.37  ? 11   GLN A CD  1 
ATOM   74   O  OE1 . GLN A 1 11  ? 3.858   1.353   11.854  1.00 47.61  ? 11   GLN A OE1 1 
ATOM   75   N  NE2 . GLN A 1 11  ? 2.376   3.069   11.791  1.00 35.41  ? 11   GLN A NE2 1 
ATOM   76   N  N   . SER A 1 12  ? 4.518   1.939   6.496   1.00 31.63  ? 12   SER A N   1 
ATOM   77   C  CA  . SER A 1 12  ? 5.709   1.470   5.858   1.00 34.83  ? 12   SER A CA  1 
ATOM   78   C  C   . SER A 1 12  ? 6.923   1.566   6.834   1.00 46.68  ? 12   SER A C   1 
ATOM   79   O  O   . SER A 1 12  ? 6.984   2.425   7.729   1.00 41.44  ? 12   SER A O   1 
ATOM   80   C  CB  . SER A 1 12  ? 6.100   2.224   4.584   1.00 38.04  ? 12   SER A CB  1 
ATOM   81   O  OG  . SER A 1 12  ? 5.141   2.314   3.540   1.00 38.11  ? 12   SER A OG  1 
ATOM   82   N  N   . ASP A 1 13  ? 7.815   0.629   6.506   1.00 48.86  ? 13   ASP A N   1 
ATOM   83   C  CA  . ASP A 1 13  ? 9.079   0.529   7.223   1.00 56.56  ? 13   ASP A CA  1 
ATOM   84   C  C   . ASP A 1 13  ? 10.125  0.013   6.225   1.00 56.21  ? 13   ASP A C   1 
ATOM   85   O  O   . ASP A 1 13  ? 9.845   -0.857  5.409   1.00 50.37  ? 13   ASP A O   1 
ATOM   86   C  CB  . ASP A 1 13  ? 8.990   -0.455  8.415   1.00 62.15  ? 13   ASP A CB  1 
ATOM   87   C  CG  . ASP A 1 13  ? 9.924   -0.004  9.543   1.00 71.34  ? 13   ASP A CG  1 
ATOM   88   O  OD1 . ASP A 1 13  ? 10.748  0.917   9.315   1.00 68.54  ? 13   ASP A OD1 1 
ATOM   89   O  OD2 . ASP A 1 13  ? 9.814   -0.561  10.664  1.00 71.23  ? 13   ASP A OD2 1 
ATOM   90   N  N   . ALA A 1 14  ? 11.278  0.676   6.154   1.00 59.49  ? 14   ALA A N   1 
ATOM   91   C  CA  . ALA A 1 14  ? 12.285  0.158   5.192   1.00 61.97  ? 14   ALA A CA  1 
ATOM   92   C  C   . ALA A 1 14  ? 13.455  -0.448  5.957   1.00 69.34  ? 14   ALA A C   1 
ATOM   93   O  O   . ALA A 1 14  ? 13.734  -0.001  7.085   1.00 65.13  ? 14   ALA A O   1 
ATOM   94   C  CB  . ALA A 1 14  ? 12.758  1.287   4.283   1.00 62.71  ? 14   ALA A CB  1 
ATOM   95   N  N   . GLN A 1 15  ? 14.139  -1.445  5.373   1.00 77.31  ? 15   GLN A N   1 
ATOM   96   C  CA  . GLN A 1 15  ? 15.345  -1.931  6.105   1.00 86.74  ? 15   GLN A CA  1 
ATOM   97   C  C   . GLN A 1 15  ? 16.230  -0.694  6.192   1.00 90.05  ? 15   GLN A C   1 
ATOM   98   O  O   . GLN A 1 15  ? 15.947  0.296   5.473   1.00 94.16  ? 15   GLN A O   1 
ATOM   99   C  CB  . GLN A 1 15  ? 16.018  -3.097  5.427   1.00 90.50  ? 15   GLN A CB  1 
ATOM   100  C  CG  . GLN A 1 15  ? 15.585  -3.318  3.983   1.00 95.89  ? 15   GLN A CG  1 
ATOM   101  C  CD  . GLN A 1 15  ? 16.764  -3.469  3.033   1.00 100.86 ? 15   GLN A CD  1 
ATOM   102  O  OE1 . GLN A 1 15  ? 17.030  -4.523  2.461   1.00 103.43 ? 15   GLN A OE1 1 
ATOM   103  N  NE2 . GLN A 1 15  ? 17.443  -2.341  2.845   1.00 100.09 ? 15   GLN A NE2 1 
ATOM   104  N  N   . GLY A 1 16  ? 17.261  -0.666  7.025   1.00 92.01  ? 16   GLY A N   1 
ATOM   105  C  CA  . GLY A 1 16  ? 18.065  0.588   7.074   1.00 97.09  ? 16   GLY A CA  1 
ATOM   106  C  C   . GLY A 1 16  ? 17.218  1.564   7.913   1.00 98.70  ? 16   GLY A C   1 
ATOM   107  O  O   . GLY A 1 16  ? 15.983  1.580   7.795   1.00 102.11 ? 16   GLY A O   1 
ATOM   108  N  N   . GLN A 1 17  ? 17.826  2.347   8.793   1.00 99.50  ? 17   GLN A N   1 
ATOM   109  C  CA  . GLN A 1 17  ? 17.075  3.241   9.660   1.00 96.91  ? 17   GLN A CA  1 
ATOM   110  C  C   . GLN A 1 17  ? 16.231  4.305   8.966   1.00 96.11  ? 17   GLN A C   1 
ATOM   111  O  O   . GLN A 1 17  ? 16.615  5.452   8.781   1.00 98.45  ? 17   GLN A O   1 
ATOM   112  C  CB  . GLN A 1 17  ? 17.930  3.908   10.735  1.00 99.16  ? 17   GLN A CB  1 
ATOM   113  C  CG  . GLN A 1 17  ? 17.900  3.225   12.104  1.00 97.01  ? 17   GLN A CG  1 
ATOM   114  C  CD  . GLN A 1 17  ? 18.610  4.057   13.159  1.00 97.01  ? 17   GLN A CD  1 
ATOM   115  O  OE1 . GLN A 1 17  ? 19.809  4.323   13.028  1.00 95.73  ? 17   GLN A OE1 1 
ATOM   116  N  NE2 . GLN A 1 17  ? 17.881  4.474   14.200  1.00 93.51  ? 17   GLN A NE2 1 
ATOM   117  N  N   . MET A 1 18  ? 15.026  3.933   8.600   1.00 92.10  ? 18   MET A N   1 
ATOM   118  C  CA  . MET A 1 18  ? 14.021  4.785   7.947   1.00 85.67  ? 18   MET A CA  1 
ATOM   119  C  C   . MET A 1 18  ? 12.712  4.433   8.665   1.00 87.78  ? 18   MET A C   1 
ATOM   120  O  O   . MET A 1 18  ? 11.979  3.523   8.280   1.00 91.49  ? 18   MET A O   1 
ATOM   121  C  CB  . MET A 1 18  ? 14.019  4.565   6.444   1.00 80.06  ? 18   MET A CB  1 
ATOM   122  C  CG  . MET A 1 18  ? 12.737  5.009   5.753   1.00 70.54  ? 18   MET A CG  1 
ATOM   123  S  SD  . MET A 1 18  ? 13.014  5.982   4.262   1.00 66.32  ? 18   MET A SD  1 
ATOM   124  C  CE  . MET A 1 18  ? 13.658  4.771   3.105   1.00 68.03  ? 18   MET A CE  1 
ATOM   125  N  N   . ASN A 1 19  ? 12.570  5.032   9.864   1.00 86.11  ? 19   ASN A N   1 
ATOM   126  C  CA  . ASN A 1 19  ? 11.472  4.662   10.756  1.00 81.10  ? 19   ASN A CA  1 
ATOM   127  C  C   . ASN A 1 19  ? 10.118  4.596   10.068  1.00 73.59  ? 19   ASN A C   1 
ATOM   128  O  O   . ASN A 1 19  ? 9.904   4.908   8.895   1.00 77.69  ? 19   ASN A O   1 
ATOM   129  C  CB  . ASN A 1 19  ? 11.457  5.544   12.023  1.00 81.12  ? 19   ASN A CB  1 
ATOM   130  C  CG  . ASN A 1 19  ? 10.597  4.952   13.131  1.00 82.24  ? 19   ASN A CG  1 
ATOM   131  O  OD1 . ASN A 1 19  ? 9.989   5.654   13.948  1.00 83.36  ? 19   ASN A OD1 1 
ATOM   132  N  ND2 . ASN A 1 19  ? 10.488  3.629   13.128  1.00 81.52  ? 19   ASN A ND2 1 
ATOM   133  N  N   . LYS A 1 20  ? 9.122   4.168   10.819  1.00 65.78  ? 20   LYS A N   1 
ATOM   134  C  CA  . LYS A 1 20  ? 7.739   4.036   10.415  1.00 58.80  ? 20   LYS A CA  1 
ATOM   135  C  C   . LYS A 1 20  ? 7.320   5.293   9.641   1.00 58.75  ? 20   LYS A C   1 
ATOM   136  O  O   . LYS A 1 20  ? 7.748   6.398   9.939   1.00 54.92  ? 20   LYS A O   1 
ATOM   137  C  CB  . LYS A 1 20  ? 6.868   3.846   11.666  1.00 67.45  ? 20   LYS A CB  1 
ATOM   138  C  CG  . LYS A 1 20  ? 7.446   2.795   12.648  1.00 67.24  ? 20   LYS A CG  1 
ATOM   139  C  CD  . LYS A 1 20  ? 7.709   1.469   11.966  1.00 66.99  ? 20   LYS A CD  1 
ATOM   140  C  CE  . LYS A 1 20  ? 7.872   0.342   12.987  1.00 74.00  ? 20   LYS A CE  1 
ATOM   141  N  NZ  . LYS A 1 20  ? 7.708   -0.988  12.326  1.00 67.89  ? 20   LYS A NZ  1 
ATOM   142  N  N   . MET A 1 21  ? 6.497   5.082   8.650   1.00 49.30  ? 21   MET A N   1 
ATOM   143  C  CA  . MET A 1 21  ? 5.969   6.111   7.743   1.00 41.74  ? 21   MET A CA  1 
ATOM   144  C  C   . MET A 1 21  ? 4.520   5.798   7.435   1.00 44.13  ? 21   MET A C   1 
ATOM   145  O  O   . MET A 1 21  ? 4.188   4.728   6.938   1.00 42.07  ? 21   MET A O   1 
ATOM   146  C  CB  . MET A 1 21  ? 6.941   5.937   6.598   1.00 44.42  ? 21   MET A CB  1 
ATOM   147  C  CG  . MET A 1 21  ? 6.570   6.380   5.205   1.00 50.76  ? 21   MET A CG  1 
ATOM   148  S  SD  . MET A 1 21  ? 8.031   5.955   4.211   1.00 51.66  ? 21   MET A SD  1 
ATOM   149  C  CE  . MET A 1 21  ? 7.682   6.761   2.644   1.00 47.75  ? 21   MET A CE  1 
ATOM   150  N  N   . GLY A 1 22  ? 3.635   6.686   7.863   1.00 38.61  ? 22   GLY A N   1 
ATOM   151  C  CA  . GLY A 1 22  ? 2.206   6.481   7.805   1.00 38.42  ? 22   GLY A CA  1 
ATOM   152  C  C   . GLY A 1 22  ? 1.533   6.979   6.551   1.00 41.86  ? 22   GLY A C   1 
ATOM   153  O  O   . GLY A 1 22  ? 1.997   7.891   5.862   1.00 36.23  ? 22   GLY A O   1 
ATOM   154  N  N   . GLY A 1 23  ? 0.384   6.365   6.250   1.00 35.13  ? 23   GLY A N   1 
ATOM   155  C  CA  . GLY A 1 23  ? -0.327  6.773   5.038   1.00 36.82  ? 23   GLY A CA  1 
ATOM   156  C  C   . GLY A 1 23  ? -1.702  6.114   4.984   1.00 34.95  ? 23   GLY A C   1 
ATOM   157  O  O   . GLY A 1 23  ? -2.356  5.907   6.003   1.00 34.01  ? 23   GLY A O   1 
ATOM   158  N  N   . PHE A 1 24  ? -2.011  5.676   3.724   1.00 33.60  ? 24   PHE A N   1 
ATOM   159  C  CA  . PHE A 1 24  ? -3.301  5.112   3.536   1.00 30.81  ? 24   PHE A CA  1 
ATOM   160  C  C   . PHE A 1 24  ? -3.198  4.121   2.327   1.00 26.94  ? 24   PHE A C   1 
ATOM   161  O  O   . PHE A 1 24  ? -2.222  4.074   1.596   1.00 28.87  ? 24   PHE A O   1 
ATOM   162  C  CB  . PHE A 1 24  ? -4.426  6.151   3.313   1.00 34.71  ? 24   PHE A CB  1 
ATOM   163  C  CG  . PHE A 1 24  ? -4.291  6.891   1.997   1.00 34.65  ? 24   PHE A CG  1 
ATOM   164  C  CD1 . PHE A 1 24  ? -4.925  6.387   0.862   1.00 34.62  ? 24   PHE A CD1 1 
ATOM   165  C  CD2 . PHE A 1 24  ? -3.602  8.071   1.940   1.00 38.85  ? 24   PHE A CD2 1 
ATOM   166  C  CE1 . PHE A 1 24  ? -4.739  7.089   -0.359  1.00 36.21  ? 24   PHE A CE1 1 
ATOM   167  C  CE2 . PHE A 1 24  ? -3.428  8.787   0.739   1.00 41.54  ? 24   PHE A CE2 1 
ATOM   168  C  CZ  . PHE A 1 24  ? -4.026  8.289   -0.398  1.00 38.58  ? 24   PHE A CZ  1 
ATOM   169  N  N   . ASN A 1 25  ? -4.226  3.349   2.194   1.00 26.44  ? 25   ASN A N   1 
ATOM   170  C  CA  . ASN A 1 25  ? -4.343  2.399   1.101   1.00 30.37  ? 25   ASN A CA  1 
ATOM   171  C  C   . ASN A 1 25  ? -5.804  2.410   0.672   1.00 28.06  ? 25   ASN A C   1 
ATOM   172  O  O   . ASN A 1 25  ? -6.753  2.578   1.495   1.00 30.94  ? 25   ASN A O   1 
ATOM   173  C  CB  . ASN A 1 25  ? -3.974  0.944   1.531   1.00 28.54  ? 25   ASN A CB  1 
ATOM   174  C  CG  . ASN A 1 25  ? -4.368  -0.075  0.491   1.00 22.74  ? 25   ASN A CG  1 
ATOM   175  O  OD1 . ASN A 1 25  ? -5.396  -0.730  0.652   1.00 28.02  ? 25   ASN A OD1 1 
ATOM   176  N  ND2 . ASN A 1 25  ? -3.548  -0.255  -0.567  1.00 27.58  ? 25   ASN A ND2 1 
ATOM   177  N  N   . LEU A 1 26  ? -6.102  2.192   -0.597  1.00 30.17  ? 26   LEU A N   1 
ATOM   178  C  CA  . LEU A 1 26  ? -7.462  2.043   -1.137  1.00 27.64  ? 26   LEU A CA  1 
ATOM   179  C  C   . LEU A 1 26  ? -7.417  0.775   -2.061  1.00 25.46  ? 26   LEU A C   1 
ATOM   180  O  O   . LEU A 1 26  ? -6.377  0.723   -2.792  1.00 26.09  ? 26   LEU A O   1 
ATOM   181  C  CB  . LEU A 1 26  ? -7.732  3.261   -2.091  1.00 33.09  ? 26   LEU A CB  1 
ATOM   182  C  CG  . LEU A 1 26  ? -7.824  4.596   -1.331  1.00 44.49  ? 26   LEU A CG  1 
ATOM   183  C  CD1 . LEU A 1 26  ? -8.092  5.752   -2.313  1.00 45.00  ? 26   LEU A CD1 1 
ATOM   184  C  CD2 . LEU A 1 26  ? -8.931  4.555   -0.265  1.00 42.41  ? 26   LEU A CD2 1 
ATOM   185  N  N   . LYS A 1 27  ? -8.382  -0.012  -2.062  1.00 25.95  ? 27   LYS A N   1 
ATOM   186  C  CA  . LYS A 1 27  ? -8.450  -1.139  -2.980  1.00 28.27  ? 27   LYS A CA  1 
ATOM   187  C  C   . LYS A 1 27  ? -9.863  -1.111  -3.547  1.00 23.64  ? 27   LYS A C   1 
ATOM   188  O  O   . LYS A 1 27  ? -10.899 -0.801  -2.933  1.00 26.65  ? 27   LYS A O   1 
ATOM   189  C  CB  . LYS A 1 27  ? -8.218  -2.557  -2.369  1.00 20.65  ? 27   LYS A CB  1 
ATOM   190  C  CG  . LYS A 1 27  ? -6.783  -2.539  -1.700  1.00 27.13  ? 27   LYS A CG  1 
ATOM   191  C  CD  . LYS A 1 27  ? -6.329  -4.006  -1.450  1.00 27.49  ? 27   LYS A CD  1 
ATOM   192  C  CE  . LYS A 1 27  ? -4.933  -4.069  -0.774  1.00 25.79  ? 27   LYS A CE  1 
ATOM   193  N  NZ  . LYS A 1 27  ? -5.085  -3.663  0.683   1.00 23.93  ? 27   LYS A NZ  1 
ATOM   194  N  N   . TYR A 1 28  ? -9.893  -1.494  -4.826  1.00 25.26  ? 28   TYR A N   1 
ATOM   195  C  CA  . TYR A 1 28  ? -11.135 -1.725  -5.576  1.00 23.61  ? 28   TYR A CA  1 
ATOM   196  C  C   . TYR A 1 28  ? -11.070 -3.138  -6.108  1.00 23.77  ? 28   TYR A C   1 
ATOM   197  O  O   . TYR A 1 28  ? -10.192 -3.555  -6.878  1.00 26.91  ? 28   TYR A O   1 
ATOM   198  C  CB  A TYR A 1 28  ? -11.072 -0.709  -6.775  0.35 21.72  ? 28   TYR A CB  1 
ATOM   199  C  CB  B TYR A 1 28  ? -11.145 -0.767  -6.839  0.65 31.51  ? 28   TYR A CB  1 
ATOM   200  C  CG  A TYR A 1 28  ? -11.121 0.708   -6.266  0.35 17.90  ? 28   TYR A CG  1 
ATOM   201  C  CG  B TYR A 1 28  ? -12.344 -1.124  -7.722  0.65 41.82  ? 28   TYR A CG  1 
ATOM   202  C  CD1 A TYR A 1 28  ? -12.309 1.388   -6.035  0.35 31.57  ? 28   TYR A CD1 1 
ATOM   203  C  CD1 B TYR A 1 28  ? -13.602 -0.556  -7.472  0.65 52.23  ? 28   TYR A CD1 1 
ATOM   204  C  CD2 A TYR A 1 28  ? -9.932  1.369   -5.993  0.35 29.55  ? 28   TYR A CD2 1 
ATOM   205  C  CD2 B TYR A 1 28  ? -12.226 -2.045  -8.774  0.65 47.49  ? 28   TYR A CD2 1 
ATOM   206  C  CE1 A TYR A 1 28  ? -12.308 2.697   -5.559  0.35 34.63  ? 28   TYR A CE1 1 
ATOM   207  C  CE1 B TYR A 1 28  ? -14.690 -0.891  -8.272  0.65 53.93  ? 28   TYR A CE1 1 
ATOM   208  C  CE2 A TYR A 1 28  ? -9.912  2.656   -5.507  0.35 34.73  ? 28   TYR A CE2 1 
ATOM   209  C  CE2 B TYR A 1 28  ? -13.310 -2.354  -9.581  0.65 47.55  ? 28   TYR A CE2 1 
ATOM   210  C  CZ  A TYR A 1 28  ? -11.118 3.315   -5.301  0.35 34.00  ? 28   TYR A CZ  1 
ATOM   211  C  CZ  B TYR A 1 28  ? -14.540 -1.786  -9.315  0.65 49.39  ? 28   TYR A CZ  1 
ATOM   212  O  OH  A TYR A 1 28  ? -11.094 4.605   -4.838  0.35 38.81  ? 28   TYR A OH  1 
ATOM   213  O  OH  B TYR A 1 28  ? -15.668 -2.072  -10.050 0.65 54.50  ? 28   TYR A OH  1 
ATOM   214  N  N   . ARG A 1 29  ? -12.085 -3.906  -5.664  1.00 21.48  ? 29   ARG A N   1 
ATOM   215  C  CA  . ARG A 1 29  ? -12.146 -5.315  -6.042  1.00 21.89  ? 29   ARG A CA  1 
ATOM   216  C  C   . ARG A 1 29  ? -13.429 -5.483  -6.840  1.00 26.38  ? 29   ARG A C   1 
ATOM   217  O  O   . ARG A 1 29  ? -14.519 -4.943  -6.516  1.00 30.12  ? 29   ARG A O   1 
ATOM   218  C  CB  . ARG A 1 29  ? -12.281 -6.105  -4.693  1.00 20.78  ? 29   ARG A CB  1 
ATOM   219  C  CG  . ARG A 1 29  ? -12.378 -7.579  -4.881  1.00 26.03  ? 29   ARG A CG  1 
ATOM   220  C  CD  . ARG A 1 29  ? -12.576 -8.401  -3.575  1.00 26.78  ? 29   ARG A CD  1 
ATOM   221  N  NE  . ARG A 1 29  ? -12.781 -9.830  -3.983  1.00 24.70  ? 29   ARG A NE  1 
ATOM   222  C  CZ  . ARG A 1 29  ? -13.112 -10.707 -3.040  1.00 24.43  ? 29   ARG A CZ  1 
ATOM   223  N  NH1 . ARG A 1 29  ? -13.258 -10.486 -1.740  1.00 27.13  ? 29   ARG A NH1 1 
ATOM   224  N  NH2 . ARG A 1 29  ? -13.376 -11.958 -3.355  1.00 25.92  ? 29   ARG A NH2 1 
ATOM   225  N  N   . TYR A 1 30  ? -13.399 -6.388  -7.790  1.00 26.28  ? 30   TYR A N   1 
ATOM   226  C  CA  . TYR A 1 30  ? -14.548 -6.791  -8.582  1.00 27.37  ? 30   TYR A CA  1 
ATOM   227  C  C   . TYR A 1 30  ? -14.750 -8.300  -8.600  1.00 28.47  ? 30   TYR A C   1 
ATOM   228  O  O   . TYR A 1 30  ? -13.778 -9.014  -8.688  1.00 26.93  ? 30   TYR A O   1 
ATOM   229  C  CB  . TYR A 1 30  ? -14.413 -6.320  -10.014 1.00 35.66  ? 30   TYR A CB  1 
ATOM   230  C  CG  . TYR A 1 30  ? -15.752 -6.248  -10.728 1.00 55.36  ? 30   TYR A CG  1 
ATOM   231  C  CD1 . TYR A 1 30  ? -16.532 -5.106  -10.519 1.00 65.36  ? 30   TYR A CD1 1 
ATOM   232  C  CD2 . TYR A 1 30  ? -16.237 -7.244  -11.545 1.00 64.06  ? 30   TYR A CD2 1 
ATOM   233  C  CE1 . TYR A 1 30  ? -17.767 -4.980  -11.142 1.00 65.88  ? 30   TYR A CE1 1 
ATOM   234  C  CE2 . TYR A 1 30  ? -17.469 -7.120  -12.177 1.00 72.09  ? 30   TYR A CE2 1 
ATOM   235  C  CZ  . TYR A 1 30  ? -18.227 -5.984  -11.963 1.00 71.41  ? 30   TYR A CZ  1 
ATOM   236  O  OH  . TYR A 1 30  ? -19.459 -5.820  -12.564 1.00 77.12  ? 30   TYR A OH  1 
ATOM   237  N  N   . GLU A 1 31  ? -16.014 -8.710  -8.450  1.00 23.48  ? 31   GLU A N   1 
ATOM   238  C  CA  . GLU A 1 31  ? -16.305 -10.121 -8.480  1.00 22.46  ? 31   GLU A CA  1 
ATOM   239  C  C   . GLU A 1 31  ? -17.463 -10.375 -9.420  1.00 27.40  ? 31   GLU A C   1 
ATOM   240  O  O   . GLU A 1 31  ? -18.346 -9.472  -9.590  1.00 29.33  ? 31   GLU A O   1 
ATOM   241  C  CB  . GLU A 1 31  ? -16.894 -10.534 -7.042  1.00 25.33  ? 31   GLU A CB  1 
ATOM   242  C  CG  . GLU A 1 31  ? -15.843 -10.472 -5.924  1.00 32.43  ? 31   GLU A CG  1 
ATOM   243  C  CD  . GLU A 1 31  ? -16.469 -11.015 -4.600  1.00 28.91  ? 31   GLU A CD  1 
ATOM   244  O  OE1 . GLU A 1 31  ? -16.837 -12.201 -4.597  1.00 29.83  ? 31   GLU A OE1 1 
ATOM   245  O  OE2 . GLU A 1 31  ? -16.567 -10.192 -3.668  1.00 30.35  ? 31   GLU A OE2 1 
ATOM   246  N  N   . GLU A 1 32  ? -17.563 -11.562 -9.949  1.00 27.09  ? 32   GLU A N   1 
ATOM   247  C  CA  . GLU A 1 32  ? -18.716 -11.953 -10.722 1.00 32.01  ? 32   GLU A CA  1 
ATOM   248  C  C   . GLU A 1 32  ? -19.569 -12.779 -9.747  1.00 37.64  ? 32   GLU A C   1 
ATOM   249  O  O   . GLU A 1 32  ? -18.980 -13.353 -8.802  1.00 29.40  ? 32   GLU A O   1 
ATOM   250  C  CB  . GLU A 1 32  ? -18.587 -12.604 -12.075 1.00 35.15  ? 32   GLU A CB  1 
ATOM   251  C  CG  . GLU A 1 32  ? -17.399 -13.507 -12.275 1.00 42.65  ? 32   GLU A CG  1 
ATOM   252  C  CD  . GLU A 1 32  ? -17.290 -14.070 -13.699 1.00 40.59  ? 32   GLU A CD  1 
ATOM   253  O  OE1 . GLU A 1 32  ? -18.333 -14.416 -14.285 1.00 34.91  ? 32   GLU A OE1 1 
ATOM   254  O  OE2 . GLU A 1 32  ? -16.152 -14.313 -14.122 1.00 32.20  ? 32   GLU A OE2 1 
ATOM   255  N  N   . ASP A 1 33  ? -20.881 -12.869 -9.969  1.00 33.72  ? 33   ASP A N   1 
ATOM   256  C  CA  . ASP A 1 33  ? -21.721 -13.628 -9.026  1.00 34.63  ? 33   ASP A CA  1 
ATOM   257  C  C   . ASP A 1 33  ? -21.518 -15.108 -9.128  1.00 38.70  ? 33   ASP A C   1 
ATOM   258  O  O   . ASP A 1 33  ? -21.803 -15.829 -8.186  1.00 38.94  ? 33   ASP A O   1 
ATOM   259  C  CB  . ASP A 1 33  ? -23.227 -13.313 -9.285  1.00 38.16  ? 33   ASP A CB  1 
ATOM   260  C  CG  . ASP A 1 33  ? -23.548 -11.876 -9.018  1.00 41.86  ? 33   ASP A CG  1 
ATOM   261  O  OD1 . ASP A 1 33  ? -22.776 -11.144 -8.382  1.00 35.61  ? 33   ASP A OD1 1 
ATOM   262  O  OD2 . ASP A 1 33  ? -24.622 -11.374 -9.485  1.00 50.18  ? 33   ASP A OD2 1 
ATOM   263  N  N   . ASN A 1 34  ? -21.062 -15.538 -10.349 1.00 37.47  ? 34   ASN A N   1 
ATOM   264  C  CA  . ASN A 1 34  ? -20.839 -16.935 -10.547 1.00 36.46  ? 34   ASN A CA  1 
ATOM   265  C  C   . ASN A 1 34  ? -19.450 -17.418 -10.873 1.00 39.31  ? 34   ASN A C   1 
ATOM   266  O  O   . ASN A 1 34  ? -19.262 -18.321 -11.697 1.00 40.14  ? 34   ASN A O   1 
ATOM   267  C  CB  . ASN A 1 34  ? -21.896 -17.428 -11.649 1.00 43.82  ? 34   ASN A CB  1 
ATOM   268  C  CG  . ASN A 1 34  ? -21.961 -16.219 -12.670 1.00 47.09  ? 34   ASN A CG  1 
ATOM   269  O  OD1 . ASN A 1 34  ? -23.090 -15.854 -13.046 1.00 45.74  ? 34   ASN A OD1 1 
ATOM   270  N  ND2 . ASN A 1 34  ? -20.841 -15.685 -13.083 1.00 28.66  ? 34   ASN A ND2 1 
ATOM   271  N  N   . SER A 1 35  ? -18.445 -16.898 -10.180 1.00 31.88  ? 35   SER A N   1 
ATOM   272  C  CA  . SER A 1 35  ? -17.091 -17.487 -10.225 1.00 31.91  ? 35   SER A CA  1 
ATOM   273  C  C   . SER A 1 35  ? -16.396 -17.005 -8.938  1.00 28.78  ? 35   SER A C   1 
ATOM   274  O  O   . SER A 1 35  ? -16.660 -15.847 -8.586  1.00 27.47  ? 35   SER A O   1 
ATOM   275  C  CB  . SER A 1 35  ? -16.293 -16.940 -11.444 1.00 32.08  ? 35   SER A CB  1 
ATOM   276  O  OG  . SER A 1 35  ? -14.883 -17.274 -11.293 1.00 32.96  ? 35   SER A OG  1 
ATOM   277  N  N   . PRO A 1 36  ? -15.520 -17.781 -8.332  1.00 29.76  ? 36   PRO A N   1 
ATOM   278  C  CA  . PRO A 1 36  ? -14.793 -17.376 -7.130  1.00 31.11  ? 36   PRO A CA  1 
ATOM   279  C  C   . PRO A 1 36  ? -13.636 -16.484 -7.515  1.00 30.70  ? 36   PRO A C   1 
ATOM   280  O  O   . PRO A 1 36  ? -12.952 -15.904 -6.648  1.00 27.64  ? 36   PRO A O   1 
ATOM   281  C  CB  . PRO A 1 36  ? -14.228 -18.723 -6.593  1.00 32.86  ? 36   PRO A CB  1 
ATOM   282  C  CG  . PRO A 1 36  ? -14.048 -19.554 -7.811  1.00 32.69  ? 36   PRO A CG  1 
ATOM   283  C  CD  . PRO A 1 36  ? -15.214 -19.190 -8.750  1.00 27.60  ? 36   PRO A CD  1 
ATOM   284  N  N   . LEU A 1 37  ? -13.294 -16.386 -8.824  1.00 25.68  ? 37   LEU A N   1 
ATOM   285  C  CA  . LEU A 1 37  ? -12.142 -15.623 -9.245  1.00 24.92  ? 37   LEU A CA  1 
ATOM   286  C  C   . LEU A 1 37  ? -12.523 -14.201 -9.725  1.00 29.13  ? 37   LEU A C   1 
ATOM   287  O  O   . LEU A 1 37  ? -13.440 -14.020 -10.522 1.00 25.77  ? 37   LEU A O   1 
ATOM   288  C  CB  . LEU A 1 37  ? -11.442 -16.350 -10.430 1.00 29.96  ? 37   LEU A CB  1 
ATOM   289  C  CG  . LEU A 1 37  ? -10.174 -15.684 -10.979 1.00 29.71  ? 37   LEU A CG  1 
ATOM   290  C  CD1 . LEU A 1 37  ? -9.025  -15.698 -9.983  1.00 32.02  ? 37   LEU A CD1 1 
ATOM   291  C  CD2 . LEU A 1 37  ? -9.749  -16.416 -12.290 1.00 33.77  ? 37   LEU A CD2 1 
ATOM   292  N  N   . GLY A 1 38  ? -11.809 -13.233 -9.184  1.00 26.74  ? 38   GLY A N   1 
ATOM   293  C  CA  . GLY A 1 38  ? -12.048 -11.853 -9.542  1.00 24.60  ? 38   GLY A CA  1 
ATOM   294  C  C   . GLY A 1 38  ? -10.729 -11.129 -9.565  1.00 23.92  ? 38   GLY A C   1 
ATOM   295  O  O   . GLY A 1 38  ? -9.647  -11.716 -9.646  1.00 24.26  ? 38   GLY A O   1 
ATOM   296  N  N   . VAL A 1 39  ? -10.870 -9.832  -9.522  1.00 22.50  ? 39   VAL A N   1 
ATOM   297  C  CA  . VAL A 1 39  ? -9.666  -8.959  -9.613  1.00 23.06  ? 39   VAL A CA  1 
ATOM   298  C  C   . VAL A 1 39  ? -9.653  -7.850  -8.586  1.00 23.32  ? 39   VAL A C   1 
ATOM   299  O  O   . VAL A 1 39  ? -10.746 -7.462  -8.096  1.00 24.21  ? 39   VAL A O   1 
ATOM   300  C  CB  A VAL A 1 39  ? -9.440  -8.286  -11.000 0.60 23.04  ? 39   VAL A CB  1 
ATOM   301  C  CB  B VAL A 1 39  ? -9.553  -8.421  -11.063 0.40 25.67  ? 39   VAL A CB  1 
ATOM   302  C  CG1 A VAL A 1 39  ? -9.019  -9.250  -12.084 0.60 29.80  ? 39   VAL A CG1 1 
ATOM   303  C  CG1 B VAL A 1 39  ? -8.613  -7.269  -11.201 0.40 23.51  ? 39   VAL A CG1 1 
ATOM   304  C  CG2 A VAL A 1 39  ? -10.713 -7.499  -11.411 0.60 18.78  ? 39   VAL A CG2 1 
ATOM   305  C  CG2 B VAL A 1 39  ? -9.085  -9.487  -12.066 0.40 25.65  ? 39   VAL A CG2 1 
ATOM   306  N  N   . ILE A 1 40  ? -8.466  -7.441  -8.262  1.00 24.64  ? 40   ILE A N   1 
ATOM   307  C  CA  . ILE A 1 40  ? -8.384  -6.388  -7.235  1.00 25.91  ? 40   ILE A CA  1 
ATOM   308  C  C   . ILE A 1 40  ? -7.249  -5.474  -7.599  1.00 26.44  ? 40   ILE A C   1 
ATOM   309  O  O   . ILE A 1 40  ? -6.165  -5.857  -8.054  1.00 26.65  ? 40   ILE A O   1 
ATOM   310  C  CB  . ILE A 1 40  ? -8.200  -6.961  -5.834  1.00 26.01  ? 40   ILE A CB  1 
ATOM   311  C  CG1 . ILE A 1 40  ? -8.343  -5.898  -4.767  1.00 23.56  ? 40   ILE A CG1 1 
ATOM   312  C  CG2 . ILE A 1 40  ? -6.821  -7.689  -5.595  1.00 23.74  ? 40   ILE A CG2 1 
ATOM   313  C  CD1 . ILE A 1 40  ? -8.641  -6.361  -3.311  1.00 27.32  ? 40   ILE A CD1 1 
ATOM   314  N  N   . GLY A 1 41  ? -7.502  -4.181  -7.471  1.00 25.90  ? 41   GLY A N   1 
ATOM   315  C  CA  . GLY A 1 41  ? -6.462  -3.178  -7.703  1.00 25.94  ? 41   GLY A CA  1 
ATOM   316  C  C   . GLY A 1 41  ? -6.224  -2.378  -6.409  1.00 26.77  ? 41   GLY A C   1 
ATOM   317  O  O   . GLY A 1 41  ? -7.134  -2.253  -5.572  1.00 26.58  ? 41   GLY A O   1 
ATOM   318  N  N   . SER A 1 42  ? -4.991  -1.930  -6.250  1.00 26.04  ? 42   SER A N   1 
ATOM   319  C  CA  . SER A 1 42  ? -4.572  -1.353  -4.980  1.00 25.53  ? 42   SER A CA  1 
ATOM   320  C  C   . SER A 1 42  ? -3.671  -0.116  -5.184  1.00 26.87  ? 42   SER A C   1 
ATOM   321  O  O   . SER A 1 42  ? -2.782  -0.139  -6.032  1.00 26.61  ? 42   SER A O   1 
ATOM   322  C  CB  . SER A 1 42  ? -3.751  -2.410  -4.151  1.00 25.04  ? 42   SER A CB  1 
ATOM   323  O  OG  . SER A 1 42  ? -3.280  -1.892  -2.890  1.00 25.17  ? 42   SER A OG  1 
ATOM   324  N  N   . PHE A 1 43  ? -4.037  0.886   -4.400  1.00 26.07  ? 43   PHE A N   1 
ATOM   325  C  CA  . PHE A 1 43  ? -3.267  2.130   -4.354  1.00 28.56  ? 43   PHE A CA  1 
ATOM   326  C  C   . PHE A 1 43  ? -2.790  2.412   -2.932  1.00 25.79  ? 43   PHE A C   1 
ATOM   327  O  O   . PHE A 1 43  ? -3.616  2.520   -2.010  1.00 28.31  ? 43   PHE A O   1 
ATOM   328  C  CB  . PHE A 1 43  ? -4.094  3.292   -4.956  1.00 25.51  ? 43   PHE A CB  1 
ATOM   329  C  CG  . PHE A 1 43  ? -3.320  4.583   -4.842  1.00 31.57  ? 43   PHE A CG  1 
ATOM   330  C  CD1 . PHE A 1 43  ? -2.465  4.868   -5.862  1.00 35.05  ? 43   PHE A CD1 1 
ATOM   331  C  CD2 . PHE A 1 43  ? -3.470  5.435   -3.755  1.00 33.23  ? 43   PHE A CD2 1 
ATOM   332  C  CE1 . PHE A 1 43  ? -1.719  6.080   -5.860  1.00 42.33  ? 43   PHE A CE1 1 
ATOM   333  C  CE2 . PHE A 1 43  ? -2.749  6.630   -3.760  1.00 34.80  ? 43   PHE A CE2 1 
ATOM   334  C  CZ  . PHE A 1 43  ? -1.896  6.959   -4.801  1.00 37.06  ? 43   PHE A CZ  1 
ATOM   335  N  N   . THR A 1 44  ? -1.465  2.530   -2.794  1.00 27.57  ? 44   THR A N   1 
ATOM   336  C  CA  . THR A 1 44  ? -0.855  2.803   -1.501  1.00 24.90  ? 44   THR A CA  1 
ATOM   337  C  C   . THR A 1 44  ? 0.037   4.070   -1.548  1.00 27.08  ? 44   THR A C   1 
ATOM   338  O  O   . THR A 1 44  ? 0.769   4.235   -2.510  1.00 31.67  ? 44   THR A O   1 
ATOM   339  C  CB  . THR A 1 44  ? 0.063   1.628   -0.964  1.00 26.45  ? 44   THR A CB  1 
ATOM   340  O  OG1 . THR A 1 44  ? -0.733  0.455   -0.926  1.00 27.61  ? 44   THR A OG1 1 
ATOM   341  C  CG2 . THR A 1 44  ? 0.725   1.911   0.378   1.00 24.99  ? 44   THR A CG2 1 
ATOM   342  N  N   . TYR A 1 45  ? -0.060  4.792   -0.482  1.00 29.04  ? 45   TYR A N   1 
ATOM   343  C  CA  . TYR A 1 45  ? 0.769   6.036   -0.342  1.00 30.22  ? 45   TYR A CA  1 
ATOM   344  C  C   . TYR A 1 45  ? 1.139   6.205   1.126   1.00 28.13  ? 45   TYR A C   1 
ATOM   345  O  O   . TYR A 1 45  ? 0.306   6.199   2.037   1.00 29.71  ? 45   TYR A O   1 
ATOM   346  C  CB  . TYR A 1 45  ? 0.010   7.272   -0.836  1.00 30.22  ? 45   TYR A CB  1 
ATOM   347  C  CG  . TYR A 1 45  ? 0.733   8.601   -0.431  1.00 28.40  ? 45   TYR A CG  1 
ATOM   348  C  CD1 . TYR A 1 45  ? 1.764   9.009   -1.254  1.00 32.92  ? 45   TYR A CD1 1 
ATOM   349  C  CD2 . TYR A 1 45  ? 0.393   9.286   0.727   1.00 34.36  ? 45   TYR A CD2 1 
ATOM   350  C  CE1 . TYR A 1 45  ? 2.440   10.230  -0.959  1.00 37.43  ? 45   TYR A CE1 1 
ATOM   351  C  CE2 . TYR A 1 45  ? 1.051   10.505  0.984   1.00 37.14  ? 45   TYR A CE2 1 
ATOM   352  C  CZ  . TYR A 1 45  ? 2.043   10.933  0.165   1.00 39.17  ? 45   TYR A CZ  1 
ATOM   353  O  OH  . TYR A 1 45  ? 2.743   12.112  0.463   1.00 39.30  ? 45   TYR A OH  1 
ATOM   354  N  N   . THR A 1 46  ? 2.446   6.338   1.357   1.00 29.72  ? 46   THR A N   1 
ATOM   355  C  CA  . THR A 1 46  ? 2.946   6.650   2.671   1.00 32.33  ? 46   THR A CA  1 
ATOM   356  C  C   . THR A 1 46  ? 3.995   7.820   2.549   1.00 30.61  ? 46   THR A C   1 
ATOM   357  O  O   . THR A 1 46  ? 4.602   8.009   1.492   1.00 35.62  ? 46   THR A O   1 
ATOM   358  C  CB  . THR A 1 46  ? 3.601   5.471   3.472   1.00 23.73  ? 46   THR A CB  1 
ATOM   359  O  OG1 . THR A 1 46  ? 4.741   5.001   2.801   1.00 30.41  ? 46   THR A OG1 1 
ATOM   360  C  CG2 . THR A 1 46  ? 2.498   4.352   3.492   1.00 31.42  ? 46   THR A CG2 1 
ATOM   361  N  N   . GLU A 1 47  ? 4.164   8.443   3.701   1.00 38.66  ? 47   GLU A N   1 
ATOM   362  C  CA  . GLU A 1 47  ? 5.160   9.536   3.713   1.00 42.39  ? 47   GLU A CA  1 
ATOM   363  C  C   . GLU A 1 47  ? 5.583   9.839   5.143   1.00 44.47  ? 47   GLU A C   1 
ATOM   364  O  O   . GLU A 1 47  ? 4.921   9.495   6.135   1.00 45.44  ? 47   GLU A O   1 
ATOM   365  C  CB  . GLU A 1 47  ? 4.543   10.776  3.079   1.00 48.30  ? 47   GLU A CB  1 
ATOM   366  C  CG  . GLU A 1 47  ? 3.607   11.630  3.868   1.00 61.44  ? 47   GLU A CG  1 
ATOM   367  C  CD  . GLU A 1 47  ? 4.208   12.661  4.796   1.00 63.18  ? 47   GLU A CD  1 
ATOM   368  O  OE1 . GLU A 1 47  ? 5.138   13.416  4.443   1.00 65.70  ? 47   GLU A OE1 1 
ATOM   369  O  OE2 . GLU A 1 47  ? 3.703   12.771  5.950   1.00 56.80  ? 47   GLU A OE2 1 
ATOM   370  N  N   . LYS A 1 48  ? 6.750   10.474  5.234   1.00 41.16  ? 48   LYS A N   1 
ATOM   371  C  CA  . LYS A 1 48  ? 7.198   10.902  6.559   1.00 38.48  ? 48   LYS A CA  1 
ATOM   372  C  C   . LYS A 1 48  ? 8.133   12.129  6.312   1.00 39.26  ? 48   LYS A C   1 
ATOM   373  O  O   . LYS A 1 48  ? 8.970   12.032  5.415   1.00 35.53  ? 48   LYS A O   1 
ATOM   374  C  CB  . LYS A 1 48  ? 8.087   9.878   7.274   1.00 40.20  ? 48   LYS A CB  1 
ATOM   375  C  CG  . LYS A 1 48  ? 8.289   10.285  8.744   1.00 48.80  ? 48   LYS A CG  1 
ATOM   376  C  CD  . LYS A 1 48  ? 9.208   9.261   9.418   1.00 56.19  ? 48   LYS A CD  1 
ATOM   377  C  CE  . LYS A 1 48  ? 8.845   9.245   10.924  1.00 63.13  ? 48   LYS A CE  1 
ATOM   378  N  NZ  . LYS A 1 48  ? 9.838   8.396   11.667  1.00 66.45  ? 48   LYS A NZ  1 
ATOM   379  N  N   . SER A 1 49  ? 7.992   13.092  7.171   1.00 41.83  ? 49   SER A N   1 
ATOM   380  C  CA  . SER A 1 49  ? 8.936   14.235  6.988   1.00 47.48  ? 49   SER A CA  1 
ATOM   381  C  C   . SER A 1 49  ? 9.530   14.509  8.364   1.00 53.40  ? 49   SER A C   1 
ATOM   382  O  O   . SER A 1 49  ? 8.902   14.211  9.387   1.00 46.73  ? 49   SER A O   1 
ATOM   383  C  CB  . SER A 1 49  ? 8.274   15.417  6.346   1.00 41.39  ? 49   SER A CB  1 
ATOM   384  O  OG  . SER A 1 49  ? 7.378   16.006  7.306   1.00 58.37  ? 49   SER A OG  1 
ATOM   385  N  N   . ARG A 1 50  ? 10.757  15.017  8.356   1.00 63.77  ? 50   ARG A N   1 
ATOM   386  C  CA  . ARG A 1 50  ? 11.470  15.227  9.624   1.00 71.78  ? 50   ARG A CA  1 
ATOM   387  C  C   . ARG A 1 50  ? 12.357  16.446  9.540   1.00 71.35  ? 50   ARG A C   1 
ATOM   388  O  O   . ARG A 1 50  ? 13.136  16.576  8.586   1.00 61.57  ? 50   ARG A O   1 
ATOM   389  C  CB  . ARG A 1 50  ? 12.321  13.985  9.941   1.00 82.87  ? 50   ARG A CB  1 
ATOM   390  C  CG  . ARG A 1 50  ? 13.073  14.079  11.271  1.00 97.83  ? 50   ARG A CG  1 
ATOM   391  C  CD  . ARG A 1 50  ? 13.942  12.850  11.519  1.00 107.39 ? 50   ARG A CD  1 
ATOM   392  N  NE  . ARG A 1 50  ? 14.731  12.889  12.757  1.00 116.64 ? 50   ARG A NE  1 
ATOM   393  C  CZ  . ARG A 1 50  ? 15.526  11.889  13.154  1.00 119.57 ? 50   ARG A CZ  1 
ATOM   394  N  NH1 . ARG A 1 50  ? 15.627  10.786  12.406  1.00 121.01 ? 50   ARG A NH1 1 
ATOM   395  N  NH2 . ARG A 1 50  ? 16.245  11.934  14.282  1.00 115.38 ? 50   ARG A NH2 1 
ATOM   396  N  N   . THR A 1 51  ? 12.246  17.348  10.524  1.00 72.07  ? 51   THR A N   1 
ATOM   397  C  CA  . THR A 1 51  ? 13.131  18.525  10.528  1.00 71.82  ? 51   THR A CA  1 
ATOM   398  C  C   . THR A 1 51  ? 13.993  18.466  11.802  1.00 72.06  ? 51   THR A C   1 
ATOM   399  O  O   . THR A 1 51  ? 13.401  18.482  12.889  1.00 71.55  ? 51   THR A O   1 
ATOM   400  C  CB  . THR A 1 51  ? 12.343  19.840  10.527  1.00 72.35  ? 51   THR A CB  1 
ATOM   401  O  OG1 . THR A 1 51  ? 11.475  19.871  9.380   1.00 72.96  ? 51   THR A OG1 1 
ATOM   402  C  CG2 . THR A 1 51  ? 13.268  21.044  10.446  1.00 72.78  ? 51   THR A CG2 1 
ATOM   403  N  N   . ALA A 1 52  ? 15.306  18.389  11.667  1.00 74.33  ? 52   ALA A N   1 
ATOM   404  C  CA  . ALA A 1 52  ? 16.235  18.335  12.789  1.00 78.07  ? 52   ALA A CA  1 
ATOM   405  C  C   . ALA A 1 52  ? 16.485  19.700  13.413  1.00 78.99  ? 52   ALA A C   1 
ATOM   406  O  O   . ALA A 1 52  ? 16.131  20.742  12.838  1.00 80.07  ? 52   ALA A O   1 
ATOM   407  C  CB  . ALA A 1 52  ? 17.572  17.721  12.328  1.00 78.32  ? 52   ALA A CB  1 
ATOM   408  N  N   . SER A 1 53  ? 17.117  19.699  14.598  1.00 77.79  ? 53   SER A N   1 
ATOM   409  C  CA  . SER A 1 53  ? 17.438  20.936  15.311  1.00 79.73  ? 53   SER A CA  1 
ATOM   410  C  C   . SER A 1 53  ? 18.480  21.729  14.532  1.00 77.68  ? 53   SER A C   1 
ATOM   411  O  O   . SER A 1 53  ? 18.386  22.946  14.398  1.00 75.40  ? 53   SER A O   1 
ATOM   412  C  CB  . SER A 1 53  ? 17.861  20.626  16.749  1.00 81.19  ? 53   SER A CB  1 
ATOM   413  O  OG  . SER A 1 53  ? 18.623  19.419  16.787  1.00 84.87  ? 53   SER A OG  1 
ATOM   414  N  N   . SER A 1 54  ? 19.343  20.999  13.807  1.00 79.10  ? 54   SER A N   1 
ATOM   415  C  CA  . SER A 1 54  ? 20.304  21.540  12.873  1.00 79.62  ? 54   SER A CA  1 
ATOM   416  C  C   . SER A 1 54  ? 19.630  22.278  11.705  1.00 78.02  ? 54   SER A C   1 
ATOM   417  O  O   . SER A 1 54  ? 20.315  23.039  11.010  1.00 81.04  ? 54   SER A O   1 
ATOM   418  C  CB  . SER A 1 54  ? 21.222  20.442  12.290  1.00 82.39  ? 54   SER A CB  1 
ATOM   419  O  OG  . SER A 1 54  ? 20.525  19.578  11.423  1.00 86.83  ? 54   SER A OG  1 
ATOM   420  N  N   . GLY A 1 55  ? 18.340  22.094  11.432  1.00 71.31  ? 55   GLY A N   1 
ATOM   421  C  CA  . GLY A 1 55  ? 17.659  22.781  10.332  1.00 67.59  ? 55   GLY A CA  1 
ATOM   422  C  C   . GLY A 1 55  ? 17.453  21.853  9.129   1.00 63.18  ? 55   GLY A C   1 
ATOM   423  O  O   . GLY A 1 55  ? 16.642  22.132  8.234   1.00 58.64  ? 55   GLY A O   1 
ATOM   424  N  N   . ASP A 1 56  ? 18.199  20.750  9.131   1.00 60.90  ? 56   ASP A N   1 
ATOM   425  C  CA  . ASP A 1 56  ? 18.093  19.754  8.074   1.00 63.71  ? 56   ASP A CA  1 
ATOM   426  C  C   . ASP A 1 56  ? 16.651  19.246  8.035   1.00 63.16  ? 56   ASP A C   1 
ATOM   427  O  O   . ASP A 1 56  ? 15.880  19.377  9.009   1.00 56.63  ? 56   ASP A O   1 
ATOM   428  C  CB  . ASP A 1 56  ? 19.165  18.661  8.246   1.00 66.67  ? 56   ASP A CB  1 
ATOM   429  C  CG  . ASP A 1 56  ? 20.551  19.280  8.030   1.00 71.22  ? 56   ASP A CG  1 
ATOM   430  O  OD1 . ASP A 1 56  ? 20.595  20.536  8.060   1.00 61.18  ? 56   ASP A OD1 1 
ATOM   431  O  OD2 . ASP A 1 56  ? 21.538  18.560  7.762   1.00 66.45  ? 56   ASP A OD2 1 
ATOM   432  N  N   . TYR A 1 57  ? 16.250  18.823  6.840   1.00 58.93  ? 57   TYR A N   1 
ATOM   433  C  CA  . TYR A 1 57  ? 14.880  18.393  6.584   1.00 56.10  ? 57   TYR A CA  1 
ATOM   434  C  C   . TYR A 1 57  ? 14.908  17.248  5.585   1.00 54.53  ? 57   TYR A C   1 
ATOM   435  O  O   . TYR A 1 57  ? 15.789  17.156  4.713   1.00 53.18  ? 57   TYR A O   1 
ATOM   436  C  CB  . TYR A 1 57  ? 14.093  19.570  6.000   1.00 59.67  ? 57   TYR A CB  1 
ATOM   437  C  CG  . TYR A 1 57  ? 12.756  19.255  5.382   1.00 64.76  ? 57   TYR A CG  1 
ATOM   438  C  CD1 . TYR A 1 57  ? 11.606  19.255  6.176   1.00 67.78  ? 57   TYR A CD1 1 
ATOM   439  C  CD2 . TYR A 1 57  ? 12.620  18.975  4.018   1.00 63.01  ? 57   TYR A CD2 1 
ATOM   440  C  CE1 . TYR A 1 57  ? 10.350  18.979  5.637   1.00 64.67  ? 57   TYR A CE1 1 
ATOM   441  C  CE2 . TYR A 1 57  ? 11.374  18.721  3.467   1.00 62.49  ? 57   TYR A CE2 1 
ATOM   442  C  CZ  . TYR A 1 57  ? 10.243  18.729  4.273   1.00 65.41  ? 57   TYR A CZ  1 
ATOM   443  O  OH  . TYR A 1 57  ? 9.009   18.456  3.706   1.00 64.28  ? 57   TYR A OH  1 
ATOM   444  N  N   . ASN A 1 58  ? 14.037  16.290  5.862   1.00 47.97  ? 58   ASN A N   1 
ATOM   445  C  CA  . ASN A 1 58  ? 13.923  15.108  5.034   1.00 48.87  ? 58   ASN A CA  1 
ATOM   446  C  C   . ASN A 1 58  ? 12.426  14.872  4.790   1.00 41.95  ? 58   ASN A C   1 
ATOM   447  O  O   . ASN A 1 58  ? 11.571  15.297  5.574   1.00 43.32  ? 58   ASN A O   1 
ATOM   448  C  CB  . ASN A 1 58  ? 14.502  13.836  5.650   1.00 61.78  ? 58   ASN A CB  1 
ATOM   449  C  CG  . ASN A 1 58  ? 15.997  13.780  5.858   1.00 70.57  ? 58   ASN A CG  1 
ATOM   450  O  OD1 . ASN A 1 58  ? 16.713  13.114  5.088   1.00 74.67  ? 58   ASN A OD1 1 
ATOM   451  N  ND2 . ASN A 1 58  ? 16.529  14.409  6.919   1.00 75.51  ? 58   ASN A ND2 1 
ATOM   452  N  N   . LYS A 1 59  ? 12.133  14.361  3.606   1.00 44.30  ? 59   LYS A N   1 
ATOM   453  C  CA  . LYS A 1 59  ? 10.750  13.995  3.251   1.00 45.39  ? 59   LYS A CA  1 
ATOM   454  C  C   . LYS A 1 59  ? 10.858  12.770  2.342   1.00 50.11  ? 59   LYS A C   1 
ATOM   455  O  O   . LYS A 1 59  ? 11.600  12.827  1.347   1.00 42.43  ? 59   LYS A O   1 
ATOM   456  C  CB  . LYS A 1 59  ? 9.959   15.124  2.612   1.00 52.67  ? 59   LYS A CB  1 
ATOM   457  C  CG  . LYS A 1 59  ? 8.528   14.806  2.261   1.00 50.29  ? 59   LYS A CG  1 
ATOM   458  C  CD  . LYS A 1 59  ? 7.669   15.959  1.825   1.00 50.56  ? 59   LYS A CD  1 
ATOM   459  C  CE  . LYS A 1 59  ? 6.179   15.577  1.889   1.00 55.81  ? 59   LYS A CE  1 
ATOM   460  N  NZ  . LYS A 1 59  ? 5.377   16.621  1.152   1.00 60.95  ? 59   LYS A NZ  1 
ATOM   461  N  N   . ASN A 1 60  ? 10.162  11.696  2.733   1.00 46.95  ? 60   ASN A N   1 
ATOM   462  C  CA  . ASN A 1 60  ? 10.114  10.456  1.999   1.00 47.69  ? 60   ASN A CA  1 
ATOM   463  C  C   . ASN A 1 60  ? 8.650   10.143  1.647   1.00 37.32  ? 60   ASN A C   1 
ATOM   464  O  O   . ASN A 1 60  ? 7.749   10.413  2.449   1.00 38.07  ? 60   ASN A O   1 
ATOM   465  C  CB  . ASN A 1 60  ? 10.607  9.235   2.847   1.00 54.14  ? 60   ASN A CB  1 
ATOM   466  C  CG  . ASN A 1 60  ? 12.098  9.413   3.126   1.00 71.38  ? 60   ASN A CG  1 
ATOM   467  O  OD1 . ASN A 1 60  ? 12.732  10.048  2.273   1.00 71.66  ? 60   ASN A OD1 1 
ATOM   468  N  ND2 . ASN A 1 60  ? 12.663  8.928   4.218   1.00 73.33  ? 60   ASN A ND2 1 
ATOM   469  N  N   . GLN A 1 61  ? 8.448   9.760   0.419   1.00 37.10  ? 61   GLN A N   1 
ATOM   470  C  CA  . GLN A 1 61  ? 7.100   9.437   -0.068  1.00 40.29  ? 61   GLN A CA  1 
ATOM   471  C  C   . GLN A 1 61  ? 7.229   8.076   -0.758  1.00 38.61  ? 61   GLN A C   1 
ATOM   472  O  O   . GLN A 1 61  ? 8.173   7.872   -1.529  1.00 36.67  ? 61   GLN A O   1 
ATOM   473  C  CB  . GLN A 1 61  ? 6.550   10.499  -1.026  1.00 38.32  ? 61   GLN A CB  1 
ATOM   474  C  CG  . GLN A 1 61  ? 6.140   11.814  -0.364  1.00 40.04  ? 61   GLN A CG  1 
ATOM   475  C  CD  . GLN A 1 61  ? 5.738   12.874  -1.399  1.00 37.75  ? 61   GLN A CD  1 
ATOM   476  O  OE1 . GLN A 1 61  ? 6.583   13.265  -2.206  1.00 46.71  ? 61   GLN A OE1 1 
ATOM   477  N  NE2 . GLN A 1 61  ? 4.504   13.312  -1.355  1.00 38.69  ? 61   GLN A NE2 1 
ATOM   478  N  N   . TYR A 1 62  ? 6.218   7.240   -0.493  1.00 39.33  ? 62   TYR A N   1 
ATOM   479  C  CA  . TYR A 1 62  ? 6.178   5.930   -1.137  1.00 36.72  ? 62   TYR A CA  1 
ATOM   480  C  C   . TYR A 1 62  ? 4.792   5.747   -1.766  1.00 29.81  ? 62   TYR A C   1 
ATOM   481  O  O   . TYR A 1 62  ? 3.772   6.086   -1.183  1.00 29.96  ? 62   TYR A O   1 
ATOM   482  C  CB  . TYR A 1 62  ? 6.461   4.821   -0.117  1.00 33.72  ? 62   TYR A CB  1 
ATOM   483  C  CG  . TYR A 1 62  ? 6.090   3.472   -0.725  1.00 35.37  ? 62   TYR A CG  1 
ATOM   484  C  CD1 . TYR A 1 62  ? 6.945   2.839   -1.625  1.00 33.79  ? 62   TYR A CD1 1 
ATOM   485  C  CD2 . TYR A 1 62  ? 4.885   2.875   -0.345  1.00 41.50  ? 62   TYR A CD2 1 
ATOM   486  C  CE1 . TYR A 1 62  ? 6.648   1.593   -2.117  1.00 34.69  ? 62   TYR A CE1 1 
ATOM   487  C  CE2 . TYR A 1 62  ? 4.593   1.627   -0.861  1.00 38.15  ? 62   TYR A CE2 1 
ATOM   488  C  CZ  . TYR A 1 62  ? 5.426   1.032   -1.783  1.00 38.98  ? 62   TYR A CZ  1 
ATOM   489  O  OH  . TYR A 1 62  ? 5.108   -0.186  -2.354  1.00 39.69  ? 62   TYR A OH  1 
ATOM   490  N  N   . TYR A 1 63  ? 4.785   5.304   -3.028  1.00 30.19  ? 63   TYR A N   1 
ATOM   491  C  CA  . TYR A 1 63  ? 3.565   5.059   -3.752  1.00 34.34  ? 63   TYR A CA  1 
ATOM   492  C  C   . TYR A 1 63  ? 3.592   3.586   -4.234  1.00 34.91  ? 63   TYR A C   1 
ATOM   493  O  O   . TYR A 1 63  ? 4.547   3.275   -4.933  1.00 35.75  ? 63   TYR A O   1 
ATOM   494  C  CB  . TYR A 1 63  ? 3.396   5.861   -5.061  1.00 39.06  ? 63   TYR A CB  1 
ATOM   495  C  CG  . TYR A 1 63  ? 3.152   7.354   -4.864  1.00 42.41  ? 63   TYR A CG  1 
ATOM   496  C  CD1 . TYR A 1 63  ? 4.178   8.160   -4.480  1.00 43.96  ? 63   TYR A CD1 1 
ATOM   497  C  CD2 . TYR A 1 63  ? 1.889   7.906   -5.066  1.00 45.46  ? 63   TYR A CD2 1 
ATOM   498  C  CE1 . TYR A 1 63  ? 3.981   9.533   -4.302  1.00 49.88  ? 63   TYR A CE1 1 
ATOM   499  C  CE2 . TYR A 1 63  ? 1.669   9.273   -4.913  1.00 46.95  ? 63   TYR A CE2 1 
ATOM   500  C  CZ  . TYR A 1 63  ? 2.719   10.061  -4.524  1.00 49.18  ? 63   TYR A CZ  1 
ATOM   501  O  OH  . TYR A 1 63  ? 2.554   11.406  -4.331  1.00 58.96  ? 63   TYR A OH  1 
ATOM   502  N  N   . GLY A 1 64  ? 2.483   2.876   -4.033  1.00 37.09  ? 64   GLY A N   1 
ATOM   503  C  CA  . GLY A 1 64  ? 2.468   1.524   -4.637  1.00 31.35  ? 64   GLY A CA  1 
ATOM   504  C  C   . GLY A 1 64  ? 1.178   1.308   -5.446  1.00 31.97  ? 64   GLY A C   1 
ATOM   505  O  O   . GLY A 1 64  ? 0.076   1.550   -4.923  1.00 31.34  ? 64   GLY A O   1 
ATOM   506  N  N   . ILE A 1 65  ? 1.272   0.919   -6.705  1.00 27.62  ? 65   ILE A N   1 
ATOM   507  C  CA  . ILE A 1 65  ? 0.164   0.655   -7.606  1.00 26.40  ? 65   ILE A CA  1 
ATOM   508  C  C   . ILE A 1 65  ? 0.256   -0.786  -8.070  1.00 26.71  ? 65   ILE A C   1 
ATOM   509  O  O   . ILE A 1 65  ? 1.249   -1.214  -8.755  1.00 28.67  ? 65   ILE A O   1 
ATOM   510  C  CB  A ILE A 1 65  ? 0.114   1.622   -8.831  0.80 27.76  ? 65   ILE A CB  1 
ATOM   511  C  CB  B ILE A 1 65  ? 0.078   1.586   -8.835  0.20 25.70  ? 65   ILE A CB  1 
ATOM   512  C  CG1 A ILE A 1 65  ? 0.201   3.073   -8.280  0.80 34.91  ? 65   ILE A CG1 1 
ATOM   513  C  CG1 B ILE A 1 65  ? -0.741  2.852   -8.506  0.20 25.89  ? 65   ILE A CG1 1 
ATOM   514  C  CG2 A ILE A 1 65  ? -1.164  1.392   -9.602  0.80 31.81  ? 65   ILE A CG2 1 
ATOM   515  C  CG2 B ILE A 1 65  ? -0.510  0.926   -10.079 0.20 29.92  ? 65   ILE A CG2 1 
ATOM   516  C  CD1 A ILE A 1 65  ? -0.570  4.066   -9.151  0.80 48.19  ? 65   ILE A CD1 1 
ATOM   517  C  CD1 B ILE A 1 65  ? -2.214  2.608   -8.269  0.20 25.33  ? 65   ILE A CD1 1 
ATOM   518  N  N   . THR A 1 66  ? -0.665  -1.580  -7.526  1.00 28.11  ? 66   THR A N   1 
ATOM   519  C  CA  . THR A 1 66  ? -0.617  -3.005  -7.778  1.00 28.04  ? 66   THR A CA  1 
ATOM   520  C  C   . THR A 1 66  ? -1.969  -3.563  -8.130  1.00 25.18  ? 66   THR A C   1 
ATOM   521  O  O   . THR A 1 66  ? -3.024  -2.907  -7.887  1.00 25.91  ? 66   THR A O   1 
ATOM   522  C  CB  . THR A 1 66  ? -0.062  -3.750  -6.519  1.00 26.01  ? 66   THR A CB  1 
ATOM   523  O  OG1 . THR A 1 66  ? -0.848  -3.469  -5.340  1.00 23.73  ? 66   THR A OG1 1 
ATOM   524  C  CG2 . THR A 1 66  ? 1.417   -3.453  -6.294  1.00 25.76  ? 66   THR A CG2 1 
ATOM   525  N  N   . ALA A 1 67  ? -1.967  -4.735  -8.716  1.00 23.55  ? 67   ALA A N   1 
ATOM   526  C  CA  . ALA A 1 67  ? -3.196  -5.415  -9.035  1.00 23.74  ? 67   ALA A CA  1 
ATOM   527  C  C   . ALA A 1 67  ? -2.948  -6.899  -9.235  1.00 22.21  ? 67   ALA A C   1 
ATOM   528  O  O   . ALA A 1 67  ? -1.815  -7.314  -9.546  1.00 23.05  ? 67   ALA A O   1 
ATOM   529  C  CB  . ALA A 1 67  ? -3.864  -4.825  -10.319 1.00 28.55  ? 67   ALA A CB  1 
ATOM   530  N  N   . GLY A 1 68  ? -4.015  -7.683  -9.122  1.00 26.59  ? 68   GLY A N   1 
ATOM   531  C  CA  . GLY A 1 68  ? -3.816  -9.136  -9.245  1.00 23.99  ? 68   GLY A CA  1 
ATOM   532  C  C   . GLY A 1 68  ? -5.132  -9.851  -9.041  1.00 27.80  ? 68   GLY A C   1 
ATOM   533  O  O   . GLY A 1 68  ? -6.200  -9.226  -8.855  1.00 25.31  ? 68   GLY A O   1 
ATOM   534  N  N   . PRO A 1 69  ? -5.051  -11.185 -8.969  1.00 24.81  ? 69   PRO A N   1 
ATOM   535  C  CA  . PRO A 1 69  ? -6.218  -12.015 -8.837  1.00 25.70  ? 69   PRO A CA  1 
ATOM   536  C  C   . PRO A 1 69  ? -6.765  -12.036 -7.379  1.00 23.80  ? 69   PRO A C   1 
ATOM   537  O  O   . PRO A 1 69  ? -5.902  -11.970 -6.504  1.00 24.39  ? 69   PRO A O   1 
ATOM   538  C  CB  . PRO A 1 69  ? -5.683  -13.385 -9.294  1.00 27.82  ? 69   PRO A CB  1 
ATOM   539  C  CG  . PRO A 1 69  ? -4.209  -13.320 -8.922  1.00 30.81  ? 69   PRO A CG  1 
ATOM   540  C  CD  . PRO A 1 69  ? -3.769  -11.977 -9.229  1.00 25.37  ? 69   PRO A CD  1 
ATOM   541  N  N   . ALA A 1 70  ? -8.046  -12.163 -7.213  1.00 24.66  ? 70   ALA A N   1 
ATOM   542  C  CA  . ALA A 1 70  ? -8.625  -12.305 -5.836  1.00 26.25  ? 70   ALA A CA  1 
ATOM   543  C  C   . ALA A 1 70  ? -9.508  -13.540 -5.913  1.00 29.83  ? 70   ALA A C   1 
ATOM   544  O  O   . ALA A 1 70  ? -10.206 -13.717 -6.885  1.00 27.00  ? 70   ALA A O   1 
ATOM   545  C  CB  . ALA A 1 70  ? -9.309  -11.074 -5.363  1.00 27.67  ? 70   ALA A CB  1 
ATOM   546  N  N   . TYR A 1 71  ? -9.361  -14.348 -4.857  1.00 24.64  ? 71   TYR A N   1 
ATOM   547  C  CA  . TYR A 1 71  ? -10.148 -15.611 -4.850  1.00 22.96  ? 71   TYR A CA  1 
ATOM   548  C  C   . TYR A 1 71  ? -11.055 -15.632 -3.617  1.00 26.99  ? 71   TYR A C   1 
ATOM   549  O  O   . TYR A 1 71  ? -10.503 -15.574 -2.515  1.00 25.68  ? 71   TYR A O   1 
ATOM   550  C  CB  . TYR A 1 71  ? -9.089  -16.757 -4.802  1.00 28.77  ? 71   TYR A CB  1 
ATOM   551  C  CG  . TYR A 1 71  ? -9.779  -18.112 -4.902  1.00 35.57  ? 71   TYR A CG  1 
ATOM   552  C  CD1 . TYR A 1 71  ? -10.261 -18.573 -6.123  1.00 38.78  ? 71   TYR A CD1 1 
ATOM   553  C  CD2 . TYR A 1 71  ? -9.888  -18.903 -3.765  1.00 44.32  ? 71   TYR A CD2 1 
ATOM   554  C  CE1 . TYR A 1 71  ? -10.847 -19.851 -6.208  1.00 40.46  ? 71   TYR A CE1 1 
ATOM   555  C  CE2 . TYR A 1 71  ? -10.487 -20.156 -3.828  1.00 42.50  ? 71   TYR A CE2 1 
ATOM   556  C  CZ  . TYR A 1 71  ? -10.957 -20.589 -5.065  1.00 45.43  ? 71   TYR A CZ  1 
ATOM   557  O  OH  . TYR A 1 71  ? -11.533 -21.816 -5.092  1.00 50.42  ? 71   TYR A OH  1 
ATOM   558  N  N   . ARG A 1 72  ? -12.327 -15.859 -3.871  1.00 22.73  ? 72   ARG A N   1 
ATOM   559  C  CA  . ARG A 1 72  ? -13.322 -15.943 -2.812  1.00 25.96  ? 72   ARG A CA  1 
ATOM   560  C  C   . ARG A 1 72  ? -13.344 -17.406 -2.320  1.00 32.37  ? 72   ARG A C   1 
ATOM   561  O  O   . ARG A 1 72  ? -13.612 -18.268 -3.121  1.00 28.73  ? 72   ARG A O   1 
ATOM   562  C  CB  . ARG A 1 72  ? -14.695 -15.394 -3.157  1.00 29.14  ? 72   ARG A CB  1 
ATOM   563  C  CG  . ARG A 1 72  ? -15.752 -15.709 -2.055  1.00 26.46  ? 72   ARG A CG  1 
ATOM   564  C  CD  . ARG A 1 72  ? -17.024 -14.890 -2.246  1.00 29.06  ? 72   ARG A CD  1 
ATOM   565  N  NE  . ARG A 1 72  ? -16.800 -13.443 -2.141  1.00 27.44  ? 72   ARG A NE  1 
ATOM   566  C  CZ  . ARG A 1 72  ? -16.711 -12.730 -1.049  1.00 25.97  ? 72   ARG A CZ  1 
ATOM   567  N  NH1 . ARG A 1 72  ? -16.701 -13.330 0.184   1.00 25.92  ? 72   ARG A NH1 1 
ATOM   568  N  NH2 . ARG A 1 72  ? -16.504 -11.415 -1.124  1.00 26.54  ? 72   ARG A NH2 1 
ATOM   569  N  N   . ILE A 1 73  ? -12.942 -17.578 -1.071  1.00 28.96  ? 73   ILE A N   1 
ATOM   570  C  CA  . ILE A 1 73  ? -12.864 -18.921 -0.426  1.00 30.44  ? 73   ILE A CA  1 
ATOM   571  C  C   . ILE A 1 73  ? -14.247 -19.345 0.002   1.00 39.17  ? 73   ILE A C   1 
ATOM   572  O  O   . ILE A 1 73  ? -14.705 -20.485 -0.256  1.00 36.13  ? 73   ILE A O   1 
ATOM   573  C  CB  . ILE A 1 73  ? -11.896 -18.846 0.803   1.00 31.90  ? 73   ILE A CB  1 
ATOM   574  C  CG1 . ILE A 1 73  ? -10.501 -18.533 0.324   1.00 36.71  ? 73   ILE A CG1 1 
ATOM   575  C  CG2 . ILE A 1 73  ? -11.920 -20.194 1.568   1.00 41.32  ? 73   ILE A CG2 1 
ATOM   576  C  CD1 . ILE A 1 73  ? -9.582  -17.979 1.415   1.00 38.53  ? 73   ILE A CD1 1 
ATOM   577  N  N   . ASN A 1 74  ? -14.977 -18.485 0.703   1.00 32.58  ? 74   ASN A N   1 
ATOM   578  C  CA  . ASN A 1 74  ? -16.328 -18.793 1.149   1.00 35.32  ? 74   ASN A CA  1 
ATOM   579  C  C   . ASN A 1 74  ? -17.065 -17.492 1.264   1.00 35.87  ? 74   ASN A C   1 
ATOM   580  O  O   . ASN A 1 74  ? -16.530 -16.407 0.905   1.00 29.10  ? 74   ASN A O   1 
ATOM   581  C  CB  . ASN A 1 74  ? -16.319 -19.614 2.468   1.00 38.34  ? 74   ASN A CB  1 
ATOM   582  C  CG  . ASN A 1 74  ? -15.557 -18.978 3.614   1.00 40.16  ? 74   ASN A CG  1 
ATOM   583  O  OD1 . ASN A 1 74  ? -15.619 -17.767 3.790   1.00 30.94  ? 74   ASN A OD1 1 
ATOM   584  N  ND2 . ASN A 1 74  ? -14.801 -19.763 4.431   1.00 35.72  ? 74   ASN A ND2 1 
ATOM   585  N  N   . ASP A 1 75  ? -18.277 -17.480 1.826   1.00 31.68  ? 75   ASP A N   1 
ATOM   586  C  CA  . ASP A 1 75  ? -19.026 -16.271 2.001   1.00 32.21  ? 75   ASP A CA  1 
ATOM   587  C  C   . ASP A 1 75  ? -18.390 -15.194 2.845   1.00 31.76  ? 75   ASP A C   1 
ATOM   588  O  O   . ASP A 1 75  ? -18.834 -14.037 2.700   1.00 30.45  ? 75   ASP A O   1 
ATOM   589  C  CB  . ASP A 1 75  ? -20.374 -16.554 2.780   1.00 47.00  ? 75   ASP A CB  1 
ATOM   590  C  CG  . ASP A 1 75  ? -21.415 -17.198 1.887   1.00 58.56  ? 75   ASP A CG  1 
ATOM   591  O  OD1 . ASP A 1 75  ? -21.136 -17.447 0.692   1.00 53.84  ? 75   ASP A OD1 1 
ATOM   592  O  OD2 . ASP A 1 75  ? -22.531 -17.499 2.401   1.00 60.13  ? 75   ASP A OD2 1 
ATOM   593  N  N   . TRP A 1 76  ? -17.459 -15.529 3.760   1.00 28.97  ? 76   TRP A N   1 
ATOM   594  C  CA  . TRP A 1 76  ? -16.912 -14.467 4.587   1.00 28.60  ? 76   TRP A CA  1 
ATOM   595  C  C   . TRP A 1 76  ? -15.423 -14.248 4.415   1.00 24.69  ? 76   TRP A C   1 
ATOM   596  O  O   . TRP A 1 76  ? -14.854 -13.472 5.172   1.00 31.04  ? 76   TRP A O   1 
ATOM   597  C  CB  . TRP A 1 76  ? -17.262 -14.795 6.082   1.00 35.06  ? 76   TRP A CB  1 
ATOM   598  C  CG  . TRP A 1 76  ? -16.815 -16.158 6.526   1.00 32.69  ? 76   TRP A CG  1 
ATOM   599  C  CD1 . TRP A 1 76  ? -17.543 -17.308 6.419   1.00 36.30  ? 76   TRP A CD1 1 
ATOM   600  C  CD2 . TRP A 1 76  ? -15.578 -16.535 7.153   1.00 32.67  ? 76   TRP A CD2 1 
ATOM   601  N  NE1 . TRP A 1 76  ? -16.835 -18.369 6.920   1.00 39.29  ? 76   TRP A NE1 1 
ATOM   602  C  CE2 . TRP A 1 76  ? -15.626 -17.929 7.387   1.00 38.63  ? 76   TRP A CE2 1 
ATOM   603  C  CE3 . TRP A 1 76  ? -14.445 -15.836 7.538   1.00 35.21  ? 76   TRP A CE3 1 
ATOM   604  C  CZ2 . TRP A 1 76  ? -14.572 -18.631 7.977   1.00 36.37  ? 76   TRP A CZ2 1 
ATOM   605  C  CZ3 . TRP A 1 76  ? -13.379 -16.538 8.122   1.00 41.04  ? 76   TRP A CZ3 1 
ATOM   606  C  CH2 . TRP A 1 76  ? -13.478 -17.919 8.339   1.00 40.85  ? 76   TRP A CH2 1 
ATOM   607  N  N   . ALA A 1 77  ? -14.726 -14.904 3.473   1.00 25.56  ? 77   ALA A N   1 
ATOM   608  C  CA  . ALA A 1 77  ? -13.293 -14.805 3.382   1.00 27.35  ? 77   ALA A CA  1 
ATOM   609  C  C   . ALA A 1 77  ? -12.847 -14.953 1.896   1.00 25.07  ? 77   ALA A C   1 
ATOM   610  O  O   . ALA A 1 77  ? -13.342 -15.749 1.102   1.00 30.55  ? 77   ALA A O   1 
ATOM   611  C  CB  . ALA A 1 77  ? -12.522 -15.900 4.181   1.00 26.55  ? 77   ALA A CB  1 
ATOM   612  N  N   . SER A 1 78  ? -11.818 -14.157 1.601   1.00 27.34  ? 78   SER A N   1 
ATOM   613  C  CA  . SER A 1 78  ? -11.158 -14.201 0.311   1.00 25.25  ? 78   SER A CA  1 
ATOM   614  C  C   . SER A 1 78  ? -9.678  -13.882 0.481   1.00 24.90  ? 78   SER A C   1 
ATOM   615  O  O   . SER A 1 78  ? -9.313  -13.223 1.459   1.00 25.89  ? 78   SER A O   1 
ATOM   616  C  CB  . SER A 1 78  ? -11.721 -13.069 -0.638  1.00 26.59  ? 78   SER A CB  1 
ATOM   617  O  OG  . SER A 1 78  ? -13.118 -13.279 -0.801  1.00 28.00  ? 78   SER A OG  1 
ATOM   618  N  N   . ILE A 1 79  ? -8.873  -14.310 -0.487  1.00 22.41  ? 79   ILE A N   1 
ATOM   619  C  CA  . ILE A 1 79  ? -7.436  -14.101 -0.474  1.00 26.44  ? 79   ILE A CA  1 
ATOM   620  C  C   . ILE A 1 79  ? -7.045  -13.460 -1.810  1.00 28.22  ? 79   ILE A C   1 
ATOM   621  O  O   . ILE A 1 79  ? -7.634  -13.747 -2.868  1.00 28.07  ? 79   ILE A O   1 
ATOM   622  C  CB  A ILE A 1 79  ? -6.565  -15.316 -0.174  0.60 24.74  ? 79   ILE A CB  1 
ATOM   623  C  CB  B ILE A 1 79  ? -6.663  -15.434 -0.326  0.40 22.30  ? 79   ILE A CB  1 
ATOM   624  C  CG1 A ILE A 1 79  ? -6.679  -16.441 -1.222  0.60 26.71  ? 79   ILE A CG1 1 
ATOM   625  C  CG1 B ILE A 1 79  ? -5.163  -15.260 -0.343  0.40 16.82  ? 79   ILE A CG1 1 
ATOM   626  C  CG2 A ILE A 1 79  ? -6.954  -15.863 1.251   0.60 25.81  ? 79   ILE A CG2 1 
ATOM   627  C  CG2 B ILE A 1 79  ? -7.113  -16.529 -1.317  0.40 19.89  ? 79   ILE A CG2 1 
ATOM   628  C  CD1 A ILE A 1 79  ? -5.839  -17.664 -0.863  0.60 33.47  ? 79   ILE A CD1 1 
ATOM   629  C  CD1 B ILE A 1 79  ? -4.302  -16.422 0.137   0.40 27.70  ? 79   ILE A CD1 1 
ATOM   630  N  N   . TYR A 1 80  ? -5.952  -12.684 -1.841  1.00 21.78  ? 80   TYR A N   1 
ATOM   631  C  CA  . TYR A 1 80  ? -5.509  -12.093 -3.107  1.00 26.71  ? 80   TYR A CA  1 
ATOM   632  C  C   . TYR A 1 80  ? -4.005  -11.900 -3.108  1.00 27.97  ? 80   TYR A C   1 
ATOM   633  O  O   . TYR A 1 80  ? -3.382  -11.838 -2.035  1.00 25.88  ? 80   TYR A O   1 
ATOM   634  C  CB  . TYR A 1 80  ? -6.249  -10.800 -3.400  1.00 23.48  ? 80   TYR A CB  1 
ATOM   635  C  CG  . TYR A 1 80  ? -6.181  -9.746  -2.305  1.00 22.14  ? 80   TYR A CG  1 
ATOM   636  C  CD1 . TYR A 1 80  ? -5.085  -8.914  -2.222  1.00 23.63  ? 80   TYR A CD1 1 
ATOM   637  C  CD2 . TYR A 1 80  ? -7.195  -9.620  -1.393  1.00 25.06  ? 80   TYR A CD2 1 
ATOM   638  C  CE1 . TYR A 1 80  ? -5.005  -7.964  -1.226  1.00 26.07  ? 80   TYR A CE1 1 
ATOM   639  C  CE2 . TYR A 1 80  ? -7.196  -8.636  -0.415  1.00 27.48  ? 80   TYR A CE2 1 
ATOM   640  C  CZ  . TYR A 1 80  ? -6.097  -7.791  -0.364  1.00 26.40  ? 80   TYR A CZ  1 
ATOM   641  O  OH  . TYR A 1 80  ? -6.022  -6.796  0.587   1.00 27.28  ? 80   TYR A OH  1 
ATOM   642  N  N   . GLY A 1 81  ? -3.492  -11.823 -4.315  1.00 24.01  ? 81   GLY A N   1 
ATOM   643  C  CA  . GLY A 1 81  ? -2.042  -11.578 -4.503  1.00 27.36  ? 81   GLY A CA  1 
ATOM   644  C  C   . GLY A 1 81  ? -1.970  -10.443 -5.531  1.00 26.84  ? 81   GLY A C   1 
ATOM   645  O  O   . GLY A 1 81  ? -2.832  -10.461 -6.460  1.00 27.44  ? 81   GLY A O   1 
ATOM   646  N  N   . VAL A 1 82  ? -1.082  -9.530  -5.367  1.00 25.79  ? 82   VAL A N   1 
ATOM   647  C  CA  . VAL A 1 82  ? -0.969  -8.410  -6.326  1.00 25.06  ? 82   VAL A CA  1 
ATOM   648  C  C   . VAL A 1 82  ? 0.477   -8.160  -6.724  1.00 29.70  ? 82   VAL A C   1 
ATOM   649  O  O   . VAL A 1 82  ? 1.468   -8.494  -5.988  1.00 25.26  ? 82   VAL A O   1 
ATOM   650  C  CB  . VAL A 1 82  ? -1.596  -7.137  -5.761  1.00 25.89  ? 82   VAL A CB  1 
ATOM   651  C  CG1 . VAL A 1 82  ? -3.102  -7.259  -5.481  1.00 23.93  ? 82   VAL A CG1 1 
ATOM   652  C  CG2 . VAL A 1 82  ? -0.882  -6.602  -4.507  1.00 21.53  ? 82   VAL A CG2 1 
ATOM   653  N  N   . VAL A 1 83  ? 0.681   -7.542  -7.894  1.00 24.25  ? 83   VAL A N   1 
ATOM   654  C  CA  . VAL A 1 83  ? 1.975   -7.201  -8.434  1.00 26.24  ? 83   VAL A CA  1 
ATOM   655  C  C   . VAL A 1 83  ? 1.840   -5.813  -9.130  1.00 26.52  ? 83   VAL A C   1 
ATOM   656  O  O   . VAL A 1 83  ? 0.739   -5.416  -9.556  1.00 25.24  ? 83   VAL A O   1 
ATOM   657  C  CB  A VAL A 1 83  ? 2.643   -8.147  -9.440  0.50 26.95  ? 83   VAL A CB  1 
ATOM   658  C  CB  B VAL A 1 83  ? 2.420   -8.208  -9.512  0.50 30.12  ? 83   VAL A CB  1 
ATOM   659  C  CG1 A VAL A 1 83  ? 2.865   -9.598  -8.941  0.50 24.89  ? 83   VAL A CG1 1 
ATOM   660  C  CG1 B VAL A 1 83  ? 1.337   -8.409  -10.560 0.50 35.02  ? 83   VAL A CG1 1 
ATOM   661  C  CG2 A VAL A 1 83  ? 1.920   -8.249  -10.777 0.50 25.62  ? 83   VAL A CG2 1 
ATOM   662  C  CG2 B VAL A 1 83  ? 3.712   -7.804  -10.187 0.50 33.67  ? 83   VAL A CG2 1 
ATOM   663  N  N   . GLY A 1 84  ? 2.935   -5.134  -9.249  1.00 32.50  ? 84   GLY A N   1 
ATOM   664  C  CA  . GLY A 1 84  ? 2.922   -3.852  -9.927  1.00 28.04  ? 84   GLY A CA  1 
ATOM   665  C  C   . GLY A 1 84  ? 4.198   -3.085  -9.661  1.00 29.22  ? 84   GLY A C   1 
ATOM   666  O  O   . GLY A 1 84  ? 5.318   -3.612  -9.757  1.00 27.56  ? 84   GLY A O   1 
ATOM   667  N  N   . VAL A 1 85  ? 3.998   -1.783  -9.538  1.00 31.11  ? 85   VAL A N   1 
ATOM   668  C  CA  . VAL A 1 85  ? 5.127   -0.877  -9.403  1.00 35.45  ? 85   VAL A CA  1 
ATOM   669  C  C   . VAL A 1 85  ? 5.096   -0.077  -8.117  1.00 34.91  ? 85   VAL A C   1 
ATOM   670  O  O   . VAL A 1 85  ? 4.047   0.364   -7.629  1.00 37.63  ? 85   VAL A O   1 
ATOM   671  C  CB  A VAL A 1 85  ? 5.222   0.084   -10.609 0.50 40.89  ? 85   VAL A CB  1 
ATOM   672  C  CB  B VAL A 1 85  ? 5.055   0.088   -10.626 0.60 43.97  ? 85   VAL A CB  1 
ATOM   673  C  CG1 A VAL A 1 85  ? 5.418   -0.691  -11.917 0.50 38.78  ? 85   VAL A CG1 1 
ATOM   674  C  CG1 B VAL A 1 85  ? 6.112   1.150   -10.557 0.60 40.45  ? 85   VAL A CG1 1 
ATOM   675  C  CG2 A VAL A 1 85  ? 4.002   0.995   -10.686 0.50 33.75  ? 85   VAL A CG2 1 
ATOM   676  C  CG2 B VAL A 1 85  ? 5.231   -0.691  -11.941 0.60 42.70  ? 85   VAL A CG2 1 
ATOM   677  N  N   . GLY A 1 86  ? 6.273   0.232   -7.604  1.00 31.80  ? 86   GLY A N   1 
ATOM   678  C  CA  . GLY A 1 86  ? 6.437   1.034   -6.411  1.00 27.50  ? 86   GLY A CA  1 
ATOM   679  C  C   . GLY A 1 86  ? 7.343   2.253   -6.874  1.00 35.95  ? 86   GLY A C   1 
ATOM   680  O  O   . GLY A 1 86  ? 8.059   2.170   -7.879  1.00 33.73  ? 86   GLY A O   1 
ATOM   681  N  N   . TYR A 1 87  ? 6.998   3.338   -6.254  1.00 34.53  ? 87   TYR A N   1 
ATOM   682  C  CA  . TYR A 1 87  ? 7.755   4.607   -6.612  1.00 36.70  ? 87   TYR A CA  1 
ATOM   683  C  C   . TYR A 1 87  ? 8.214   5.247   -5.331  1.00 35.64  ? 87   TYR A C   1 
ATOM   684  O  O   . TYR A 1 87  ? 7.392   5.403   -4.430  1.00 35.02  ? 87   TYR A O   1 
ATOM   685  C  CB  . TYR A 1 87  ? 6.803   5.513   -7.353  1.00 36.51  ? 87   TYR A CB  1 
ATOM   686  C  CG  . TYR A 1 87  ? 7.358   6.938   -7.524  1.00 44.36  ? 87   TYR A CG  1 
ATOM   687  C  CD1 . TYR A 1 87  ? 8.360   7.175   -8.427  1.00 39.60  ? 87   TYR A CD1 1 
ATOM   688  C  CD2 . TYR A 1 87  ? 6.789   7.980   -6.809  1.00 45.70  ? 87   TYR A CD2 1 
ATOM   689  C  CE1 . TYR A 1 87  ? 8.872   8.470   -8.583  1.00 49.52  ? 87   TYR A CE1 1 
ATOM   690  C  CE2 . TYR A 1 87  ? 7.243   9.267   -6.982  1.00 51.70  ? 87   TYR A CE2 1 
ATOM   691  C  CZ  . TYR A 1 87  ? 8.279   9.493   -7.881  1.00 52.39  ? 87   TYR A CZ  1 
ATOM   692  O  OH  . TYR A 1 87  ? 8.756   10.770  -8.032  1.00 57.13  ? 87   TYR A OH  1 
ATOM   693  N  N   . GLY A 1 88  ? 9.508   5.673   -5.271  1.00 33.46  ? 88   GLY A N   1 
ATOM   694  C  CA  . GLY A 1 88  ? 9.900   6.315   -3.999  1.00 32.38  ? 88   GLY A CA  1 
ATOM   695  C  C   . GLY A 1 88  ? 10.494  7.714   -4.410  1.00 41.93  ? 88   GLY A C   1 
ATOM   696  O  O   . GLY A 1 88  ? 11.005  7.804   -5.548  1.00 36.89  ? 88   GLY A O   1 
ATOM   697  N  N   . LYS A 1 89  ? 10.136  8.720   -3.645  1.00 41.08  ? 89   LYS A N   1 
ATOM   698  C  CA  . LYS A 1 89  ? 10.652  10.084  -3.868  1.00 44.60  ? 89   LYS A CA  1 
ATOM   699  C  C   . LYS A 1 89  ? 11.223  10.548  -2.524  1.00 43.29  ? 89   LYS A C   1 
ATOM   700  O  O   . LYS A 1 89  ? 10.517  10.631  -1.502  1.00 45.32  ? 89   LYS A O   1 
ATOM   701  C  CB  . LYS A 1 89  ? 9.585   11.054  -4.358  1.00 43.48  ? 89   LYS A CB  1 
ATOM   702  C  CG  . LYS A 1 89  ? 10.194  12.477  -4.611  1.00 45.17  ? 89   LYS A CG  1 
ATOM   703  C  CD  . LYS A 1 89  ? 9.086   13.345  -5.225  1.00 52.01  ? 89   LYS A CD  1 
ATOM   704  C  CE  . LYS A 1 89  ? 9.589   14.773  -5.422  1.00 60.66  ? 89   LYS A CE  1 
ATOM   705  N  NZ  . LYS A 1 89  ? 8.411   15.656  -5.704  1.00 63.27  ? 89   LYS A NZ  1 
ATOM   706  N  N   . PHE A 1 90  ? 12.554  10.750  -2.516  1.00 47.04  ? 90   PHE A N   1 
ATOM   707  C  CA  . PHE A 1 90  ? 13.264  11.105  -1.273  1.00 38.77  ? 90   PHE A CA  1 
ATOM   708  C  C   . PHE A 1 90  ? 13.908  12.491  -1.393  1.00 43.98  ? 90   PHE A C   1 
ATOM   709  O  O   . PHE A 1 90  ? 14.707  12.702  -2.327  1.00 39.36  ? 90   PHE A O   1 
ATOM   710  C  CB  A PHE A 1 90  ? 14.332  10.105  -0.870  0.50 49.46  ? 90   PHE A CB  1 
ATOM   711  C  CB  B PHE A 1 90  ? 14.280  9.977   -1.054  0.50 36.99  ? 90   PHE A CB  1 
ATOM   712  C  CG  A PHE A 1 90  ? 15.200  10.419  0.323   0.50 56.50  ? 90   PHE A CG  1 
ATOM   713  C  CG  B PHE A 1 90  ? 13.636  8.600   -1.072  0.50 34.44  ? 90   PHE A CG  1 
ATOM   714  C  CD1 A PHE A 1 90  ? 14.861  11.343  1.292   0.50 56.24  ? 90   PHE A CD1 1 
ATOM   715  C  CD1 B PHE A 1 90  ? 12.821  8.195   -0.035  0.50 39.57  ? 90   PHE A CD1 1 
ATOM   716  C  CD2 A PHE A 1 90  ? 16.391  9.707   0.513   0.50 61.21  ? 90   PHE A CD2 1 
ATOM   717  C  CD2 B PHE A 1 90  ? 13.838  7.773   -2.155  0.50 33.74  ? 90   PHE A CD2 1 
ATOM   718  C  CE1 A PHE A 1 90  ? 15.648  11.592  2.394   0.50 59.01  ? 90   PHE A CE1 1 
ATOM   719  C  CE1 B PHE A 1 90  ? 12.208  6.948   -0.063  0.50 37.51  ? 90   PHE A CE1 1 
ATOM   720  C  CE2 A PHE A 1 90  ? 17.211  9.947   1.608   0.50 61.01  ? 90   PHE A CE2 1 
ATOM   721  C  CE2 B PHE A 1 90  ? 13.274  6.507   -2.176  0.50 31.04  ? 90   PHE A CE2 1 
ATOM   722  C  CZ  A PHE A 1 90  ? 16.846  10.891  2.554   0.50 61.88  ? 90   PHE A CZ  1 
ATOM   723  C  CZ  B PHE A 1 90  ? 12.475  6.117   -1.129  0.50 34.19  ? 90   PHE A CZ  1 
ATOM   724  N  N   . GLN A 1 91  ? 13.421  13.398  -0.576  1.00 44.01  ? 91   GLN A N   1 
ATOM   725  C  CA  . GLN A 1 91  ? 13.880  14.774  -0.579  1.00 47.07  ? 91   GLN A CA  1 
ATOM   726  C  C   . GLN A 1 91  ? 14.740  15.128  0.612   1.00 48.70  ? 91   GLN A C   1 
ATOM   727  O  O   . GLN A 1 91  ? 14.417  14.781  1.794   1.00 47.06  ? 91   GLN A O   1 
ATOM   728  C  CB  . GLN A 1 91  ? 12.663  15.723  -0.585  1.00 41.72  ? 91   GLN A CB  1 
ATOM   729  C  CG  . GLN A 1 91  ? 11.782  15.654  -1.834  1.00 45.35  ? 91   GLN A CG  1 
ATOM   730  C  CD  . GLN A 1 91  ? 10.529  16.506  -1.627  1.00 58.17  ? 91   GLN A CD  1 
ATOM   731  O  OE1 . GLN A 1 91  ? 10.545  17.704  -1.879  1.00 69.58  ? 91   GLN A OE1 1 
ATOM   732  N  NE2 . GLN A 1 91  ? 9.438   15.893  -1.206  1.00 51.94  ? 91   GLN A NE2 1 
ATOM   733  N  N   . THR A 1 92  ? 15.881  15.793  0.402   1.00 46.90  ? 92   THR A N   1 
ATOM   734  C  CA  . THR A 1 92  ? 16.687  16.128  1.557   1.00 47.16  ? 92   THR A CA  1 
ATOM   735  C  C   . THR A 1 92  ? 17.229  17.561  1.406   1.00 51.45  ? 92   THR A C   1 
ATOM   736  O  O   . THR A 1 92  ? 17.509  17.977  0.274   1.00 46.65  ? 92   THR A O   1 
ATOM   737  C  CB  A THR A 1 92  ? 17.937  15.218  1.696   0.40 48.92  ? 92   THR A CB  1 
ATOM   738  C  CB  B THR A 1 92  ? 17.869  15.251  1.978   0.60 56.03  ? 92   THR A CB  1 
ATOM   739  O  OG1 A THR A 1 92  ? 18.612  15.186  0.413   0.40 52.27  ? 92   THR A OG1 1 
ATOM   740  O  OG1 B THR A 1 92  ? 18.362  15.805  3.239   0.60 61.77  ? 92   THR A OG1 1 
ATOM   741  C  CG2 A THR A 1 92  ? 17.632  13.819  2.158   0.40 39.67  ? 92   THR A CG2 1 
ATOM   742  C  CG2 B THR A 1 92  ? 19.010  15.283  0.960   0.60 56.80  ? 92   THR A CG2 1 
ATOM   743  N  N   . THR A 1 93  ? 17.188  18.312  2.498   1.00 48.62  ? 93   THR A N   1 
ATOM   744  C  CA  . THR A 1 93  ? 17.749  19.650  2.429   1.00 58.16  ? 93   THR A CA  1 
ATOM   745  C  C   . THR A 1 93  ? 18.756  19.843  3.570   1.00 57.55  ? 93   THR A C   1 
ATOM   746  O  O   . THR A 1 93  ? 18.342  19.774  4.729   1.00 54.49  ? 93   THR A O   1 
ATOM   747  C  CB  . THR A 1 93  ? 16.702  20.769  2.502   1.00 60.05  ? 93   THR A CB  1 
ATOM   748  O  OG1 . THR A 1 93  ? 16.016  20.714  3.774   1.00 75.61  ? 93   THR A OG1 1 
ATOM   749  C  CG2 . THR A 1 93  ? 15.641  20.695  1.408   1.00 59.31  ? 93   THR A CG2 1 
ATOM   750  N  N   . GLU A 1 94  ? 20.017  20.097  3.223   1.00 63.83  ? 94   GLU A N   1 
ATOM   751  C  CA  . GLU A 1 94  ? 21.046  20.399  4.220   1.00 62.34  ? 94   GLU A CA  1 
ATOM   752  C  C   . GLU A 1 94  ? 21.007  21.910  4.473   1.00 62.42  ? 94   GLU A C   1 
ATOM   753  O  O   . GLU A 1 94  ? 21.377  22.656  3.548   1.00 59.75  ? 94   GLU A O   1 
ATOM   754  C  CB  . GLU A 1 94  ? 22.450  20.067  3.734   1.00 69.46  ? 94   GLU A CB  1 
ATOM   755  C  CG  . GLU A 1 94  ? 22.867  18.620  3.726   1.00 79.59  ? 94   GLU A CG  1 
ATOM   756  C  CD  . GLU A 1 94  ? 24.388  18.441  3.737   1.00 82.78  ? 94   GLU A CD  1 
ATOM   757  O  OE1 . GLU A 1 94  ? 25.107  19.403  4.061   1.00 80.25  ? 94   GLU A OE1 1 
ATOM   758  O  OE2 . GLU A 1 94  ? 24.845  17.316  3.431   1.00 86.35  ? 94   GLU A OE2 1 
ATOM   759  N  N   . TYR A 1 95  ? 20.523  22.366  5.605   1.00 58.44  ? 95   TYR A N   1 
ATOM   760  C  CA  . TYR A 1 95  ? 20.412  23.776  5.940   1.00 62.14  ? 95   TYR A CA  1 
ATOM   761  C  C   . TYR A 1 95  ? 21.730  24.497  5.643   1.00 61.06  ? 95   TYR A C   1 
ATOM   762  O  O   . TYR A 1 95  ? 22.828  23.951  5.845   1.00 60.35  ? 95   TYR A O   1 
ATOM   763  C  CB  . TYR A 1 95  ? 20.065  23.903  7.436   1.00 64.88  ? 95   TYR A CB  1 
ATOM   764  C  CG  . TYR A 1 95  ? 19.639  25.279  7.893   1.00 68.97  ? 95   TYR A CG  1 
ATOM   765  C  CD1 . TYR A 1 95  ? 20.584  26.263  8.098   1.00 69.27  ? 95   TYR A CD1 1 
ATOM   766  C  CD2 . TYR A 1 95  ? 18.296  25.583  8.132   1.00 72.00  ? 95   TYR A CD2 1 
ATOM   767  C  CE1 . TYR A 1 95  ? 20.210  27.529  8.496   1.00 72.08  ? 95   TYR A CE1 1 
ATOM   768  C  CE2 . TYR A 1 95  ? 17.902  26.845  8.538   1.00 74.53  ? 95   TYR A CE2 1 
ATOM   769  C  CZ  . TYR A 1 95  ? 18.868  27.806  8.718   1.00 76.58  ? 95   TYR A CZ  1 
ATOM   770  O  OH  . TYR A 1 95  ? 18.522  29.086  9.113   1.00 78.40  ? 95   TYR A OH  1 
ATOM   771  N  N   . PRO A 1 96  ? 21.650  25.709  5.124   1.00 59.04  ? 96   PRO A N   1 
ATOM   772  C  CA  . PRO A 1 96  ? 20.424  26.422  4.849   1.00 58.87  ? 96   PRO A CA  1 
ATOM   773  C  C   . PRO A 1 96  ? 19.720  26.080  3.549   1.00 60.94  ? 96   PRO A C   1 
ATOM   774  O  O   . PRO A 1 96  ? 18.484  26.070  3.494   1.00 65.03  ? 96   PRO A O   1 
ATOM   775  C  CB  . PRO A 1 96  ? 20.870  27.886  4.755   1.00 61.30  ? 96   PRO A CB  1 
ATOM   776  C  CG  . PRO A 1 96  ? 22.280  27.808  4.267   1.00 60.90  ? 96   PRO A CG  1 
ATOM   777  C  CD  . PRO A 1 96  ? 22.862  26.530  4.799   1.00 61.79  ? 96   PRO A CD  1 
ATOM   778  N  N   . THR A 1 97  ? 20.466  25.884  2.443   1.00 57.14  ? 97   THR A N   1 
ATOM   779  C  CA  . THR A 1 97  ? 19.781  25.678  1.162   1.00 54.83  ? 97   THR A CA  1 
ATOM   780  C  C   . THR A 1 97  ? 20.238  24.538  0.305   1.00 46.63  ? 97   THR A C   1 
ATOM   781  O  O   . THR A 1 97  ? 19.875  24.509  -0.902  1.00 53.17  ? 97   THR A O   1 
ATOM   782  C  CB  . THR A 1 97  ? 20.047  26.971  0.314   1.00 57.85  ? 97   THR A CB  1 
ATOM   783  O  OG1 . THR A 1 97  ? 21.468  27.075  0.184   1.00 57.03  ? 97   THR A OG1 1 
ATOM   784  C  CG2 . THR A 1 97  ? 19.483  28.216  0.952   1.00 55.60  ? 97   THR A CG2 1 
ATOM   785  N  N   . TYR A 1 98  ? 21.034  23.585  0.770   1.00 46.79  ? 98   TYR A N   1 
ATOM   786  C  CA  . TYR A 1 98  ? 21.477  22.510  -0.116  1.00 42.12  ? 98   TYR A CA  1 
ATOM   787  C  C   . TYR A 1 98  ? 20.455  21.383  -0.278  1.00 51.30  ? 98   TYR A C   1 
ATOM   788  O  O   . TYR A 1 98  ? 20.285  20.592  0.656   1.00 53.46  ? 98   TYR A O   1 
ATOM   789  C  CB  . TYR A 1 98  ? 22.757  21.944  0.463   1.00 47.17  ? 98   TYR A CB  1 
ATOM   790  C  CG  . TYR A 1 98  ? 23.387  20.804  -0.294  1.00 52.19  ? 98   TYR A CG  1 
ATOM   791  C  CD1 . TYR A 1 98  ? 23.309  20.714  -1.672  1.00 50.39  ? 98   TYR A CD1 1 
ATOM   792  C  CD2 . TYR A 1 98  ? 24.145  19.850  0.404   1.00 59.71  ? 98   TYR A CD2 1 
ATOM   793  C  CE1 . TYR A 1 98  ? 23.918  19.688  -2.365  1.00 61.08  ? 98   TYR A CE1 1 
ATOM   794  C  CE2 . TYR A 1 98  ? 24.774  18.818  -0.281  1.00 65.71  ? 98   TYR A CE2 1 
ATOM   795  C  CZ  . TYR A 1 98  ? 24.653  18.742  -1.660  1.00 68.21  ? 98   TYR A CZ  1 
ATOM   796  O  OH  . TYR A 1 98  ? 25.262  17.704  -2.354  1.00 73.60  ? 98   TYR A OH  1 
ATOM   797  N  N   . LYS A 1 99  ? 19.824  21.280  -1.440  1.00 48.72  ? 99   LYS A N   1 
ATOM   798  C  CA  . LYS A 1 99  ? 18.845  20.216  -1.672  1.00 48.82  ? 99   LYS A CA  1 
ATOM   799  C  C   . LYS A 1 99  ? 19.397  19.096  -2.517  1.00 51.03  ? 99   LYS A C   1 
ATOM   800  O  O   . LYS A 1 99  ? 20.163  19.343  -3.452  1.00 45.16  ? 99   LYS A O   1 
ATOM   801  C  CB  . LYS A 1 99  ? 17.641  20.819  -2.449  1.00 48.09  ? 99   LYS A CB  1 
ATOM   802  C  CG  . LYS A 1 99  ? 16.897  21.850  -1.593  1.00 52.24  ? 99   LYS A CG  1 
ATOM   803  C  CD  . LYS A 1 99  ? 15.833  22.535  -2.460  1.00 61.59  ? 99   LYS A CD  1 
ATOM   804  C  CE  . LYS A 1 99  ? 15.104  23.602  -1.660  1.00 66.59  ? 99   LYS A CE  1 
ATOM   805  N  NZ  . LYS A 1 99  ? 14.450  23.039  -0.431  1.00 73.77  ? 99   LYS A NZ  1 
ATOM   806  N  N   . ASN A 1 100 ? 18.887  17.863  -2.313  1.00 47.75  ? 100  ASN A N   1 
ATOM   807  C  CA  . ASN A 1 100 ? 19.203  16.727  -3.144  1.00 46.49  ? 100  ASN A CA  1 
ATOM   808  C  C   . ASN A 1 100 ? 17.922  15.800  -3.061  1.00 48.71  ? 100  ASN A C   1 
ATOM   809  O  O   . ASN A 1 100 ? 17.327  15.605  -2.003  1.00 47.84  ? 100  ASN A O   1 
ATOM   810  C  CB  . ASN A 1 100 ? 20.385  15.853  -2.744  1.00 56.59  ? 100  ASN A CB  1 
ATOM   811  C  CG  . ASN A 1 100 ? 20.738  14.841  -3.831  1.00 59.84  ? 100  ASN A CG  1 
ATOM   812  O  OD1 . ASN A 1 100 ? 19.848  14.459  -4.574  1.00 72.55  ? 100  ASN A OD1 1 
ATOM   813  N  ND2 . ASN A 1 100 ? 22.001  14.458  -3.973  1.00 67.70  ? 100  ASN A ND2 1 
ATOM   814  N  N   . ASP A 1 101 ? 17.355  15.582  -4.250  1.00 49.91  ? 101  ASP A N   1 
ATOM   815  C  CA  . ASP A 1 101 ? 16.150  14.833  -4.432  1.00 51.01  ? 101  ASP A CA  1 
ATOM   816  C  C   . ASP A 1 101 ? 16.416  13.532  -5.172  1.00 56.55  ? 101  ASP A C   1 
ATOM   817  O  O   . ASP A 1 101 ? 17.227  13.384  -6.112  1.00 51.48  ? 101  ASP A O   1 
ATOM   818  C  CB  . ASP A 1 101 ? 15.032  15.639  -5.102  1.00 49.02  ? 101  ASP A CB  1 
ATOM   819  C  CG  . ASP A 1 101 ? 14.517  16.786  -4.235  1.00 60.29  ? 101  ASP A CG  1 
ATOM   820  O  OD1 . ASP A 1 101 ? 15.071  16.882  -3.116  1.00 57.09  ? 101  ASP A OD1 1 
ATOM   821  O  OD2 . ASP A 1 101 ? 13.608  17.509  -4.719  1.00 64.84  ? 101  ASP A OD2 1 
ATOM   822  N  N   . THR A 1 102 ? 15.804  12.407  -4.781  1.00 43.48  ? 102  THR A N   1 
ATOM   823  C  CA  . THR A 1 102 ? 16.099  11.236  -5.627  1.00 49.32  ? 102  THR A CA  1 
ATOM   824  C  C   . THR A 1 102 ? 14.724  10.519  -5.743  1.00 47.82  ? 102  THR A C   1 
ATOM   825  O  O   . THR A 1 102 ? 13.812  10.846  -4.956  1.00 40.09  ? 102  THR A O   1 
ATOM   826  C  CB  . THR A 1 102 ? 17.217  10.328  -5.148  1.00 58.82  ? 102  THR A CB  1 
ATOM   827  O  OG1 . THR A 1 102 ? 17.115  10.061  -3.718  1.00 66.05  ? 102  THR A OG1 1 
ATOM   828  C  CG2 . THR A 1 102 ? 18.624  10.877  -5.366  1.00 61.65  ? 102  THR A CG2 1 
ATOM   829  N  N   . SER A 1 103 ? 14.501  9.938   -6.900  1.00 47.44  ? 103  SER A N   1 
ATOM   830  C  CA  . SER A 1 103 ? 13.241  9.221   -7.116  1.00 45.59  ? 103  SER A CA  1 
ATOM   831  C  C   . SER A 1 103 ? 13.519  8.119   -8.116  1.00 43.07  ? 103  SER A C   1 
ATOM   832  O  O   . SER A 1 103 ? 14.545  8.131   -8.825  1.00 41.31  ? 103  SER A O   1 
ATOM   833  C  CB  . SER A 1 103 ? 12.126  10.174  -7.560  1.00 41.63  ? 103  SER A CB  1 
ATOM   834  O  OG  . SER A 1 103 ? 12.308  10.511  -8.947  1.00 47.29  ? 103  SER A OG  1 
ATOM   835  N  N   . ASP A 1 104 ? 12.710  6.981   -7.956  1.00 36.50  ? 104  ASP A N   1 
ATOM   836  C  CA  . ASP A 1 104 ? 12.984  5.950   -8.910  1.00 34.26  ? 104  ASP A CA  1 
ATOM   837  C  C   . ASP A 1 104 ? 11.777  4.878   -8.660  1.00 30.67  ? 104  ASP A C   1 
ATOM   838  O  O   . ASP A 1 104 ? 11.050  5.187   -7.696  1.00 35.85  ? 104  ASP A O   1 
ATOM   839  C  CB  . ASP A 1 104 ? 14.252  5.164   -8.675  1.00 44.78  ? 104  ASP A CB  1 
ATOM   840  C  CG  . ASP A 1 104 ? 14.800  4.409   -9.867  1.00 41.69  ? 104  ASP A CG  1 
ATOM   841  O  OD1 . ASP A 1 104 ? 14.277  4.338   -11.007 1.00 46.48  ? 104  ASP A OD1 1 
ATOM   842  O  OD2 . ASP A 1 104 ? 15.919  3.824   -9.725  1.00 50.07  ? 104  ASP A OD2 1 
ATOM   843  N  N   . TYR A 1 105 ? 11.564  4.160   -9.678  1.00 35.50  ? 105  TYR A N   1 
ATOM   844  C  CA  . TYR A 1 105 ? 10.503  3.145   -9.615  1.00 34.21  ? 105  TYR A CA  1 
ATOM   845  C  C   . TYR A 1 105 ? 11.158  1.809   -9.306  1.00 38.65  ? 105  TYR A C   1 
ATOM   846  O  O   . TYR A 1 105 ? 12.318  1.506   -9.640  1.00 37.85  ? 105  TYR A O   1 
ATOM   847  C  CB  . TYR A 1 105 ? 9.816   3.035   -10.979 1.00 34.27  ? 105  TYR A CB  1 
ATOM   848  C  CG  . TYR A 1 105 ? 8.973   4.272   -11.304 1.00 43.65  ? 105  TYR A CG  1 
ATOM   849  C  CD1 . TYR A 1 105 ? 9.540   5.418   -11.814 1.00 50.67  ? 105  TYR A CD1 1 
ATOM   850  C  CD2 . TYR A 1 105 ? 7.601   4.236   -11.090 1.00 49.20  ? 105  TYR A CD2 1 
ATOM   851  C  CE1 . TYR A 1 105 ? 8.762   6.541   -12.121 1.00 51.27  ? 105  TYR A CE1 1 
ATOM   852  C  CE2 . TYR A 1 105 ? 6.806   5.329   -11.397 1.00 54.12  ? 105  TYR A CE2 1 
ATOM   853  C  CZ  . TYR A 1 105 ? 7.406   6.476   -11.903 1.00 55.10  ? 105  TYR A CZ  1 
ATOM   854  O  OH  . TYR A 1 105 ? 6.526   7.512   -12.145 1.00 59.64  ? 105  TYR A OH  1 
ATOM   855  N  N   . GLY A 1 106 ? 10.269  0.880   -8.871  1.00 33.60  ? 106  GLY A N   1 
ATOM   856  C  CA  . GLY A 1 106 ? 10.842  -0.485  -8.565  1.00 33.69  ? 106  GLY A CA  1 
ATOM   857  C  C   . GLY A 1 106 ? 9.631   -1.453  -8.655  1.00 34.67  ? 106  GLY A C   1 
ATOM   858  O  O   . GLY A 1 106 ? 8.487   -1.022  -8.883  1.00 32.22  ? 106  GLY A O   1 
ATOM   859  N  N   . PHE A 1 107 ? 9.931   -2.726  -8.589  1.00 34.34  ? 107  PHE A N   1 
ATOM   860  C  CA  . PHE A 1 107 ? 8.871   -3.710  -8.632  1.00 31.15  ? 107  PHE A CA  1 
ATOM   861  C  C   . PHE A 1 107 ? 8.156   -3.757  -7.259  1.00 32.11  ? 107  PHE A C   1 
ATOM   862  O  O   . PHE A 1 107 ? 8.797   -3.703  -6.204  1.00 31.27  ? 107  PHE A O   1 
ATOM   863  C  CB  . PHE A 1 107 ? 9.498   -5.080  -8.911  1.00 38.03  ? 107  PHE A CB  1 
ATOM   864  C  CG  . PHE A 1 107 ? 8.544   -6.210  -9.024  1.00 39.64  ? 107  PHE A CG  1 
ATOM   865  C  CD1 . PHE A 1 107 ? 7.595   -6.306  -10.039 1.00 42.52  ? 107  PHE A CD1 1 
ATOM   866  C  CD2 . PHE A 1 107 ? 8.603   -7.241  -8.081  1.00 50.63  ? 107  PHE A CD2 1 
ATOM   867  C  CE1 . PHE A 1 107 ? 6.758   -7.398  -10.070 1.00 47.31  ? 107  PHE A CE1 1 
ATOM   868  C  CE2 . PHE A 1 107 ? 7.772   -8.326  -8.113  1.00 44.02  ? 107  PHE A CE2 1 
ATOM   869  C  CZ  . PHE A 1 107 ? 6.816   -8.423  -9.124  1.00 43.67  ? 107  PHE A CZ  1 
ATOM   870  N  N   . SER A 1 108 ? 6.816   -3.969  -7.257  1.00 34.68  ? 108  SER A N   1 
ATOM   871  C  CA  . SER A 1 108 ? 6.108   -4.062  -5.964  1.00 28.86  ? 108  SER A CA  1 
ATOM   872  C  C   . SER A 1 108 ? 5.181   -5.312  -5.978  1.00 27.14  ? 108  SER A C   1 
ATOM   873  O  O   . SER A 1 108 ? 4.801   -5.700  -7.080  1.00 26.96  ? 108  SER A O   1 
ATOM   874  C  CB  . SER A 1 108 ? 5.224   -2.809  -5.798  1.00 38.04  ? 108  SER A CB  1 
ATOM   875  O  OG  . SER A 1 108 ? 4.453   -2.958  -4.586  1.00 41.33  ? 108  SER A OG  1 
ATOM   876  N  N   . TYR A 1 109 ? 4.971   -5.921  -4.833  1.00 27.77  ? 109  TYR A N   1 
ATOM   877  C  CA  . TYR A 1 109 ? 4.107   -7.150  -4.885  1.00 29.76  ? 109  TYR A CA  1 
ATOM   878  C  C   . TYR A 1 109 ? 3.445   -7.239  -3.526  1.00 28.15  ? 109  TYR A C   1 
ATOM   879  O  O   . TYR A 1 109 ? 3.875   -6.571  -2.607  1.00 30.45  ? 109  TYR A O   1 
ATOM   880  C  CB  . TYR A 1 109 ? 4.893   -8.357  -5.346  1.00 34.08  ? 109  TYR A CB  1 
ATOM   881  C  CG  . TYR A 1 109 ? 5.959   -8.801  -4.344  1.00 36.62  ? 109  TYR A CG  1 
ATOM   882  C  CD1 . TYR A 1 109 ? 5.626   -9.695  -3.326  1.00 42.95  ? 109  TYR A CD1 1 
ATOM   883  C  CD2 . TYR A 1 109 ? 7.255   -8.319  -4.418  1.00 46.51  ? 109  TYR A CD2 1 
ATOM   884  C  CE1 . TYR A 1 109 ? 6.562   -10.108 -2.397  1.00 48.53  ? 109  TYR A CE1 1 
ATOM   885  C  CE2 . TYR A 1 109 ? 8.206   -8.728  -3.474  1.00 45.90  ? 109  TYR A CE2 1 
ATOM   886  C  CZ  . TYR A 1 109 ? 7.851   -9.618  -2.489  1.00 50.20  ? 109  TYR A CZ  1 
ATOM   887  O  OH  . TYR A 1 109 ? 8.801   -10.029 -1.546  1.00 52.35  ? 109  TYR A OH  1 
ATOM   888  N  N   . GLY A 1 110 ? 2.318   -7.973  -3.409  1.00 27.97  ? 110  GLY A N   1 
ATOM   889  C  CA  . GLY A 1 110 ? 1.676   -7.947  -2.061  1.00 26.18  ? 110  GLY A CA  1 
ATOM   890  C  C   . GLY A 1 110 ? 0.660   -9.074  -2.002  1.00 22.40  ? 110  GLY A C   1 
ATOM   891  O  O   . GLY A 1 110 ? 0.519   -9.797  -3.002  1.00 23.41  ? 110  GLY A O   1 
ATOM   892  N  N   . ALA A 1 111 ? 0.134   -9.255  -0.785  1.00 24.01  ? 111  ALA A N   1 
ATOM   893  C  CA  . ALA A 1 111 ? -0.879  -10.325 -0.647  1.00 23.51  ? 111  ALA A CA  1 
ATOM   894  C  C   . ALA A 1 111 ? -1.758  -9.951  0.501   1.00 25.87  ? 111  ALA A C   1 
ATOM   895  O  O   . ALA A 1 111 ? -1.323  -9.164  1.384   1.00 28.31  ? 111  ALA A O   1 
ATOM   896  C  CB  . ALA A 1 111 ? -0.165  -11.688 -0.407  1.00 27.98  ? 111  ALA A CB  1 
ATOM   897  N  N   . GLY A 1 112 ? -3.029  -10.394 0.454   1.00 27.25  ? 112  GLY A N   1 
ATOM   898  C  CA  . GLY A 1 112 ? -3.849  -9.987  1.617   1.00 26.85  ? 112  GLY A CA  1 
ATOM   899  C  C   . GLY A 1 112 ? -5.050  -10.893 1.714   1.00 27.35  ? 112  GLY A C   1 
ATOM   900  O  O   . GLY A 1 112 ? -5.157  -11.889 0.994   1.00 25.74  ? 112  GLY A O   1 
ATOM   901  N  N   . LEU A 1 113 ? -5.842  -10.617 2.751   1.00 29.19  ? 113  LEU A N   1 
ATOM   902  C  CA  . LEU A 1 113 ? -7.078  -11.321 3.031   1.00 31.65  ? 113  LEU A CA  1 
ATOM   903  C  C   . LEU A 1 113 ? -8.188  -10.262 3.213   1.00 32.19  ? 113  LEU A C   1 
ATOM   904  O  O   . LEU A 1 113 ? -7.926  -9.235  3.846   1.00 33.98  ? 113  LEU A O   1 
ATOM   905  C  CB  . LEU A 1 113 ? -6.992  -12.010 4.428   1.00 31.64  ? 113  LEU A CB  1 
ATOM   906  C  CG  . LEU A 1 113 ? -6.992  -13.481 4.669   1.00 56.21  ? 113  LEU A CG  1 
ATOM   907  C  CD1 . LEU A 1 113 ? -6.234  -14.216 3.523   1.00 54.88  ? 113  LEU A CD1 1 
ATOM   908  C  CD2 . LEU A 1 113 ? -6.284  -13.879 5.980   1.00 43.28  ? 113  LEU A CD2 1 
ATOM   909  N  N   . GLN A 1 114 ? -9.401  -10.594 2.854   1.00 29.10  ? 114  GLN A N   1 
ATOM   910  C  CA  . GLN A 1 114 ? -10.579 -9.722  3.028   1.00 28.17  ? 114  GLN A CA  1 
ATOM   911  C  C   . GLN A 1 114 ? -11.660 -10.556 3.653   1.00 24.99  ? 114  GLN A C   1 
ATOM   912  O  O   . GLN A 1 114 ? -11.988 -11.624 3.113   1.00 27.65  ? 114  GLN A O   1 
ATOM   913  C  CB  . GLN A 1 114 ? -10.949 -9.190  1.624   1.00 29.66  ? 114  GLN A CB  1 
ATOM   914  C  CG  . GLN A 1 114 ? -11.863 -8.036  1.643   1.00 35.81  ? 114  GLN A CG  1 
ATOM   915  C  CD  . GLN A 1 114 ? -11.811 -7.281  0.265   1.00 26.72  ? 114  GLN A CD  1 
ATOM   916  O  OE1 . GLN A 1 114 ? -12.782 -7.608  -0.381  1.00 26.31  ? 114  GLN A OE1 1 
ATOM   917  N  NE2 . GLN A 1 114 ? -10.931 -6.314  0.007   1.00 26.34  ? 114  GLN A NE2 1 
ATOM   918  N  N   . PHE A 1 115 ? -12.188 -10.029 4.789   1.00 26.39  ? 115  PHE A N   1 
ATOM   919  C  CA  . PHE A 1 115 ? -13.260 -10.794 5.440   1.00 30.98  ? 115  PHE A CA  1 
ATOM   920  C  C   . PHE A 1 115 ? -14.621 -9.984  5.253   1.00 28.64  ? 115  PHE A C   1 
ATOM   921  O  O   . PHE A 1 115 ? -14.635 -8.742  5.247   1.00 28.68  ? 115  PHE A O   1 
ATOM   922  C  CB  . PHE A 1 115 ? -13.129 -10.939 6.986   1.00 32.41  ? 115  PHE A CB  1 
ATOM   923  C  CG  . PHE A 1 115 ? -11.808 -11.646 7.370   1.00 33.13  ? 115  PHE A CG  1 
ATOM   924  C  CD1 . PHE A 1 115 ? -11.785 -13.002 7.145   1.00 39.81  ? 115  PHE A CD1 1 
ATOM   925  C  CD2 . PHE A 1 115 ? -10.697 -10.994 7.920   1.00 36.89  ? 115  PHE A CD2 1 
ATOM   926  C  CE1 . PHE A 1 115 ? -10.645 -13.762 7.447   1.00 42.68  ? 115  PHE A CE1 1 
ATOM   927  C  CE2 . PHE A 1 115 ? -9.559  -11.814 8.199   1.00 40.58  ? 115  PHE A CE2 1 
ATOM   928  C  CZ  . PHE A 1 115 ? -9.540  -13.152 7.986   1.00 37.99  ? 115  PHE A CZ  1 
ATOM   929  N  N   . ASN A 1 116 ? -15.700 -10.737 5.175   1.00 26.61  ? 116  ASN A N   1 
ATOM   930  C  CA  . ASN A 1 116 ? -17.012 -10.082 5.111   1.00 25.70  ? 116  ASN A CA  1 
ATOM   931  C  C   . ASN A 1 116 ? -17.794 -10.523 6.394   1.00 33.33  ? 116  ASN A C   1 
ATOM   932  O  O   . ASN A 1 116 ? -18.460 -11.553 6.385   1.00 31.10  ? 116  ASN A O   1 
ATOM   933  C  CB  . ASN A 1 116 ? -17.803 -10.468 3.864   1.00 23.41  ? 116  ASN A CB  1 
ATOM   934  C  CG  . ASN A 1 116 ? -17.038 -10.086 2.570   1.00 28.54  ? 116  ASN A CG  1 
ATOM   935  O  OD1 . ASN A 1 116 ? -16.447 -11.000 1.944   1.00 25.53  ? 116  ASN A OD1 1 
ATOM   936  N  ND2 . ASN A 1 116 ? -16.853 -8.828  2.335   1.00 32.14  ? 116  ASN A ND2 1 
ATOM   937  N  N   . PRO A 1 117 ? -17.761 -9.718  7.430   1.00 32.68  ? 117  PRO A N   1 
ATOM   938  C  CA  . PRO A 1 117 ? -18.436 -10.092 8.697   1.00 43.35  ? 117  PRO A CA  1 
ATOM   939  C  C   . PRO A 1 117 ? -19.923 -9.973  8.478   1.00 44.98  ? 117  PRO A C   1 
ATOM   940  O  O   . PRO A 1 117 ? -20.724 -10.646 9.123   1.00 48.47  ? 117  PRO A O   1 
ATOM   941  C  CB  . PRO A 1 117 ? -17.747 -9.194  9.688   1.00 39.04  ? 117  PRO A CB  1 
ATOM   942  C  CG  . PRO A 1 117 ? -17.245 -8.009  8.947   1.00 40.69  ? 117  PRO A CG  1 
ATOM   943  C  CD  . PRO A 1 117 ? -16.917 -8.511  7.563   1.00 32.05  ? 117  PRO A CD  1 
ATOM   944  N  N   . MET A 1 118 ? -20.388 -9.166  7.524   1.00 41.44  ? 118  MET A N   1 
ATOM   945  C  CA  . MET A 1 118 ? -21.790 -9.002  7.087   1.00 46.06  ? 118  MET A CA  1 
ATOM   946  C  C   . MET A 1 118 ? -21.707 -8.969  5.563   1.00 47.75  ? 118  MET A C   1 
ATOM   947  O  O   . MET A 1 118 ? -20.580 -8.649  5.072   1.00 40.78  ? 118  MET A O   1 
ATOM   948  C  CB  . MET A 1 118 ? -22.385 -7.733  7.718   1.00 52.47  ? 118  MET A CB  1 
ATOM   949  C  CG  . MET A 1 118 ? -22.627 -7.985  9.223   1.00 62.33  ? 118  MET A CG  1 
ATOM   950  S  SD  . MET A 1 118 ? -23.647 -6.796  10.065  1.00 62.22  ? 118  MET A SD  1 
ATOM   951  C  CE  . MET A 1 118 ? -23.685 -7.420  11.729  1.00 69.79  ? 118  MET A CE  1 
ATOM   952  N  N   . GLU A 1 119 ? -22.692 -9.327  4.761   1.00 47.94  ? 119  GLU A N   1 
ATOM   953  C  CA  . GLU A 1 119 ? -22.538 -9.389  3.292   1.00 51.09  ? 119  GLU A CA  1 
ATOM   954  C  C   . GLU A 1 119 ? -22.153 -8.125  2.571   1.00 48.26  ? 119  GLU A C   1 
ATOM   955  O  O   . GLU A 1 119 ? -21.580 -8.172  1.434   1.00 41.69  ? 119  GLU A O   1 
ATOM   956  C  CB  . GLU A 1 119 ? -23.835 -9.952  2.672   1.00 60.91  ? 119  GLU A CB  1 
ATOM   957  C  CG  . GLU A 1 119 ? -23.655 -10.333 1.209   1.00 70.94  ? 119  GLU A CG  1 
ATOM   958  C  CD  . GLU A 1 119 ? -24.933 -10.804 0.542   1.00 80.16  ? 119  GLU A CD  1 
ATOM   959  O  OE1 . GLU A 1 119 ? -25.979 -10.924 1.235   1.00 78.46  ? 119  GLU A OE1 1 
ATOM   960  O  OE2 . GLU A 1 119 ? -24.877 -11.045 -0.699  1.00 79.07  ? 119  GLU A OE2 1 
ATOM   961  N  N   . ASN A 1 120 ? -22.414 -6.960  3.155   1.00 37.12  ? 120  ASN A N   1 
ATOM   962  C  CA  . ASN A 1 120 ? -22.142 -5.689  2.518   1.00 36.97  ? 120  ASN A CA  1 
ATOM   963  C  C   . ASN A 1 120 ? -20.963 -4.971  3.143   1.00 31.58  ? 120  ASN A C   1 
ATOM   964  O  O   . ASN A 1 120 ? -20.688 -3.821  2.768   1.00 34.95  ? 120  ASN A O   1 
ATOM   965  C  CB  . ASN A 1 120 ? -23.434 -4.781  2.559   1.00 45.04  ? 120  ASN A CB  1 
ATOM   966  C  CG  . ASN A 1 120 ? -23.742 -4.476  4.030   1.00 50.15  ? 120  ASN A CG  1 
ATOM   967  O  OD1 . ASN A 1 120 ? -23.797 -5.398  4.856   1.00 49.72  ? 120  ASN A OD1 1 
ATOM   968  N  ND2 . ASN A 1 120 ? -23.833 -3.210  4.373   1.00 57.44  ? 120  ASN A ND2 1 
ATOM   969  N  N   . VAL A 1 121 ? -20.248 -5.574  4.089   1.00 38.15  ? 121  VAL A N   1 
ATOM   970  C  CA  . VAL A 1 121 ? -19.100 -4.954  4.747   1.00 35.81  ? 121  VAL A CA  1 
ATOM   971  C  C   . VAL A 1 121 ? -17.802 -5.747  4.519   1.00 32.66  ? 121  VAL A C   1 
ATOM   972  O  O   . VAL A 1 121 ? -17.903 -6.960  4.487   1.00 31.62  ? 121  VAL A O   1 
ATOM   973  C  CB  A VAL A 1 121 ? -19.348 -4.970  6.285   0.60 38.90  ? 121  VAL A CB  1 
ATOM   974  C  CB  B VAL A 1 121 ? -19.312 -4.713  6.249   0.40 39.49  ? 121  VAL A CB  1 
ATOM   975  C  CG1 A VAL A 1 121 ? -18.105 -4.668  7.096   0.60 37.37  ? 121  VAL A CG1 1 
ATOM   976  C  CG1 B VAL A 1 121 ? -19.647 -5.965  7.029   0.40 36.54  ? 121  VAL A CG1 1 
ATOM   977  C  CG2 A VAL A 1 121 ? -20.497 -3.981  6.552   0.60 41.71  ? 121  VAL A CG2 1 
ATOM   978  C  CG2 B VAL A 1 121 ? -18.106 -4.013  6.878   0.40 39.95  ? 121  VAL A CG2 1 
ATOM   979  N  N   . ALA A 1 122 ? -16.685 -5.068  4.400   1.00 31.81  ? 122  ALA A N   1 
ATOM   980  C  CA  . ALA A 1 122 ? -15.429 -5.777  4.198   1.00 32.15  ? 122  ALA A CA  1 
ATOM   981  C  C   . ALA A 1 122 ? -14.375 -5.278  5.192   1.00 30.72  ? 122  ALA A C   1 
ATOM   982  O  O   . ALA A 1 122 ? -14.286 -4.111  5.459   1.00 32.61  ? 122  ALA A O   1 
ATOM   983  C  CB  . ALA A 1 122 ? -14.819 -5.649  2.779   1.00 33.25  ? 122  ALA A CB  1 
ATOM   984  N  N   . LEU A 1 123 ? -13.565 -6.207  5.688   1.00 29.45  ? 123  LEU A N   1 
ATOM   985  C  CA  . LEU A 1 123 ? -12.436 -5.874  6.581   1.00 27.40  ? 123  LEU A CA  1 
ATOM   986  C  C   . LEU A 1 123 ? -11.217 -6.347  5.748   1.00 27.33  ? 123  LEU A C   1 
ATOM   987  O  O   . LEU A 1 123 ? -11.244 -7.516  5.313   1.00 31.62  ? 123  LEU A O   1 
ATOM   988  C  CB  . LEU A 1 123 ? -12.446 -6.680  7.892   1.00 28.47  ? 123  LEU A CB  1 
ATOM   989  C  CG  . LEU A 1 123 ? -13.722 -6.449  8.732   1.00 36.16  ? 123  LEU A CG  1 
ATOM   990  C  CD1 . LEU A 1 123 ? -13.724 -7.232  10.043  1.00 38.98  ? 123  LEU A CD1 1 
ATOM   991  C  CD2 . LEU A 1 123 ? -13.878 -4.953  9.034   1.00 41.51  ? 123  LEU A CD2 1 
ATOM   992  N  N   . ASP A 1 124 ? -10.290 -5.483  5.463   1.00 25.99  ? 124  ASP A N   1 
ATOM   993  C  CA  . ASP A 1 124 ? -9.210  -5.839  4.531   1.00 27.38  ? 124  ASP A CA  1 
ATOM   994  C  C   . ASP A 1 124 ? -7.875  -5.765  5.230   1.00 31.23  ? 124  ASP A C   1 
ATOM   995  O  O   . ASP A 1 124 ? -7.597  -4.775  5.957   1.00 29.07  ? 124  ASP A O   1 
ATOM   996  C  CB  . ASP A 1 124 ? -9.272  -4.837  3.347   1.00 31.02  ? 124  ASP A CB  1 
ATOM   997  C  CG  . ASP A 1 124 ? -8.205  -5.046  2.297   1.00 27.78  ? 124  ASP A CG  1 
ATOM   998  O  OD1 . ASP A 1 124 ? -8.303  -6.053  1.552   1.00 27.27  ? 124  ASP A OD1 1 
ATOM   999  O  OD2 . ASP A 1 124 ? -7.292  -4.229  2.195   1.00 32.40  ? 124  ASP A OD2 1 
ATOM   1000 N  N   . PHE A 1 125 ? -7.016  -6.764  5.059   1.00 27.95  ? 125  PHE A N   1 
ATOM   1001 C  CA  . PHE A 1 125 ? -5.686  -6.743  5.726   1.00 30.23  ? 125  PHE A CA  1 
ATOM   1002 C  C   . PHE A 1 125 ? -4.667  -7.157  4.685   1.00 28.43  ? 125  PHE A C   1 
ATOM   1003 O  O   . PHE A 1 125 ? -4.845  -8.190  4.044   1.00 26.92  ? 125  PHE A O   1 
ATOM   1004 C  CB  . PHE A 1 125 ? -5.634  -7.776  6.885   1.00 27.03  ? 125  PHE A CB  1 
ATOM   1005 C  CG  . PHE A 1 125 ? -6.620  -7.485  8.004   1.00 32.13  ? 125  PHE A CG  1 
ATOM   1006 C  CD1 . PHE A 1 125 ? -6.307  -6.533  8.992   1.00 33.49  ? 125  PHE A CD1 1 
ATOM   1007 C  CD2 . PHE A 1 125 ? -7.846  -8.092  8.061   1.00 33.57  ? 125  PHE A CD2 1 
ATOM   1008 C  CE1 . PHE A 1 125 ? -7.190  -6.299  10.048  1.00 33.20  ? 125  PHE A CE1 1 
ATOM   1009 C  CE2 . PHE A 1 125 ? -8.739  -7.839  9.094   1.00 35.66  ? 125  PHE A CE2 1 
ATOM   1010 C  CZ  . PHE A 1 125 ? -8.450  -6.861  10.063  1.00 33.45  ? 125  PHE A CZ  1 
ATOM   1011 N  N   . SER A 1 126 ? -3.652  -6.373  4.399   1.00 26.34  ? 126  SER A N   1 
ATOM   1012 C  CA  . SER A 1 126 ? -2.652  -6.798  3.432   1.00 25.47  ? 126  SER A CA  1 
ATOM   1013 C  C   . SER A 1 126 ? -1.266  -6.302  3.748   1.00 26.35  ? 126  SER A C   1 
ATOM   1014 O  O   . SER A 1 126 ? -1.066  -5.492  4.629   1.00 27.30  ? 126  SER A O   1 
ATOM   1015 C  CB  . SER A 1 126 ? -3.025  -6.426  1.948   1.00 28.76  ? 126  SER A CB  1 
ATOM   1016 O  OG  . SER A 1 126 ? -2.821  -4.982  1.780   1.00 26.55  ? 126  SER A OG  1 
ATOM   1017 N  N   . TYR A 1 127 ? -0.275  -6.867  3.015   1.00 23.55  ? 127  TYR A N   1 
ATOM   1018 C  CA  . TYR A 1 127 ? 1.128   -6.444  3.173   1.00 26.69  ? 127  TYR A CA  1 
ATOM   1019 C  C   . TYR A 1 127 ? 1.598   -6.168  1.769   1.00 30.43  ? 127  TYR A C   1 
ATOM   1020 O  O   . TYR A 1 127 ? 1.248   -6.873  0.823   1.00 34.01  ? 127  TYR A O   1 
ATOM   1021 C  CB  . TYR A 1 127 ? 1.834   -7.559  3.959   1.00 30.86  ? 127  TYR A CB  1 
ATOM   1022 C  CG  . TYR A 1 127 ? 3.244   -7.206  4.338   1.00 40.00  ? 127  TYR A CG  1 
ATOM   1023 C  CD1 . TYR A 1 127 ? 3.439   -6.486  5.496   1.00 38.00  ? 127  TYR A CD1 1 
ATOM   1024 C  CD2 . TYR A 1 127 ? 4.360   -7.528  3.559   1.00 45.99  ? 127  TYR A CD2 1 
ATOM   1025 C  CE1 . TYR A 1 127 ? 4.696   -6.000  5.902   1.00 39.87  ? 127  TYR A CE1 1 
ATOM   1026 C  CE2 . TYR A 1 127 ? 5.637   -7.066  3.942   1.00 46.31  ? 127  TYR A CE2 1 
ATOM   1027 C  CZ  . TYR A 1 127 ? 5.776   -6.349  5.101   1.00 43.34  ? 127  TYR A CZ  1 
ATOM   1028 O  OH  . TYR A 1 127 ? 7.032   -5.967  5.532   1.00 45.84  ? 127  TYR A OH  1 
ATOM   1029 N  N   . GLU A 1 128 ? 2.489   -5.209  1.637   1.00 24.61  ? 128  GLU A N   1 
ATOM   1030 C  CA  . GLU A 1 128 ? 3.014   -4.873  0.313   1.00 28.09  ? 128  GLU A CA  1 
ATOM   1031 C  C   . GLU A 1 128 ? 4.521   -4.728  0.501   1.00 28.45  ? 128  GLU A C   1 
ATOM   1032 O  O   . GLU A 1 128 ? 4.994   -4.183  1.510   1.00 29.36  ? 128  GLU A O   1 
ATOM   1033 C  CB  . GLU A 1 128 ? 2.355   -3.492  -0.065  1.00 30.33  ? 128  GLU A CB  1 
ATOM   1034 C  CG  . GLU A 1 128 ? 2.789   -2.994  -1.458  1.00 26.87  ? 128  GLU A CG  1 
ATOM   1035 C  CD  . GLU A 1 128 ? 1.942   -1.766  -1.854  1.00 39.71  ? 128  GLU A CD  1 
ATOM   1036 O  OE1 . GLU A 1 128 ? 0.692   -1.741  -1.887  1.00 33.34  ? 128  GLU A OE1 1 
ATOM   1037 O  OE2 . GLU A 1 128 ? 2.593   -0.749  -2.139  1.00 39.15  ? 128  GLU A OE2 1 
ATOM   1038 N  N   . GLN A 1 129 ? 5.251   -5.154  -0.504  1.00 29.15  ? 129  GLN A N   1 
ATOM   1039 C  CA  . GLN A 1 129 ? 6.714   -5.095  -0.487  1.00 36.10  ? 129  GLN A CA  1 
ATOM   1040 C  C   . GLN A 1 129 ? 7.237   -4.519  -1.783  1.00 31.42  ? 129  GLN A C   1 
ATOM   1041 O  O   . GLN A 1 129 ? 6.864   -5.006  -2.846  1.00 36.04  ? 129  GLN A O   1 
ATOM   1042 C  CB  . GLN A 1 129 ? 7.171   -6.630  -0.481  1.00 35.68  ? 129  GLN A CB  1 
ATOM   1043 C  CG  . GLN A 1 129 ? 8.702   -6.720  -0.353  1.00 49.86  ? 129  GLN A CG  1 
ATOM   1044 C  CD  . GLN A 1 129 ? 9.144   -6.204  1.018   1.00 56.09  ? 129  GLN A CD  1 
ATOM   1045 O  OE1 . GLN A 1 129 ? 8.540   -6.571  2.033   1.00 59.70  ? 129  GLN A OE1 1 
ATOM   1046 N  NE2 . GLN A 1 129 ? 10.148  -5.348  1.050   1.00 55.47  ? 129  GLN A NE2 1 
ATOM   1047 N  N   . SER A 1 130 ? 8.147   -3.558  -1.720  1.00 33.49  ? 130  SER A N   1 
ATOM   1048 C  CA  . SER A 1 130 ? 8.722   -3.010  -2.922  1.00 34.98  ? 130  SER A CA  1 
ATOM   1049 C  C   . SER A 1 130 ? 10.276  -2.928  -2.811  1.00 35.60  ? 130  SER A C   1 
ATOM   1050 O  O   . SER A 1 130 ? 10.784  -2.785  -1.714  1.00 39.55  ? 130  SER A O   1 
ATOM   1051 C  CB  A SER A 1 130 ? 8.202   -1.582  -3.147  0.60 35.81  ? 130  SER A CB  1 
ATOM   1052 C  CB  B SER A 1 130 ? 8.153   -1.616  -3.200  0.40 35.17  ? 130  SER A CB  1 
ATOM   1053 O  OG  A SER A 1 130 ? 6.816   -1.551  -3.438  0.60 38.37  ? 130  SER A OG  1 
ATOM   1054 O  OG  B SER A 1 130 ? 8.653   -1.011  -4.384  0.40 35.92  ? 130  SER A OG  1 
ATOM   1055 N  N   . ARG A 1 131 ? 10.936  -2.999  -3.955  1.00 35.13  ? 131  ARG A N   1 
ATOM   1056 C  CA  . ARG A 1 131 ? 12.419  -2.831  -3.940  1.00 41.85  ? 131  ARG A CA  1 
ATOM   1057 C  C   . ARG A 1 131 ? 12.704  -1.638  -4.869  1.00 35.06  ? 131  ARG A C   1 
ATOM   1058 O  O   . ARG A 1 131 ? 12.468  -1.682  -6.097  1.00 44.19  ? 131  ARG A O   1 
ATOM   1059 C  CB  . ARG A 1 131 ? 13.135  -4.083  -4.435  1.00 40.61  ? 131  ARG A CB  1 
ATOM   1060 C  CG  . ARG A 1 131 ? 14.678  -3.831  -4.395  1.00 50.19  ? 131  ARG A CG  1 
ATOM   1061 C  CD  . ARG A 1 131 ? 15.459  -5.071  -4.747  1.00 55.50  ? 131  ARG A CD  1 
ATOM   1062 N  NE  . ARG A 1 131 ? 15.773  -5.858  -3.530  1.00 74.34  ? 131  ARG A NE  1 
ATOM   1063 C  CZ  . ARG A 1 131 ? 15.682  -7.179  -3.477  1.00 79.46  ? 131  ARG A CZ  1 
ATOM   1064 N  NH1 . ARG A 1 131 ? 15.267  -7.882  -4.534  1.00 81.97  ? 131  ARG A NH1 1 
ATOM   1065 N  NH2 . ARG A 1 131 ? 15.986  -7.824  -2.348  1.00 79.43  ? 131  ARG A NH2 1 
ATOM   1066 N  N   . ILE A 1 132 ? 13.082  -0.511  -4.292  1.00 42.35  ? 132  ILE A N   1 
ATOM   1067 C  CA  . ILE A 1 132 ? 13.368  0.672   -5.087  1.00 43.58  ? 132  ILE A CA  1 
ATOM   1068 C  C   . ILE A 1 132 ? 14.882  0.948   -4.929  1.00 49.66  ? 132  ILE A C   1 
ATOM   1069 O  O   . ILE A 1 132 ? 15.353  1.314   -3.840  1.00 43.26  ? 132  ILE A O   1 
ATOM   1070 C  CB  . ILE A 1 132 ? 12.541  1.889   -4.675  1.00 48.15  ? 132  ILE A CB  1 
ATOM   1071 C  CG1 . ILE A 1 132 ? 11.039  1.606   -4.926  1.00 46.67  ? 132  ILE A CG1 1 
ATOM   1072 C  CG2 . ILE A 1 132 ? 12.976  3.109   -5.484  1.00 45.94  ? 132  ILE A CG2 1 
ATOM   1073 C  CD1 . ILE A 1 132 ? 10.135  2.179   -3.859  1.00 46.89  ? 132  ILE A CD1 1 
ATOM   1074 N  N   . ARG A 1 133 ? 15.558  0.712   -6.060  1.00 51.45  ? 133  ARG A N   1 
ATOM   1075 C  CA  . ARG A 1 133 ? 17.029  0.798   -6.076  1.00 60.08  ? 133  ARG A CA  1 
ATOM   1076 C  C   . ARG A 1 133 ? 17.528  -0.262  -5.082  1.00 58.12  ? 133  ARG A C   1 
ATOM   1077 O  O   . ARG A 1 133 ? 17.326  -1.446  -5.366  1.00 59.96  ? 133  ARG A O   1 
ATOM   1078 C  CB  . ARG A 1 133 ? 17.667  2.125   -5.804  1.00 61.11  ? 133  ARG A CB  1 
ATOM   1079 C  CG  . ARG A 1 133 ? 17.702  3.084   -6.967  1.00 67.21  ? 133  ARG A CG  1 
ATOM   1080 C  CD  . ARG A 1 133 ? 18.559  4.319   -6.725  1.00 68.95  ? 133  ARG A CD  1 
ATOM   1081 N  NE  . ARG A 1 133 ? 19.983  4.011   -6.650  1.00 75.36  ? 133  ARG A NE  1 
ATOM   1082 C  CZ  . ARG A 1 133 ? 20.753  3.936   -5.569  1.00 76.62  ? 133  ARG A CZ  1 
ATOM   1083 N  NH1 . ARG A 1 133 ? 20.307  4.188   -4.340  1.00 72.57  ? 133  ARG A NH1 1 
ATOM   1084 N  NH2 . ARG A 1 133 ? 22.045  3.605   -5.709  1.00 75.99  ? 133  ARG A NH2 1 
ATOM   1085 N  N   . SER A 1 134 ? 18.121  0.145   -3.963  1.00 61.19  ? 134  SER A N   1 
ATOM   1086 C  CA  . SER A 1 134 ? 18.558  -0.945  -3.062  1.00 67.79  ? 134  SER A CA  1 
ATOM   1087 C  C   . SER A 1 134 ? 17.711  -1.061  -1.806  1.00 67.47  ? 134  SER A C   1 
ATOM   1088 O  O   . SER A 1 134 ? 17.794  -2.102  -1.125  1.00 67.83  ? 134  SER A O   1 
ATOM   1089 C  CB  . SER A 1 134 ? 20.063  -0.868  -2.810  1.00 68.88  ? 134  SER A CB  1 
ATOM   1090 O  OG  . SER A 1 134 ? 20.739  -1.228  -4.032  1.00 77.25  ? 134  SER A OG  1 
ATOM   1091 N  N   . VAL A 1 135 ? 16.826  -0.086  -1.561  1.00 61.93  ? 135  VAL A N   1 
ATOM   1092 C  CA  . VAL A 1 135 ? 16.001  -0.127  -0.352  1.00 60.16  ? 135  VAL A CA  1 
ATOM   1093 C  C   . VAL A 1 135 ? 14.748  -0.979  -0.514  1.00 56.48  ? 135  VAL A C   1 
ATOM   1094 O  O   . VAL A 1 135 ? 14.054  -0.930  -1.531  1.00 49.01  ? 135  VAL A O   1 
ATOM   1095 C  CB  . VAL A 1 135 ? 15.643  1.275   0.121   1.00 55.65  ? 135  VAL A CB  1 
ATOM   1096 C  CG1 . VAL A 1 135 ? 14.892  2.063   -0.957  1.00 62.22  ? 135  VAL A CG1 1 
ATOM   1097 C  CG2 . VAL A 1 135 ? 14.823  1.243   1.413   1.00 62.00  ? 135  VAL A CG2 1 
ATOM   1098 N  N   . ASP A 1 136 ? 14.492  -1.787  0.513   1.00 55.34  ? 136  ASP A N   1 
ATOM   1099 C  CA  . ASP A 1 136 ? 13.346  -2.667  0.559   1.00 54.11  ? 136  ASP A CA  1 
ATOM   1100 C  C   . ASP A 1 136 ? 12.280  -2.040  1.474   1.00 53.63  ? 136  ASP A C   1 
ATOM   1101 O  O   . ASP A 1 136 ? 12.522  -1.883  2.673   1.00 56.23  ? 136  ASP A O   1 
ATOM   1102 C  CB  . ASP A 1 136 ? 13.696  -4.079  0.982   1.00 65.02  ? 136  ASP A CB  1 
ATOM   1103 C  CG  . ASP A 1 136 ? 13.788  -5.058  -0.171  1.00 71.14  ? 136  ASP A CG  1 
ATOM   1104 O  OD1 . ASP A 1 136 ? 12.712  -5.552  -0.624  1.00 77.24  ? 136  ASP A OD1 1 
ATOM   1105 O  OD2 . ASP A 1 136 ? 14.892  -5.375  -0.654  1.00 69.23  ? 136  ASP A OD2 1 
ATOM   1106 N  N   . VAL A 1 137 ? 11.128  -1.686  0.886   1.00 42.47  ? 137  VAL A N   1 
ATOM   1107 C  CA  . VAL A 1 137 ? 10.078  -1.019  1.723   1.00 39.63  ? 137  VAL A CA  1 
ATOM   1108 C  C   . VAL A 1 137 ? 8.958   -2.017  2.024   1.00 36.24  ? 137  VAL A C   1 
ATOM   1109 O  O   . VAL A 1 137 ? 8.446   -2.553  1.014   1.00 34.58  ? 137  VAL A O   1 
ATOM   1110 C  CB  . VAL A 1 137 ? 9.506   0.141   0.886   1.00 39.50  ? 137  VAL A CB  1 
ATOM   1111 C  CG1 . VAL A 1 137 ? 8.344   0.830   1.641   1.00 41.49  ? 137  VAL A CG1 1 
ATOM   1112 C  CG2 . VAL A 1 137 ? 10.558  1.158   0.496   1.00 40.89  ? 137  VAL A CG2 1 
ATOM   1113 N  N   . GLY A 1 138 ? 8.629   -2.244  3.312   1.00 38.75  ? 138  GLY A N   1 
ATOM   1114 C  CA  . GLY A 1 138 ? 7.512   -3.154  3.582   1.00 38.25  ? 138  GLY A CA  1 
ATOM   1115 C  C   . GLY A 1 138 ? 6.372   -2.317  4.172   1.00 37.46  ? 138  GLY A C   1 
ATOM   1116 O  O   . GLY A 1 138 ? 6.604   -1.450  5.012   1.00 36.37  ? 138  GLY A O   1 
ATOM   1117 N  N   . THR A 1 139 ? 5.138   -2.569  3.746   1.00 28.71  ? 139  THR A N   1 
ATOM   1118 C  CA  . THR A 1 139 ? 3.993   -1.771  4.239   1.00 31.26  ? 139  THR A CA  1 
ATOM   1119 C  C   . THR A 1 139 ? 2.828   -2.625  4.694   1.00 28.64  ? 139  THR A C   1 
ATOM   1120 O  O   . THR A 1 139 ? 2.489   -3.549  3.923   1.00 32.06  ? 139  THR A O   1 
ATOM   1121 C  CB  . THR A 1 139 ? 3.537   -0.844  3.062   1.00 32.81  ? 139  THR A CB  1 
ATOM   1122 O  OG1 . THR A 1 139 ? 4.649   -0.051  2.626   1.00 30.68  ? 139  THR A OG1 1 
ATOM   1123 C  CG2 . THR A 1 139 ? 2.357   0.031   3.515   1.00 26.90  ? 139  THR A CG2 1 
ATOM   1124 N  N   . TRP A 1 140 ? 2.350   -2.415  5.902   1.00 26.94  ? 140  TRP A N   1 
ATOM   1125 C  CA  . TRP A 1 140 ? 1.197   -3.196  6.387   1.00 28.21  ? 140  TRP A CA  1 
ATOM   1126 C  C   . TRP A 1 140 ? -0.028  -2.277  6.212   1.00 29.56  ? 140  TRP A C   1 
ATOM   1127 O  O   . TRP A 1 140 ? 0.047   -1.049  6.350   1.00 30.43  ? 140  TRP A O   1 
ATOM   1128 C  CB  . TRP A 1 140 ? 1.349   -3.759  7.781   1.00 31.43  ? 140  TRP A CB  1 
ATOM   1129 C  CG  . TRP A 1 140 ? 1.497   -2.812  8.956   1.00 34.48  ? 140  TRP A CG  1 
ATOM   1130 C  CD1 . TRP A 1 140 ? 2.665   -2.473  9.582   1.00 39.05  ? 140  TRP A CD1 1 
ATOM   1131 C  CD2 . TRP A 1 140 ? 0.445   -2.103  9.633   1.00 40.98  ? 140  TRP A CD2 1 
ATOM   1132 N  NE1 . TRP A 1 140 ? 2.400   -1.589  10.635  1.00 36.27  ? 140  TRP A NE1 1 
ATOM   1133 C  CE2 . TRP A 1 140 ? 1.045   -1.344  10.669  1.00 38.15  ? 140  TRP A CE2 1 
ATOM   1134 C  CE3 . TRP A 1 140 ? -0.954  -2.044  9.491   1.00 37.89  ? 140  TRP A CE3 1 
ATOM   1135 C  CZ2 . TRP A 1 140 ? 0.279   -0.520  11.511  1.00 37.27  ? 140  TRP A CZ2 1 
ATOM   1136 C  CZ3 . TRP A 1 140 ? -1.720  -1.219  10.336  1.00 41.34  ? 140  TRP A CZ3 1 
ATOM   1137 C  CH2 . TRP A 1 140 ? -1.072  -0.480  11.364  1.00 40.43  ? 140  TRP A CH2 1 
ATOM   1138 N  N   . ILE A 1 141 ? -1.141  -2.904  5.915   1.00 27.08  ? 141  ILE A N   1 
ATOM   1139 C  CA  . ILE A 1 141 ? -2.411  -2.214  5.639   1.00 25.96  ? 141  ILE A CA  1 
ATOM   1140 C  C   . ILE A 1 141 ? -3.562  -2.848  6.351   1.00 29.50  ? 141  ILE A C   1 
ATOM   1141 O  O   . ILE A 1 141 ? -3.845  -4.046  6.209   1.00 26.53  ? 141  ILE A O   1 
ATOM   1142 C  CB  . ILE A 1 141 ? -2.639  -2.336  4.063   1.00 28.58  ? 141  ILE A CB  1 
ATOM   1143 C  CG1 . ILE A 1 141 ? -1.602  -1.563  3.281   1.00 32.65  ? 141  ILE A CG1 1 
ATOM   1144 C  CG2 . ILE A 1 141 ? -4.079  -1.926  3.722   1.00 28.36  ? 141  ILE A CG2 1 
ATOM   1145 C  CD1 . ILE A 1 141 ? -1.225  -2.101  1.893   1.00 32.15  ? 141  ILE A CD1 1 
ATOM   1146 N  N   . ALA A 1 142 ? -4.429  -2.009  6.927   1.00 28.82  ? 142  ALA A N   1 
ATOM   1147 C  CA  . ALA A 1 142 ? -5.680  -2.547  7.548   1.00 32.23  ? 142  ALA A CA  1 
ATOM   1148 C  C   . ALA A 1 142 ? -6.804  -1.608  7.057   1.00 32.54  ? 142  ALA A C   1 
ATOM   1149 O  O   . ALA A 1 142 ? -6.727  -0.389  7.359   1.00 33.84  ? 142  ALA A O   1 
ATOM   1150 C  CB  . ALA A 1 142 ? -5.670  -2.521  9.076   1.00 32.43  ? 142  ALA A CB  1 
ATOM   1151 N  N   . GLY A 1 143 ? -7.727  -2.113  6.273   1.00 32.52  ? 143  GLY A N   1 
ATOM   1152 C  CA  . GLY A 1 143 ? -8.781  -1.206  5.741   1.00 32.94  ? 143  GLY A CA  1 
ATOM   1153 C  C   . GLY A 1 143 ? -10.145 -1.737  5.996   1.00 34.79  ? 143  GLY A C   1 
ATOM   1154 O  O   . GLY A 1 143 ? -10.312 -2.866  6.461   1.00 32.97  ? 143  GLY A O   1 
ATOM   1155 N  N   . VAL A 1 144 ? -11.192 -0.977  5.674   1.00 30.09  ? 144  VAL A N   1 
ATOM   1156 C  CA  . VAL A 1 144 ? -12.553 -1.351  5.832   1.00 28.70  ? 144  VAL A CA  1 
ATOM   1157 C  C   . VAL A 1 144 ? -13.395 -0.698  4.651   1.00 22.04  ? 144  VAL A C   1 
ATOM   1158 O  O   . VAL A 1 144 ? -12.926 0.289   4.127   1.00 29.29  ? 144  VAL A O   1 
ATOM   1159 C  CB  A VAL A 1 144 ? -13.232 -0.879  7.142   0.75 35.75  ? 144  VAL A CB  1 
ATOM   1160 C  CB  B VAL A 1 144 ? -13.252 -0.823  7.114   0.25 31.78  ? 144  VAL A CB  1 
ATOM   1161 C  CG1 A VAL A 1 144 ? -12.712 -1.562  8.410   0.75 33.96  ? 144  VAL A CG1 1 
ATOM   1162 C  CG1 B VAL A 1 144 ? -14.484 -1.650  7.442   0.25 30.38  ? 144  VAL A CG1 1 
ATOM   1163 C  CG2 A VAL A 1 144 ? -13.086 0.635   7.302   0.75 28.73  ? 144  VAL A CG2 1 
ATOM   1164 C  CG2 B VAL A 1 144 ? -12.350 -0.698  8.331   0.25 32.53  ? 144  VAL A CG2 1 
ATOM   1165 N  N   . GLY A 1 145 ? -14.531 -1.299  4.388   1.00 29.72  ? 145  GLY A N   1 
ATOM   1166 C  CA  . GLY A 1 145 ? -15.344 -0.679  3.295   1.00 34.54  ? 145  GLY A CA  1 
ATOM   1167 C  C   . GLY A 1 145 ? -16.593 -1.491  3.083   1.00 33.01  ? 145  GLY A C   1 
ATOM   1168 O  O   . GLY A 1 145 ? -16.934 -2.345  3.877   1.00 37.19  ? 145  GLY A O   1 
ATOM   1169 N  N   . TYR A 1 146 ? -17.276 -1.206  1.952   1.00 34.79  ? 146  TYR A N   1 
ATOM   1170 C  CA  . TYR A 1 146 ? -18.487 -1.866  1.586   1.00 33.78  ? 146  TYR A CA  1 
ATOM   1171 C  C   . TYR A 1 146 ? -18.357 -2.694  0.294   1.00 31.71  ? 146  TYR A C   1 
ATOM   1172 O  O   . TYR A 1 146 ? -17.664 -2.265  -0.604  1.00 32.83  ? 146  TYR A O   1 
ATOM   1173 C  CB  . TYR A 1 146 ? -19.570 -0.742  1.280   1.00 42.04  ? 146  TYR A CB  1 
ATOM   1174 C  CG  . TYR A 1 146 ? -19.717 0.083   2.560   1.00 47.99  ? 146  TYR A CG  1 
ATOM   1175 C  CD1 . TYR A 1 146 ? -20.371 -0.411  3.689   1.00 55.49  ? 146  TYR A CD1 1 
ATOM   1176 C  CD2 . TYR A 1 146 ? -19.098 1.312   2.637   1.00 55.75  ? 146  TYR A CD2 1 
ATOM   1177 C  CE1 . TYR A 1 146 ? -20.440 0.337   4.863   1.00 62.72  ? 146  TYR A CE1 1 
ATOM   1178 C  CE2 . TYR A 1 146 ? -19.158 2.066   3.800   1.00 60.02  ? 146  TYR A CE2 1 
ATOM   1179 C  CZ  . TYR A 1 146 ? -19.834 1.565   4.900   1.00 66.13  ? 146  TYR A CZ  1 
ATOM   1180 O  OH  . TYR A 1 146 ? -19.891 2.324   6.055   1.00 74.35  ? 146  TYR A OH  1 
ATOM   1181 N  N   . ARG A 1 147 ? -19.167 -3.699  0.210   1.00 31.64  ? 147  ARG A N   1 
ATOM   1182 C  CA  . ARG A 1 147 ? -19.346 -4.558  -0.934  1.00 29.58  ? 147  ARG A CA  1 
ATOM   1183 C  C   . ARG A 1 147 ? -20.803 -4.173  -1.419  1.00 33.43  ? 147  ARG A C   1 
ATOM   1184 O  O   . ARG A 1 147 ? -21.745 -4.093  -0.626  1.00 38.21  ? 147  ARG A O   1 
ATOM   1185 C  CB  . ARG A 1 147 ? -19.281 -6.019  -0.579  1.00 33.00  ? 147  ARG A CB  1 
ATOM   1186 C  CG  . ARG A 1 147 ? -19.504 -6.976  -1.727  1.00 31.44  ? 147  ARG A CG  1 
ATOM   1187 C  CD  . ARG A 1 147 ? -19.142 -8.405  -1.313  1.00 29.86  ? 147  ARG A CD  1 
ATOM   1188 N  NE  . ARG A 1 147 ? -19.398 -9.281  -2.451  1.00 36.70  ? 147  ARG A NE  1 
ATOM   1189 C  CZ  . ARG A 1 147 ? -19.803 -10.522 -2.437  1.00 46.13  ? 147  ARG A CZ  1 
ATOM   1190 N  NH1 . ARG A 1 147 ? -20.032 -11.124 -1.261  1.00 58.21  ? 147  ARG A NH1 1 
ATOM   1191 N  NH2 . ARG A 1 147 ? -19.989 -11.174 -3.566  1.00 47.94  ? 147  ARG A NH2 1 
ATOM   1192 N  N   . PHE A 1 148 ? -20.876 -3.905  -2.718  1.00 31.08  ? 148  PHE A N   1 
ATOM   1193 C  CA  . PHE A 1 148 ? -22.158 -3.499  -3.283  1.00 36.40  ? 148  PHE A CA  1 
ATOM   1194 C  C   . PHE A 1 148 ? -22.310 -3.931  -4.740  1.00 39.78  ? 148  PHE A C   1 
ATOM   1195 O  O   . PHE A 1 148 ? -23.489 -3.894  -5.191  1.00 39.27  ? 148  PHE A O   1 
ATOM   1196 C  CB  . PHE A 1 148 ? -22.287 -1.991  -3.223  1.00 31.15  ? 148  PHE A CB  1 
ATOM   1197 C  CG  . PHE A 1 148 ? -21.217 -1.315  -4.008  1.00 34.09  ? 148  PHE A CG  1 
ATOM   1198 C  CD1 . PHE A 1 148 ? -21.339 -0.963  -5.338  1.00 29.62  ? 148  PHE A CD1 1 
ATOM   1199 C  CD2 . PHE A 1 148 ? -20.029 -0.966  -3.341  1.00 34.18  ? 148  PHE A CD2 1 
ATOM   1200 C  CE1 . PHE A 1 148 ? -20.330 -0.301  -6.005  1.00 32.16  ? 148  PHE A CE1 1 
ATOM   1201 C  CE2 . PHE A 1 148 ? -19.020 -0.305  -3.997  1.00 36.82  ? 148  PHE A CE2 1 
ATOM   1202 C  CZ  . PHE A 1 148 ? -19.150 0.036   -5.333  1.00 36.84  ? 148  PHE A CZ  1 
ATOM   1203 O  OXT . PHE A 1 148 ? -21.433 -4.673  -5.246  1.00 28.86  ? 148  PHE A OXT 1 
HETATM 1204 C  C1  . C8E B 2 .   ? -1.214  -14.929 -2.157  0.60 45.75  ? 153  C8E A C1  1 
HETATM 1205 C  C2  . C8E B 2 .   ? -2.663  -15.231 -2.090  0.60 58.40  ? 153  C8E A C2  1 
HETATM 1206 C  C3  . C8E B 2 .   ? -3.142  -16.148 -3.118  0.60 59.04  ? 153  C8E A C3  1 
HETATM 1207 C  C4  . C8E B 2 .   ? -3.089  -15.442 -4.430  0.60 62.38  ? 153  C8E A C4  1 
HETATM 1208 C  C5  . C8E B 2 .   ? -4.473  -15.578 -4.989  0.60 60.80  ? 153  C8E A C5  1 
HETATM 1209 C  C6  . C8E B 2 .   ? -4.295  -16.280 -6.266  0.60 67.90  ? 153  C8E A C6  1 
HETATM 1210 C  C7  . C8E B 2 .   ? -5.688  -16.532 -6.554  0.60 70.30  ? 153  C8E A C7  1 
HETATM 1211 C  C8  . C8E B 2 .   ? -5.832  -17.049 -7.942  0.60 71.38  ? 153  C8E A C8  1 
HETATM 1212 O  O9  . C8E B 2 .   ? -6.923  -17.953 -8.186  0.60 77.77  ? 153  C8E A O9  1 
HETATM 1213 C  C10 . C8E B 2 .   ? -6.694  -19.270 -7.723  0.60 82.01  ? 153  C8E A C10 1 
HETATM 1214 C  C11 . C8E B 2 .   ? -7.844  -20.149 -8.035  0.60 88.12  ? 153  C8E A C11 1 
HETATM 1215 O  O12 . C8E B 2 .   ? -8.167  -20.274 -9.445  0.60 93.25  ? 153  C8E A O12 1 
HETATM 1216 C  C13 . C8E B 2 .   ? -9.417  -19.637 -9.901  0.60 97.13  ? 153  C8E A C13 1 
HETATM 1217 C  C14 . C8E B 2 .   ? -10.606 -20.330 -10.598 0.60 99.41  ? 153  C8E A C14 1 
HETATM 1218 O  O15 . C8E B 2 .   ? -11.286 -19.839 -11.836 0.60 103.48 ? 153  C8E A O15 1 
HETATM 1219 C  C16 . C8E B 2 .   ? -12.215 -20.858 -12.200 0.60 104.49 ? 153  C8E A C16 1 
HETATM 1220 C  C17 . C8E B 2 .   ? -13.625 -20.790 -11.570 0.60 105.29 ? 153  C8E A C17 1 
HETATM 1221 O  O18 . C8E B 2 .   ? -14.816 -21.322 -12.190 0.60 107.33 ? 153  C8E A O18 1 
HETATM 1222 C  C19 . C8E B 2 .   ? -15.218 -20.548 -13.389 0.60 106.41 ? 153  C8E A C19 1 
HETATM 1223 C  C20 . C8E B 2 .   ? -16.738 -20.464 -13.810 0.60 105.82 ? 153  C8E A C20 1 
HETATM 1224 O  O21 . C8E B 2 .   ? -17.260 -21.656 -14.418 0.60 104.98 ? 153  C8E A O21 1 
HETATM 1225 PT PT  . PCL C 3 .   ? 10.428  5.915   4.159   0.75 53.28  ? 154  PCL A PT  1 
HETATM 1226 CL CL1 . PCL C 3 .   ? 10.652  7.607   5.892   0.75 59.45  ? 154  PCL A CL1 1 
HETATM 1227 PT PT  . PCL D 3 .   ? -22.293 -5.403  9.982   0.55 73.10  ? 155  PCL A PT  1 
HETATM 1228 CL CL1 . PCL D 3 .   ? -20.541 -6.372  11.289  0.55 75.20  ? 155  PCL A CL1 1 
HETATM 1229 O  O   . HOH E 4 .   ? -20.388 -10.865 -6.945  1.00 35.86  ? 2001 HOH A O   1 
HETATM 1230 O  O   . HOH E 4 .   ? -11.564 -3.924  -1.745  1.00 25.84  ? 2002 HOH A O   1 
HETATM 1231 O  O   . HOH E 4 .   ? -16.640 1.358   0.329   1.00 44.12  ? 2003 HOH A O   1 
HETATM 1232 O  O   . HOH E 4 .   ? -8.036  -1.470  1.893   1.00 28.78  ? 2004 HOH A O   1 
HETATM 1233 O  O   . HOH E 4 .   ? 5.819   -2.637  16.497  1.00 74.66  ? 2005 HOH A O   1 
HETATM 1234 O  O   . HOH E 4 .   ? -6.905  1.344   -6.757  1.00 75.55  ? 2006 HOH A O   1 
HETATM 1235 O  O   . HOH E 4 .   ? -17.611 1.973   -11.764 1.00 85.07  ? 2007 HOH A O   1 
HETATM 1236 O  O   . HOH E 4 .   ? -24.044 -11.818 -4.663  1.00 80.46  ? 2008 HOH A O   1 
HETATM 1237 O  O   . HOH E 4 .   ? 13.487  0.653   9.550   1.00 74.34  ? 2009 HOH A O   1 
HETATM 1238 O  O   . HOH E 4 .   ? 5.649   -2.481  12.233  1.00 59.15  ? 2010 HOH A O   1 
HETATM 1239 O  O   . HOH E 4 .   ? 7.033   -3.205  14.206  1.00 64.39  ? 2011 HOH A O   1 
HETATM 1240 O  O   . HOH E 4 .   ? 5.969   -0.285  10.388  1.00 70.63  ? 2012 HOH A O   1 
HETATM 1241 O  O   . HOH E 4 .   ? 0.152   9.084   8.691   1.00 64.16  ? 2013 HOH A O   1 
HETATM 1242 O  O   . HOH E 4 .   ? -2.637  8.085   7.628   1.00 47.77  ? 2014 HOH A O   1 
HETATM 1243 O  O   . HOH E 4 .   ? -6.302  1.390   -10.123 1.00 84.08  ? 2015 HOH A O   1 
HETATM 1244 O  O   . HOH E 4 .   ? -17.625 0.714   -9.035  1.00 91.02  ? 2016 HOH A O   1 
HETATM 1245 O  O   . HOH E 4 .   ? -12.461 -10.574 -6.605  1.00 25.10  ? 2017 HOH A O   1 
HETATM 1246 O  O   . HOH E 4 .   ? -15.771 -14.085 -6.340  1.00 35.44  ? 2018 HOH A O   1 
HETATM 1247 O  O   . HOH E 4 .   ? -19.315 -12.951 -5.619  1.00 48.91  ? 2019 HOH A O   1 
HETATM 1248 O  O   . HOH E 4 .   ? -16.817 -7.801  -4.410  1.00 33.66  ? 2020 HOH A O   1 
HETATM 1249 O  O   . HOH E 4 .   ? -18.531 -14.873 -6.661  1.00 56.02  ? 2021 HOH A O   1 
HETATM 1250 O  O   . HOH E 4 .   ? -15.702 -13.361 -9.171  1.00 31.74  ? 2022 HOH A O   1 
HETATM 1251 O  O   . HOH E 4 .   ? -20.405 -14.205 -15.008 0.33 19.28  ? 2023 HOH A O   1 
HETATM 1252 O  O   . HOH E 4 .   ? 21.043  12.601  3.924   1.00 74.25  ? 2024 HOH A O   1 
HETATM 1253 O  O   . HOH E 4 .   ? -23.114 -14.594 -5.273  1.00 105.73 ? 2025 HOH A O   1 
HETATM 1254 O  O   . HOH E 4 .   ? -23.567 -18.612 -8.700  1.00 79.19  ? 2026 HOH A O   1 
HETATM 1255 O  O   . HOH E 4 .   ? -13.212 -13.109 -5.999  1.00 28.80  ? 2027 HOH A O   1 
HETATM 1256 O  O   . HOH E 4 .   ? -8.745  -12.820 -11.802 1.00 26.07  ? 2028 HOH A O   1 
HETATM 1257 O  O   . HOH E 4 .   ? 1.596   13.445  2.539   1.00 61.14  ? 2029 HOH A O   1 
HETATM 1258 O  O   . HOH E 4 .   ? 14.876  -2.597  -9.398  1.00 69.27  ? 2030 HOH A O   1 
HETATM 1259 O  O   . HOH E 4 .   ? 5.577   13.184  8.951   1.00 56.30  ? 2031 HOH A O   1 
HETATM 1260 O  O   . HOH E 4 .   ? -9.670  -2.410  11.424  1.00 72.93  ? 2032 HOH A O   1 
HETATM 1261 O  O   . HOH E 4 .   ? 8.260   18.730  9.382   1.00 94.05  ? 2033 HOH A O   1 
HETATM 1262 O  O   . HOH E 4 .   ? 18.029  16.662  15.641  1.00 71.90  ? 2034 HOH A O   1 
HETATM 1263 O  O   . HOH E 4 .   ? 5.666   15.626  -3.680  1.00 57.84  ? 2035 HOH A O   1 
HETATM 1264 O  O   . HOH E 4 .   ? -4.218  -0.697  -10.106 1.00 57.76  ? 2036 HOH A O   1 
HETATM 1265 O  O   . HOH E 4 .   ? -14.373 -20.801 -3.565  1.00 49.35  ? 2037 HOH A O   1 
HETATM 1266 O  O   . HOH E 4 .   ? -13.323 -22.576 -1.743  1.00 58.18  ? 2038 HOH A O   1 
HETATM 1267 O  O   . HOH E 4 .   ? -18.865 -17.980 -1.617  1.00 64.48  ? 2039 HOH A O   1 
HETATM 1268 O  O   . HOH E 4 .   ? -18.712 -20.854 7.436   1.00 55.72  ? 2040 HOH A O   1 
HETATM 1269 O  O   . HOH E 4 .   ? 2.747   -11.849 -5.835  1.00 55.94  ? 2041 HOH A O   1 
HETATM 1270 O  O   . HOH E 4 .   ? 9.909   11.809  -10.844 1.00 101.53 ? 2042 HOH A O   1 
HETATM 1271 O  O   . HOH E 4 .   ? 9.292   13.296  -1.101  1.00 46.56  ? 2043 HOH A O   1 
HETATM 1272 O  O   . HOH E 4 .   ? 6.912   17.584  -1.345  1.00 56.88  ? 2044 HOH A O   1 
HETATM 1273 O  O   . HOH E 4 .   ? 21.425  16.107  4.222   1.00 84.30  ? 2045 HOH A O   1 
HETATM 1274 O  O   . HOH E 4 .   ? 22.896  16.843  -2.715  1.00 73.55  ? 2046 HOH A O   1 
HETATM 1275 O  O   . HOH E 4 .   ? 19.072  11.623  -2.266  1.00 71.63  ? 2047 HOH A O   1 
HETATM 1276 O  O   . HOH E 4 .   ? 11.991  9.062   -10.958 1.00 47.58  ? 2048 HOH A O   1 
HETATM 1277 O  O   . HOH E 4 .   ? 13.472  13.153  -8.249  1.00 72.37  ? 2049 HOH A O   1 
HETATM 1278 O  O   . HOH E 4 .   ? 18.678  3.870   -9.515  1.00 74.67  ? 2050 HOH A O   1 
HETATM 1279 O  O   . HOH E 4 .   ? 15.432  3.722   -13.140 1.00 55.45  ? 2051 HOH A O   1 
HETATM 1280 O  O   . HOH E 4 .   ? 7.182   9.592   -13.148 1.00 81.41  ? 2052 HOH A O   1 
HETATM 1281 O  O   . HOH E 4 .   ? -13.941 -11.578 1.143   1.00 28.09  ? 2053 HOH A O   1 
HETATM 1282 O  O   . HOH E 4 .   ? -20.935 -12.480 5.199   1.00 60.47  ? 2054 HOH A O   1 
HETATM 1283 O  O   . HOH E 4 .   ? -15.621 -8.382  -0.171  1.00 27.38  ? 2055 HOH A O   1 
HETATM 1284 O  O   . HOH E 4 .   ? -24.921 -10.408 6.317   1.00 62.37  ? 2056 HOH A O   1 
HETATM 1285 O  O   . HOH E 4 .   ? -28.230 -7.948  3.821   1.00 85.87  ? 2057 HOH A O   1 
HETATM 1286 O  O   . HOH E 4 .   ? -1.106  -5.559  -0.339  1.00 34.71  ? 2058 HOH A O   1 
HETATM 1287 O  O   . HOH E 4 .   ? -0.513  -1.045  -4.054  1.00 30.63  ? 2059 HOH A O   1 
HETATM 1288 O  O   . HOH E 4 .   ? -0.252  -4.047  -2.464  1.00 36.71  ? 2060 HOH A O   1 
HETATM 1289 O  O   . HOH E 4 .   ? 12.510  -3.549  -7.882  1.00 45.15  ? 2061 HOH A O   1 
HETATM 1290 O  O   . HOH E 4 .   ? 16.404  -2.711  -7.213  1.00 64.91  ? 2062 HOH A O   1 
HETATM 1291 O  O   . HOH E 4 .   ? 14.518  0.247   -8.287  1.00 53.48  ? 2063 HOH A O   1 
HETATM 1292 O  O   . HOH E 4 .   ? 19.483  3.369   -2.250  1.00 71.74  ? 2064 HOH A O   1 
HETATM 1293 O  O   . HOH E 4 .   ? 11.870  -6.575  -3.040  1.00 139.92 ? 2065 HOH A O   1 
HETATM 1294 O  O   . HOH E 4 .   ? 5.742   -1.485  0.539   1.00 34.43  ? 2066 HOH A O   1 
HETATM 1295 O  O   . HOH E 4 .   ? -9.007  -4.169  8.655   1.00 49.05  ? 2067 HOH A O   1 
HETATM 1296 O  O   . HOH E 4 .   ? -18.225 0.216   8.003   1.00 85.24  ? 2068 HOH A O   1 
HETATM 1297 O  O   . HOH E 4 .   ? -20.593 -13.760 -1.853  1.00 69.91  ? 2069 HOH A O   1 
HETATM 1298 O  O   . HOH E 4 .   ? -20.637 -13.003 0.605   1.00 55.42  ? 2070 HOH A O   1 
HETATM 1299 O  O   . HOH E 4 .   ? -25.223 -6.455  -2.557  1.00 66.18  ? 2071 HOH A O   1 
HETATM 1300 O  O   . HOH E 4 .   ? -4.829  -17.540 -11.518 1.00 79.05  ? 3001 HOH A O   1 
# 
